data_2D7O
#
_entry.id   2D7O
#
_entity_poly.entity_id   1
_entity_poly.type   'polypeptide(L)'
_entity_poly.pdbx_seq_one_letter_code
;GSSGSSGAINSRHVSAYGPGLSHGMVNKPATFTIVTKDAGEGGLSLAVEGPSKAEITCKDNKDGTCTVSYLPTAPGDYSI
IVRFDDKHIPGSPFTAKITGDDSMRSGPSSG
;
_entity_poly.pdbx_strand_id   A
#
# COMPACT_ATOMS: atom_id res chain seq x y z
N GLY A 1 15.00 -1.64 34.53
CA GLY A 1 15.87 -0.94 33.60
C GLY A 1 16.76 0.07 34.30
N SER A 2 17.80 0.53 33.61
CA SER A 2 18.73 1.50 34.16
C SER A 2 18.41 2.91 33.64
N SER A 3 17.92 3.77 34.54
CA SER A 3 17.58 5.13 34.17
C SER A 3 16.93 5.18 32.79
N GLY A 4 16.04 4.22 32.53
CA GLY A 4 15.35 4.18 31.25
C GLY A 4 14.46 5.38 31.02
N SER A 5 13.24 5.30 31.52
CA SER A 5 12.28 6.39 31.37
C SER A 5 12.03 6.69 29.88
N SER A 6 11.91 5.63 29.08
CA SER A 6 11.68 5.78 27.65
C SER A 6 10.34 5.19 27.25
N GLY A 7 9.32 5.45 28.07
CA GLY A 7 7.99 4.93 27.79
C GLY A 7 7.05 6.00 27.28
N ALA A 8 7.41 6.66 26.19
CA ALA A 8 6.60 7.71 25.61
C ALA A 8 5.14 7.26 25.47
N ILE A 9 4.27 8.20 25.14
CA ILE A 9 2.85 7.91 24.97
C ILE A 9 2.58 7.26 23.62
N ASN A 10 3.06 7.89 22.56
CA ASN A 10 2.87 7.38 21.20
C ASN A 10 4.20 6.96 20.59
N SER A 11 4.42 5.67 20.49
CA SER A 11 5.65 5.13 19.92
C SER A 11 5.36 4.24 18.72
N ARG A 12 4.41 3.33 18.88
CA ARG A 12 4.03 2.41 17.81
C ARG A 12 3.40 3.17 16.64
N HIS A 13 4.15 3.28 15.55
CA HIS A 13 3.67 3.98 14.36
C HIS A 13 3.99 3.19 13.10
N VAL A 14 3.20 3.42 12.05
CA VAL A 14 3.40 2.72 10.79
C VAL A 14 3.43 3.71 9.62
N SER A 15 4.39 3.54 8.73
CA SER A 15 4.53 4.42 7.57
C SER A 15 4.82 3.61 6.30
N ALA A 16 4.26 4.05 5.19
CA ALA A 16 4.45 3.37 3.91
C ALA A 16 5.45 4.12 3.04
N TYR A 17 6.29 3.36 2.34
CA TYR A 17 7.30 3.95 1.48
C TYR A 17 7.61 3.04 0.29
N GLY A 18 7.46 3.57 -0.92
CA GLY A 18 7.72 2.79 -2.11
C GLY A 18 7.35 3.53 -3.38
N PRO A 19 7.65 2.93 -4.54
CA PRO A 19 7.35 3.52 -5.85
C PRO A 19 5.86 3.55 -6.14
N GLY A 20 5.15 2.50 -5.73
CA GLY A 20 3.73 2.43 -5.96
C GLY A 20 2.95 3.47 -5.17
N LEU A 21 3.54 3.93 -4.07
CA LEU A 21 2.91 4.93 -3.21
C LEU A 21 3.09 6.32 -3.79
N SER A 22 4.32 6.62 -4.22
CA SER A 22 4.62 7.93 -4.80
C SER A 22 3.89 8.14 -6.11
N HIS A 23 3.81 7.08 -6.91
CA HIS A 23 3.13 7.14 -8.21
C HIS A 23 3.04 5.76 -8.84
N GLY A 24 2.51 5.71 -10.06
CA GLY A 24 2.37 4.44 -10.75
C GLY A 24 1.76 4.59 -12.13
N MET A 25 1.45 3.47 -12.77
CA MET A 25 0.85 3.49 -14.10
C MET A 25 -0.26 2.46 -14.21
N VAL A 26 -1.21 2.72 -15.11
CA VAL A 26 -2.34 1.81 -15.31
C VAL A 26 -1.86 0.43 -15.74
N ASN A 27 -2.58 -0.60 -15.30
CA ASN A 27 -2.23 -1.97 -15.64
C ASN A 27 -0.86 -2.35 -15.07
N LYS A 28 -0.54 -1.78 -13.91
CA LYS A 28 0.73 -2.05 -13.25
C LYS A 28 0.55 -2.18 -11.75
N PRO A 29 1.02 -3.31 -11.19
CA PRO A 29 0.93 -3.58 -9.76
C PRO A 29 1.84 -2.68 -8.93
N ALA A 30 1.26 -1.64 -8.35
CA ALA A 30 2.03 -0.70 -7.53
C ALA A 30 2.57 -1.39 -6.27
N THR A 31 3.86 -1.72 -6.30
CA THR A 31 4.50 -2.38 -5.17
C THR A 31 5.12 -1.36 -4.22
N PHE A 32 4.90 -1.55 -2.92
CA PHE A 32 5.44 -0.65 -1.91
C PHE A 32 5.72 -1.40 -0.61
N THR A 33 6.45 -0.74 0.28
CA THR A 33 6.79 -1.34 1.57
C THR A 33 6.09 -0.62 2.72
N ILE A 34 5.57 -1.40 3.67
CA ILE A 34 4.87 -0.83 4.81
C ILE A 34 5.64 -1.11 6.11
N VAL A 35 6.09 -0.05 6.76
CA VAL A 35 6.83 -0.18 8.01
C VAL A 35 5.93 -0.68 9.13
N THR A 36 6.05 -1.96 9.45
CA THR A 36 5.25 -2.57 10.51
C THR A 36 6.12 -3.35 11.48
N LYS A 37 7.42 -3.05 11.47
CA LYS A 37 8.36 -3.72 12.36
C LYS A 37 8.07 -3.40 13.83
N ASP A 38 7.58 -2.18 14.06
CA ASP A 38 7.25 -1.75 15.42
C ASP A 38 5.80 -2.06 15.75
N ALA A 39 4.88 -1.61 14.89
CA ALA A 39 3.47 -1.84 15.10
C ALA A 39 3.20 -3.24 15.65
N GLY A 40 3.78 -4.25 14.99
CA GLY A 40 3.59 -5.62 15.42
C GLY A 40 2.22 -6.16 15.09
N GLU A 41 2.14 -7.45 14.80
CA GLU A 41 0.87 -8.08 14.46
C GLU A 41 -0.27 -7.50 15.30
N GLY A 42 -1.18 -6.80 14.64
CA GLY A 42 -2.30 -6.21 15.34
C GLY A 42 -3.56 -6.16 14.49
N GLY A 43 -4.10 -4.96 14.31
CA GLY A 43 -5.31 -4.80 13.51
C GLY A 43 -5.11 -3.87 12.34
N LEU A 44 -4.13 -4.17 11.49
CA LEU A 44 -3.83 -3.35 10.33
C LEU A 44 -4.86 -3.60 9.22
N SER A 45 -5.22 -2.53 8.51
CA SER A 45 -6.19 -2.63 7.43
C SER A 45 -5.62 -2.02 6.14
N LEU A 46 -6.13 -2.50 5.00
CA LEU A 46 -5.68 -1.99 3.71
C LEU A 46 -6.87 -1.75 2.78
N ALA A 47 -6.92 -0.54 2.22
CA ALA A 47 -8.00 -0.18 1.30
C ALA A 47 -7.54 0.89 0.32
N VAL A 48 -8.14 0.88 -0.88
CA VAL A 48 -7.80 1.86 -1.90
C VAL A 48 -9.05 2.50 -2.49
N GLU A 49 -9.06 3.83 -2.50
CA GLU A 49 -10.20 4.58 -3.02
C GLU A 49 -9.75 5.56 -4.12
N GLY A 50 -10.03 5.20 -5.37
CA GLY A 50 -9.65 6.06 -6.47
C GLY A 50 -10.66 6.01 -7.61
N PRO A 51 -10.20 6.37 -8.83
CA PRO A 51 -11.06 6.38 -10.02
C PRO A 51 -11.44 4.97 -10.46
N SER A 52 -11.01 3.98 -9.70
CA SER A 52 -11.30 2.59 -10.03
C SER A 52 -10.85 1.66 -8.91
N LYS A 53 -11.63 0.61 -8.66
CA LYS A 53 -11.30 -0.36 -7.61
C LYS A 53 -10.11 -1.22 -8.02
N ALA A 54 -9.03 -1.14 -7.24
CA ALA A 54 -7.83 -1.91 -7.52
C ALA A 54 -7.55 -2.91 -6.40
N GLU A 55 -7.55 -4.18 -6.74
CA GLU A 55 -7.28 -5.23 -5.75
C GLU A 55 -5.97 -4.98 -5.02
N ILE A 56 -5.87 -5.50 -3.80
CA ILE A 56 -4.66 -5.33 -3.00
C ILE A 56 -4.22 -6.66 -2.39
N THR A 57 -2.97 -7.04 -2.67
CA THR A 57 -2.43 -8.29 -2.16
C THR A 57 -1.68 -8.06 -0.85
N CYS A 58 -1.46 -9.14 -0.11
CA CYS A 58 -0.75 -9.06 1.17
C CYS A 58 0.26 -10.19 1.29
N LYS A 59 1.49 -9.84 1.66
CA LYS A 59 2.56 -10.82 1.82
C LYS A 59 3.09 -10.80 3.24
N ASP A 60 3.61 -11.95 3.69
CA ASP A 60 4.16 -12.07 5.03
C ASP A 60 5.68 -12.18 4.98
N ASN A 61 6.35 -11.09 5.36
CA ASN A 61 7.82 -11.06 5.37
C ASN A 61 8.38 -11.76 6.60
N LYS A 62 7.49 -12.07 7.55
CA LYS A 62 7.88 -12.75 8.78
C LYS A 62 9.25 -12.26 9.25
N ASP A 63 9.57 -11.01 8.93
CA ASP A 63 10.84 -10.42 9.33
C ASP A 63 10.62 -9.11 10.08
N GLY A 64 9.73 -8.27 9.55
CA GLY A 64 9.45 -7.00 10.18
C GLY A 64 8.90 -5.98 9.20
N THR A 65 8.12 -6.45 8.24
CA THR A 65 7.54 -5.57 7.23
C THR A 65 6.32 -6.22 6.57
N CYS A 66 5.75 -5.52 5.60
CA CYS A 66 4.58 -6.04 4.88
C CYS A 66 4.58 -5.54 3.43
N THR A 67 4.66 -6.48 2.49
CA THR A 67 4.66 -6.15 1.07
C THR A 67 3.25 -6.16 0.50
N VAL A 68 2.91 -5.11 -0.24
CA VAL A 68 1.58 -5.00 -0.84
C VAL A 68 1.68 -4.50 -2.28
N SER A 69 0.75 -4.95 -3.12
CA SER A 69 0.73 -4.54 -4.52
C SER A 69 -0.70 -4.40 -5.02
N TYR A 70 -1.01 -3.22 -5.58
CA TYR A 70 -2.34 -2.96 -6.09
C TYR A 70 -2.30 -2.67 -7.60
N LEU A 71 -3.19 -3.30 -8.34
CA LEU A 71 -3.26 -3.11 -9.78
C LEU A 71 -4.46 -2.25 -10.16
N PRO A 72 -4.20 -0.97 -10.45
CA PRO A 72 -5.24 -0.01 -10.83
C PRO A 72 -5.80 -0.30 -12.22
N THR A 73 -6.93 0.34 -12.54
CA THR A 73 -7.57 0.15 -13.84
C THR A 73 -7.69 1.47 -14.59
N ALA A 74 -7.67 2.57 -13.83
CA ALA A 74 -7.78 3.90 -14.42
C ALA A 74 -6.79 4.86 -13.79
N PRO A 75 -6.25 5.78 -14.61
CA PRO A 75 -5.28 6.78 -14.15
C PRO A 75 -5.90 7.82 -13.24
N GLY A 76 -5.13 8.29 -12.26
CA GLY A 76 -5.64 9.28 -11.33
C GLY A 76 -4.96 9.19 -9.97
N ASP A 77 -5.51 9.92 -9.01
CA ASP A 77 -4.96 9.91 -7.65
C ASP A 77 -5.64 8.86 -6.79
N TYR A 78 -4.90 7.80 -6.47
CA TYR A 78 -5.43 6.72 -5.64
C TYR A 78 -5.21 6.99 -4.16
N SER A 79 -6.21 6.65 -3.35
CA SER A 79 -6.12 6.87 -1.91
C SER A 79 -6.00 5.54 -1.16
N ILE A 80 -4.78 5.23 -0.74
CA ILE A 80 -4.52 3.99 -0.01
C ILE A 80 -4.75 4.17 1.48
N ILE A 81 -5.94 3.77 1.93
CA ILE A 81 -6.29 3.89 3.34
C ILE A 81 -5.65 2.77 4.16
N VAL A 82 -4.88 3.15 5.17
CA VAL A 82 -4.22 2.17 6.04
C VAL A 82 -4.42 2.52 7.50
N ARG A 83 -5.40 1.84 8.13
CA ARG A 83 -5.71 2.07 9.53
C ARG A 83 -5.08 0.98 10.40
N PHE A 84 -4.79 1.33 11.65
CA PHE A 84 -4.19 0.38 12.58
C PHE A 84 -4.90 0.43 13.94
N ASP A 85 -5.74 -0.55 14.21
CA ASP A 85 -6.47 -0.61 15.47
C ASP A 85 -7.42 0.56 15.61
N ASP A 86 -8.17 0.84 14.54
CA ASP A 86 -9.12 1.94 14.54
C ASP A 86 -8.40 3.28 14.70
N LYS A 87 -7.30 3.44 13.99
CA LYS A 87 -6.53 4.67 14.06
C LYS A 87 -5.74 4.89 12.77
N HIS A 88 -6.08 5.95 12.04
CA HIS A 88 -5.41 6.27 10.79
C HIS A 88 -3.93 6.58 11.03
N ILE A 89 -3.07 5.96 10.23
CA ILE A 89 -1.64 6.16 10.35
C ILE A 89 -1.22 7.53 9.83
N PRO A 90 -0.12 8.06 10.37
CA PRO A 90 0.41 9.37 9.96
C PRO A 90 0.98 9.36 8.54
N GLY A 91 0.11 9.49 7.56
CA GLY A 91 0.56 9.49 6.17
C GLY A 91 -0.49 8.92 5.23
N SER A 92 -1.54 8.32 5.79
CA SER A 92 -2.61 7.73 5.00
C SER A 92 -3.90 8.53 5.15
N PRO A 93 -4.76 8.44 4.12
CA PRO A 93 -4.49 7.63 2.93
C PRO A 93 -3.39 8.22 2.07
N PHE A 94 -2.54 7.34 1.53
CA PHE A 94 -1.42 7.78 0.69
C PHE A 94 -1.91 8.05 -0.73
N THR A 95 -1.87 9.32 -1.12
CA THR A 95 -2.29 9.73 -2.46
C THR A 95 -1.25 9.36 -3.51
N ALA A 96 -1.53 8.30 -4.27
CA ALA A 96 -0.61 7.85 -5.31
C ALA A 96 -1.07 8.32 -6.68
N LYS A 97 -0.14 8.86 -7.46
CA LYS A 97 -0.44 9.34 -8.80
C LYS A 97 -0.28 8.24 -9.83
N ILE A 98 -1.34 7.94 -10.56
CA ILE A 98 -1.31 6.90 -11.59
C ILE A 98 -1.56 7.49 -12.98
N THR A 99 -0.61 7.26 -13.89
CA THR A 99 -0.72 7.76 -15.24
C THR A 99 -1.24 6.68 -16.19
N GLY A 100 -1.73 7.10 -17.35
CA GLY A 100 -2.25 6.16 -18.33
C GLY A 100 -3.33 6.76 -19.21
N ASP A 101 -3.54 6.17 -20.37
CA ASP A 101 -4.55 6.66 -21.30
C ASP A 101 -4.98 5.55 -22.26
N ASP A 102 -6.29 5.43 -22.46
CA ASP A 102 -6.84 4.42 -23.35
C ASP A 102 -7.42 5.05 -24.61
N SER A 103 -7.78 4.22 -25.58
CA SER A 103 -8.34 4.70 -26.83
C SER A 103 -8.94 3.55 -27.63
N MET A 104 -9.93 3.87 -28.47
CA MET A 104 -10.59 2.87 -29.29
C MET A 104 -9.72 2.47 -30.47
N ARG A 105 -10.09 1.38 -31.14
CA ARG A 105 -9.33 0.89 -32.29
C ARG A 105 -10.17 -0.06 -33.12
N SER A 106 -9.83 -0.19 -34.40
CA SER A 106 -10.55 -1.07 -35.31
C SER A 106 -10.01 -2.50 -35.22
N GLY A 107 -10.58 -3.38 -36.04
CA GLY A 107 -10.16 -4.77 -36.04
C GLY A 107 -10.04 -5.34 -37.44
N PRO A 108 -11.21 -5.60 -38.07
CA PRO A 108 -11.27 -6.15 -39.43
C PRO A 108 -10.80 -5.15 -40.48
N SER A 109 -10.78 -5.59 -41.73
CA SER A 109 -10.36 -4.74 -42.84
C SER A 109 -11.46 -4.61 -43.88
N SER A 110 -11.86 -5.74 -44.46
CA SER A 110 -12.91 -5.75 -45.47
C SER A 110 -13.97 -6.79 -45.15
N GLY A 111 -15.17 -6.32 -44.81
CA GLY A 111 -16.25 -7.23 -44.48
C GLY A 111 -17.26 -7.35 -45.60
N GLY A 1 5.07 2.01 42.49
CA GLY A 1 3.74 1.96 41.89
C GLY A 1 3.40 0.59 41.36
N SER A 2 3.07 0.53 40.07
CA SER A 2 2.71 -0.74 39.43
C SER A 2 3.93 -1.65 39.30
N SER A 3 4.11 -2.54 40.26
CA SER A 3 5.24 -3.45 40.26
C SER A 3 4.98 -4.65 39.35
N GLY A 4 5.22 -4.46 38.05
CA GLY A 4 5.00 -5.52 37.08
C GLY A 4 4.86 -5.00 35.68
N SER A 5 5.98 -4.82 34.99
CA SER A 5 5.99 -4.33 33.62
C SER A 5 6.54 -5.38 32.66
N SER A 6 5.79 -5.66 31.61
CA SER A 6 6.20 -6.65 30.61
C SER A 6 6.35 -6.01 29.24
N GLY A 7 7.49 -5.36 29.01
CA GLY A 7 7.73 -4.71 27.74
C GLY A 7 7.30 -3.25 27.74
N ALA A 8 8.16 -2.38 28.26
CA ALA A 8 7.87 -0.96 28.32
C ALA A 8 7.95 -0.32 26.94
N ILE A 9 6.80 0.03 26.38
CA ILE A 9 6.75 0.65 25.06
C ILE A 9 6.88 2.16 25.16
N ASN A 10 7.71 2.73 24.29
CA ASN A 10 7.92 4.18 24.29
C ASN A 10 7.02 4.85 23.27
N SER A 11 7.14 4.45 22.00
CA SER A 11 6.33 5.02 20.93
C SER A 11 6.28 4.08 19.73
N ARG A 12 5.11 4.00 19.09
CA ARG A 12 4.94 3.14 17.93
C ARG A 12 4.10 3.85 16.86
N HIS A 13 4.28 3.43 15.61
CA HIS A 13 3.56 4.01 14.50
C HIS A 13 3.81 3.24 13.21
N VAL A 14 2.82 3.20 12.32
CA VAL A 14 2.95 2.50 11.06
C VAL A 14 3.00 3.48 9.89
N SER A 15 3.86 3.19 8.92
CA SER A 15 4.01 4.04 7.75
C SER A 15 4.30 3.21 6.51
N ALA A 16 4.21 3.85 5.34
CA ALA A 16 4.46 3.17 4.08
C ALA A 16 5.39 3.99 3.19
N TYR A 17 6.25 3.30 2.44
CA TYR A 17 7.20 3.96 1.55
C TYR A 17 7.59 3.05 0.39
N GLY A 18 7.50 3.57 -0.82
CA GLY A 18 7.85 2.80 -2.00
C GLY A 18 7.43 3.47 -3.29
N PRO A 19 7.69 2.80 -4.42
CA PRO A 19 7.35 3.32 -5.74
C PRO A 19 5.84 3.35 -5.99
N GLY A 20 5.18 2.24 -5.65
CA GLY A 20 3.74 2.16 -5.84
C GLY A 20 2.99 3.26 -5.11
N LEU A 21 3.49 3.64 -3.94
CA LEU A 21 2.87 4.69 -3.13
C LEU A 21 3.13 6.06 -3.74
N SER A 22 4.37 6.30 -4.15
CA SER A 22 4.76 7.57 -4.74
C SER A 22 4.05 7.78 -6.08
N HIS A 23 3.97 6.72 -6.88
CA HIS A 23 3.32 6.79 -8.17
C HIS A 23 3.26 5.40 -8.82
N GLY A 24 2.75 5.35 -10.05
CA GLY A 24 2.65 4.09 -10.76
C GLY A 24 1.98 4.24 -12.11
N MET A 25 1.67 3.12 -12.74
CA MET A 25 1.03 3.12 -14.05
C MET A 25 -0.19 2.20 -14.08
N VAL A 26 -1.14 2.50 -14.95
CA VAL A 26 -2.36 1.70 -15.07
C VAL A 26 -2.03 0.26 -15.45
N ASN A 27 -2.78 -0.67 -14.91
CA ASN A 27 -2.57 -2.09 -15.19
C ASN A 27 -1.18 -2.55 -14.72
N LYS A 28 -0.74 -2.00 -13.60
CA LYS A 28 0.56 -2.34 -13.03
C LYS A 28 0.47 -2.52 -11.52
N PRO A 29 1.04 -3.61 -11.02
CA PRO A 29 1.04 -3.92 -9.58
C PRO A 29 1.94 -2.97 -8.79
N ALA A 30 1.34 -1.90 -8.27
CA ALA A 30 2.09 -0.92 -7.49
C ALA A 30 2.56 -1.51 -6.16
N THR A 31 3.82 -1.95 -6.15
CA THR A 31 4.40 -2.54 -4.94
C THR A 31 5.03 -1.47 -4.05
N PHE A 32 4.92 -1.67 -2.75
CA PHE A 32 5.47 -0.72 -1.78
C PHE A 32 5.78 -1.41 -0.46
N THR A 33 6.57 -0.74 0.38
CA THR A 33 6.94 -1.28 1.68
C THR A 33 6.14 -0.63 2.81
N ILE A 34 5.77 -1.44 3.80
CA ILE A 34 5.00 -0.94 4.93
C ILE A 34 5.73 -1.21 6.24
N VAL A 35 6.09 -0.12 6.95
CA VAL A 35 6.79 -0.24 8.22
C VAL A 35 5.89 -0.84 9.29
N THR A 36 6.05 -2.14 9.53
CA THR A 36 5.26 -2.83 10.53
C THR A 36 6.13 -3.73 11.41
N LYS A 37 7.37 -3.30 11.64
CA LYS A 37 8.29 -4.06 12.45
C LYS A 37 7.84 -4.10 13.91
N ASP A 38 7.32 -2.98 14.39
CA ASP A 38 6.84 -2.88 15.77
C ASP A 38 5.34 -3.11 15.82
N ALA A 39 4.61 -2.46 14.93
CA ALA A 39 3.16 -2.58 14.88
C ALA A 39 2.72 -3.98 15.28
N GLY A 40 3.35 -4.99 14.71
CA GLY A 40 3.01 -6.37 15.02
C GLY A 40 1.59 -6.71 14.62
N GLU A 41 1.38 -7.94 14.14
CA GLU A 41 0.07 -8.39 13.73
C GLU A 41 -1.02 -7.80 14.64
N GLY A 42 -1.94 -7.06 14.04
CA GLY A 42 -3.02 -6.45 14.81
C GLY A 42 -4.26 -6.21 13.98
N GLY A 43 -4.70 -4.96 13.94
CA GLY A 43 -5.90 -4.62 13.17
C GLY A 43 -5.61 -3.61 12.09
N LEU A 44 -4.78 -3.99 11.12
CA LEU A 44 -4.42 -3.10 10.02
C LEU A 44 -5.38 -3.28 8.84
N SER A 45 -5.97 -2.18 8.40
CA SER A 45 -6.91 -2.22 7.28
C SER A 45 -6.26 -1.68 6.01
N LEU A 46 -6.63 -2.27 4.88
CA LEU A 46 -6.09 -1.85 3.58
C LEU A 46 -7.20 -1.71 2.55
N ALA A 47 -7.37 -0.50 2.03
CA ALA A 47 -8.40 -0.23 1.04
C ALA A 47 -8.02 0.97 0.17
N VAL A 48 -8.21 0.82 -1.14
CA VAL A 48 -7.88 1.89 -2.08
C VAL A 48 -9.14 2.62 -2.54
N GLU A 49 -9.06 3.95 -2.60
CA GLU A 49 -10.19 4.76 -3.03
C GLU A 49 -9.78 5.76 -4.10
N GLY A 50 -10.23 5.53 -5.33
CA GLY A 50 -9.89 6.42 -6.43
C GLY A 50 -10.88 6.33 -7.57
N PRO A 51 -10.41 6.60 -8.79
CA PRO A 51 -11.25 6.58 -10.00
C PRO A 51 -11.66 5.15 -10.37
N SER A 52 -11.13 4.18 -9.64
CA SER A 52 -11.45 2.78 -9.90
C SER A 52 -11.10 1.91 -8.69
N LYS A 53 -11.67 0.71 -8.64
CA LYS A 53 -11.42 -0.22 -7.55
C LYS A 53 -10.24 -1.12 -7.87
N ALA A 54 -9.15 -0.97 -7.12
CA ALA A 54 -7.95 -1.77 -7.31
C ALA A 54 -7.73 -2.71 -6.13
N GLU A 55 -7.60 -4.00 -6.43
CA GLU A 55 -7.38 -5.01 -5.39
C GLU A 55 -6.01 -4.82 -4.74
N ILE A 56 -5.89 -5.27 -3.50
CA ILE A 56 -4.64 -5.17 -2.77
C ILE A 56 -4.23 -6.50 -2.16
N THR A 57 -3.03 -6.96 -2.52
CA THR A 57 -2.53 -8.24 -2.01
C THR A 57 -1.37 -8.02 -1.03
N CYS A 58 -1.41 -8.74 0.09
CA CYS A 58 -0.37 -8.63 1.10
C CYS A 58 0.52 -9.86 1.11
N LYS A 59 1.73 -9.71 1.63
CA LYS A 59 2.69 -10.82 1.69
C LYS A 59 3.48 -10.77 3.00
N ASP A 60 4.08 -11.90 3.36
CA ASP A 60 4.87 -11.99 4.58
C ASP A 60 6.36 -12.06 4.25
N ASN A 61 7.11 -11.08 4.76
CA ASN A 61 8.55 -11.03 4.52
C ASN A 61 9.32 -11.67 5.67
N LYS A 62 8.70 -11.68 6.85
CA LYS A 62 9.32 -12.26 8.03
C LYS A 62 10.65 -11.60 8.33
N ASP A 63 10.76 -10.31 8.01
CA ASP A 63 11.97 -9.56 8.24
C ASP A 63 11.70 -8.30 9.06
N GLY A 64 10.45 -7.86 9.04
CA GLY A 64 10.06 -6.68 9.80
C GLY A 64 9.25 -5.70 8.97
N THR A 65 8.60 -6.21 7.93
CA THR A 65 7.79 -5.39 7.05
C THR A 65 6.79 -6.22 6.27
N CYS A 66 5.95 -5.56 5.49
CA CYS A 66 4.95 -6.24 4.68
C CYS A 66 4.99 -5.79 3.23
N THR A 67 4.86 -6.73 2.31
CA THR A 67 4.90 -6.42 0.88
C THR A 67 3.49 -6.38 0.29
N VAL A 68 2.97 -5.18 0.09
CA VAL A 68 1.63 -5.00 -0.46
C VAL A 68 1.70 -4.44 -1.88
N SER A 69 0.74 -4.82 -2.72
CA SER A 69 0.69 -4.36 -4.09
C SER A 69 -0.75 -4.25 -4.58
N TYR A 70 -1.02 -3.23 -5.40
CA TYR A 70 -2.36 -3.00 -5.93
C TYR A 70 -2.31 -2.80 -7.45
N LEU A 71 -3.35 -3.28 -8.13
CA LEU A 71 -3.43 -3.14 -9.58
C LEU A 71 -4.58 -2.21 -9.97
N PRO A 72 -4.24 -0.97 -10.30
CA PRO A 72 -5.23 0.04 -10.72
C PRO A 72 -5.84 -0.26 -12.07
N THR A 73 -7.02 0.30 -12.33
CA THR A 73 -7.70 0.09 -13.61
C THR A 73 -7.79 1.38 -14.40
N ALA A 74 -7.68 2.51 -13.71
CA ALA A 74 -7.75 3.82 -14.35
C ALA A 74 -6.75 4.79 -13.72
N PRO A 75 -6.17 5.67 -14.55
CA PRO A 75 -5.19 6.67 -14.10
C PRO A 75 -5.83 7.75 -13.25
N GLY A 76 -5.13 8.15 -12.19
CA GLY A 76 -5.64 9.17 -11.30
C GLY A 76 -5.00 9.13 -9.92
N ASP A 77 -5.50 9.95 -9.02
CA ASP A 77 -4.96 10.01 -7.66
C ASP A 77 -5.66 9.00 -6.76
N TYR A 78 -4.98 7.90 -6.48
CA TYR A 78 -5.54 6.84 -5.63
C TYR A 78 -5.33 7.17 -4.15
N SER A 79 -6.29 6.77 -3.32
CA SER A 79 -6.21 7.01 -1.88
C SER A 79 -6.06 5.71 -1.12
N ILE A 80 -4.82 5.37 -0.77
CA ILE A 80 -4.54 4.14 -0.03
C ILE A 80 -4.82 4.33 1.47
N ILE A 81 -6.02 3.94 1.90
CA ILE A 81 -6.40 4.06 3.29
C ILE A 81 -5.76 2.96 4.13
N VAL A 82 -5.04 3.36 5.17
CA VAL A 82 -4.37 2.41 6.05
C VAL A 82 -4.59 2.77 7.52
N ARG A 83 -5.55 2.10 8.14
CA ARG A 83 -5.86 2.35 9.55
C ARG A 83 -5.31 1.24 10.44
N PHE A 84 -5.09 1.57 11.71
CA PHE A 84 -4.56 0.59 12.66
C PHE A 84 -5.32 0.65 13.98
N ASP A 85 -6.21 -0.32 14.18
CA ASP A 85 -7.01 -0.38 15.40
C ASP A 85 -7.96 0.81 15.49
N ASP A 86 -8.54 1.19 14.35
CA ASP A 86 -9.46 2.32 14.31
C ASP A 86 -8.71 3.65 14.45
N LYS A 87 -7.49 3.68 13.93
CA LYS A 87 -6.67 4.89 14.00
C LYS A 87 -5.88 5.07 12.71
N HIS A 88 -6.12 6.18 12.01
CA HIS A 88 -5.42 6.48 10.77
C HIS A 88 -3.94 6.74 11.03
N ILE A 89 -3.09 6.13 10.21
CA ILE A 89 -1.65 6.30 10.34
C ILE A 89 -1.20 7.66 9.79
N PRO A 90 -0.08 8.17 10.33
CA PRO A 90 0.48 9.46 9.91
C PRO A 90 1.07 9.40 8.50
N GLY A 91 0.21 9.55 7.50
CA GLY A 91 0.66 9.51 6.12
C GLY A 91 -0.39 8.96 5.17
N SER A 92 -1.46 8.42 5.74
CA SER A 92 -2.55 7.85 4.94
C SER A 92 -3.82 8.67 5.10
N PRO A 93 -4.68 8.62 4.08
CA PRO A 93 -4.43 7.81 2.87
C PRO A 93 -3.31 8.39 2.01
N PHE A 94 -2.48 7.51 1.47
CA PHE A 94 -1.36 7.93 0.64
C PHE A 94 -1.82 8.19 -0.79
N THR A 95 -1.74 9.45 -1.21
CA THR A 95 -2.14 9.84 -2.55
C THR A 95 -1.11 9.40 -3.59
N ALA A 96 -1.39 8.30 -4.27
CA ALA A 96 -0.49 7.78 -5.29
C ALA A 96 -0.93 8.21 -6.69
N LYS A 97 0.02 8.69 -7.49
CA LYS A 97 -0.28 9.14 -8.85
C LYS A 97 -0.11 7.99 -9.84
N ILE A 98 -1.18 7.71 -10.58
CA ILE A 98 -1.15 6.64 -11.57
C ILE A 98 -1.32 7.19 -12.98
N THR A 99 -0.31 6.98 -13.82
CA THR A 99 -0.34 7.45 -15.20
C THR A 99 -1.05 6.45 -16.10
N GLY A 100 -1.78 6.97 -17.08
CA GLY A 100 -2.51 6.11 -18.01
C GLY A 100 -2.77 6.78 -19.34
N ASP A 101 -3.84 6.37 -20.00
CA ASP A 101 -4.20 6.93 -21.30
C ASP A 101 -5.57 6.41 -21.76
N ASP A 102 -6.40 7.31 -22.24
CA ASP A 102 -7.73 6.94 -22.72
C ASP A 102 -8.04 7.61 -24.06
N SER A 103 -7.85 6.86 -25.15
CA SER A 103 -8.10 7.37 -26.48
C SER A 103 -9.00 6.42 -27.27
N MET A 104 -10.09 6.01 -26.65
CA MET A 104 -11.04 5.10 -27.29
C MET A 104 -10.31 4.11 -28.20
N ARG A 105 -9.20 3.57 -27.71
CA ARG A 105 -8.41 2.61 -28.47
C ARG A 105 -8.24 1.31 -27.71
N SER A 106 -7.71 0.30 -28.37
CA SER A 106 -7.49 -1.01 -27.75
C SER A 106 -6.67 -1.92 -28.67
N GLY A 107 -5.49 -2.30 -28.19
CA GLY A 107 -4.61 -3.16 -28.97
C GLY A 107 -4.50 -4.54 -28.38
N PRO A 108 -5.47 -5.42 -28.68
CA PRO A 108 -5.49 -6.80 -28.19
C PRO A 108 -4.40 -7.65 -28.81
N SER A 109 -4.29 -7.60 -30.14
CA SER A 109 -3.28 -8.37 -30.86
C SER A 109 -2.73 -7.58 -32.03
N SER A 110 -1.43 -7.71 -32.26
CA SER A 110 -0.77 -7.01 -33.35
C SER A 110 -1.62 -7.05 -34.62
N GLY A 111 -1.88 -8.24 -35.11
CA GLY A 111 -2.69 -8.40 -36.31
C GLY A 111 -3.24 -9.81 -36.46
N GLY A 1 12.93 -21.02 13.72
CA GLY A 1 13.24 -19.74 14.32
C GLY A 1 12.27 -19.39 15.44
N SER A 2 12.81 -19.28 16.65
CA SER A 2 11.99 -18.94 17.81
C SER A 2 11.38 -17.56 17.67
N SER A 3 10.11 -17.44 18.05
CA SER A 3 9.40 -16.16 17.95
C SER A 3 10.06 -15.11 18.86
N GLY A 4 10.19 -15.44 20.13
CA GLY A 4 10.79 -14.52 21.08
C GLY A 4 9.86 -13.40 21.48
N SER A 5 8.97 -13.70 22.44
CA SER A 5 8.01 -12.70 22.91
C SER A 5 8.72 -11.42 23.36
N SER A 6 8.39 -10.31 22.72
CA SER A 6 8.99 -9.03 23.05
C SER A 6 8.04 -8.18 23.88
N GLY A 7 8.60 -7.44 24.84
CA GLY A 7 7.78 -6.60 25.70
C GLY A 7 7.27 -5.37 24.97
N ALA A 8 7.34 -4.22 25.62
CA ALA A 8 6.87 -2.98 25.03
C ALA A 8 7.54 -2.72 23.68
N ILE A 9 6.73 -2.33 22.69
CA ILE A 9 7.24 -2.06 21.36
C ILE A 9 8.10 -0.80 21.34
N ASN A 10 8.89 -0.63 20.28
CA ASN A 10 9.75 0.54 20.14
C ASN A 10 8.92 1.82 20.10
N SER A 11 7.86 1.81 19.30
CA SER A 11 7.00 2.97 19.16
C SER A 11 5.70 2.60 18.45
N ARG A 12 4.62 3.28 18.82
CA ARG A 12 3.31 3.02 18.22
C ARG A 12 3.09 3.92 17.01
N HIS A 13 3.46 3.44 15.84
CA HIS A 13 3.29 4.20 14.60
C HIS A 13 3.60 3.33 13.38
N VAL A 14 3.19 3.80 12.21
CA VAL A 14 3.42 3.06 10.97
C VAL A 14 3.82 4.01 9.85
N SER A 15 4.77 3.56 9.02
CA SER A 15 5.25 4.38 7.90
C SER A 15 5.36 3.53 6.64
N ALA A 16 4.67 3.96 5.59
CA ALA A 16 4.69 3.25 4.32
C ALA A 16 5.40 4.07 3.24
N TYR A 17 6.14 3.38 2.38
CA TYR A 17 6.88 4.04 1.31
C TYR A 17 7.13 3.09 0.15
N GLY A 18 7.41 3.65 -1.03
CA GLY A 18 7.68 2.83 -2.19
C GLY A 18 7.37 3.55 -3.49
N PRO A 19 7.68 2.90 -4.62
CA PRO A 19 7.44 3.47 -5.95
C PRO A 19 5.95 3.56 -6.29
N GLY A 20 5.20 2.53 -5.93
CA GLY A 20 3.78 2.51 -6.20
C GLY A 20 3.02 3.55 -5.41
N LEU A 21 3.51 3.83 -4.19
CA LEU A 21 2.88 4.82 -3.32
C LEU A 21 3.07 6.23 -3.86
N SER A 22 4.30 6.54 -4.26
CA SER A 22 4.62 7.86 -4.79
C SER A 22 3.95 8.07 -6.15
N HIS A 23 3.92 7.02 -6.96
CA HIS A 23 3.31 7.09 -8.28
C HIS A 23 3.15 5.69 -8.88
N GLY A 24 2.53 5.63 -10.05
CA GLY A 24 2.31 4.35 -10.71
C GLY A 24 1.70 4.51 -12.09
N MET A 25 1.39 3.37 -12.72
CA MET A 25 0.80 3.39 -14.05
C MET A 25 -0.37 2.41 -14.14
N VAL A 26 -1.27 2.63 -15.08
CA VAL A 26 -2.43 1.76 -15.27
C VAL A 26 -2.00 0.35 -15.64
N ASN A 27 -2.73 -0.64 -15.14
CA ASN A 27 -2.43 -2.04 -15.42
C ASN A 27 -1.03 -2.41 -14.91
N LYS A 28 -0.64 -1.81 -13.78
CA LYS A 28 0.66 -2.08 -13.20
C LYS A 28 0.54 -2.23 -11.68
N PRO A 29 1.06 -3.34 -11.15
CA PRO A 29 1.03 -3.64 -9.72
C PRO A 29 1.95 -2.71 -8.93
N ALA A 30 1.36 -1.72 -8.27
CA ALA A 30 2.11 -0.76 -7.47
C ALA A 30 2.65 -1.42 -6.20
N THR A 31 3.92 -1.82 -6.23
CA THR A 31 4.55 -2.46 -5.09
C THR A 31 5.15 -1.43 -4.13
N PHE A 32 4.95 -1.64 -2.84
CA PHE A 32 5.47 -0.73 -1.83
C PHE A 32 5.75 -1.46 -0.53
N THR A 33 6.49 -0.81 0.37
CA THR A 33 6.83 -1.40 1.66
C THR A 33 6.07 -0.73 2.79
N ILE A 34 5.65 -1.53 3.77
CA ILE A 34 4.91 -1.01 4.91
C ILE A 34 5.63 -1.32 6.22
N VAL A 35 6.10 -0.28 6.90
CA VAL A 35 6.80 -0.44 8.17
C VAL A 35 5.86 -0.93 9.26
N THR A 36 5.79 -2.24 9.43
CA THR A 36 4.92 -2.83 10.44
C THR A 36 5.72 -3.66 11.44
N LYS A 37 6.99 -3.31 11.59
CA LYS A 37 7.87 -4.02 12.52
C LYS A 37 7.58 -3.61 13.96
N ASP A 38 7.57 -2.31 14.22
CA ASP A 38 7.30 -1.81 15.56
C ASP A 38 5.83 -1.96 15.91
N ALA A 39 4.96 -1.57 14.98
CA ALA A 39 3.52 -1.65 15.19
C ALA A 39 3.16 -2.89 16.01
N GLY A 40 3.74 -4.03 15.65
CA GLY A 40 3.47 -5.26 16.36
C GLY A 40 2.17 -5.91 15.92
N GLU A 41 2.11 -7.23 16.03
CA GLU A 41 0.91 -7.98 15.64
C GLU A 41 -0.34 -7.31 16.19
N GLY A 42 -1.18 -6.80 15.29
CA GLY A 42 -2.40 -6.15 15.70
C GLY A 42 -3.49 -6.24 14.65
N GLY A 43 -4.11 -5.11 14.33
CA GLY A 43 -5.16 -5.10 13.34
C GLY A 43 -4.98 -4.00 12.31
N LEU A 44 -4.25 -4.31 11.24
CA LEU A 44 -4.00 -3.35 10.18
C LEU A 44 -5.00 -3.52 9.03
N SER A 45 -5.56 -2.41 8.58
CA SER A 45 -6.53 -2.43 7.50
C SER A 45 -5.91 -1.91 6.20
N LEU A 46 -6.39 -2.42 5.07
CA LEU A 46 -5.90 -2.00 3.77
C LEU A 46 -7.04 -1.80 2.78
N ALA A 47 -7.09 -0.62 2.17
CA ALA A 47 -8.12 -0.30 1.20
C ALA A 47 -7.67 0.80 0.25
N VAL A 48 -8.25 0.82 -0.95
CA VAL A 48 -7.92 1.82 -1.95
C VAL A 48 -9.16 2.55 -2.46
N GLU A 49 -9.02 3.84 -2.70
CA GLU A 49 -10.13 4.65 -3.20
C GLU A 49 -9.67 5.60 -4.30
N GLY A 50 -10.02 5.29 -5.53
CA GLY A 50 -9.64 6.12 -6.65
C GLY A 50 -10.63 6.07 -7.79
N PRO A 51 -10.17 6.36 -9.02
CA PRO A 51 -11.01 6.35 -10.21
C PRO A 51 -11.46 4.94 -10.59
N SER A 52 -11.05 3.96 -9.80
CA SER A 52 -11.40 2.56 -10.06
C SER A 52 -10.94 1.66 -8.92
N LYS A 53 -11.71 0.62 -8.64
CA LYS A 53 -11.38 -0.32 -7.59
C LYS A 53 -10.17 -1.18 -7.97
N ALA A 54 -9.09 -1.05 -7.20
CA ALA A 54 -7.88 -1.81 -7.47
C ALA A 54 -7.63 -2.83 -6.36
N GLU A 55 -7.50 -4.10 -6.75
CA GLU A 55 -7.25 -5.17 -5.79
C GLU A 55 -5.96 -4.93 -5.02
N ILE A 56 -5.88 -5.47 -3.82
CA ILE A 56 -4.69 -5.31 -2.98
C ILE A 56 -4.25 -6.66 -2.41
N THR A 57 -3.04 -7.07 -2.76
CA THR A 57 -2.49 -8.34 -2.28
C THR A 57 -1.44 -8.10 -1.19
N CYS A 58 -1.65 -8.72 -0.03
CA CYS A 58 -0.72 -8.58 1.08
C CYS A 58 0.16 -9.82 1.22
N LYS A 59 1.46 -9.60 1.38
CA LYS A 59 2.41 -10.69 1.51
C LYS A 59 3.05 -10.69 2.90
N ASP A 60 3.63 -11.82 3.28
CA ASP A 60 4.27 -11.96 4.58
C ASP A 60 5.79 -12.04 4.44
N ASN A 61 6.49 -11.13 5.10
CA ASN A 61 7.94 -11.10 5.04
C ASN A 61 8.55 -11.87 6.22
N LYS A 62 7.88 -11.82 7.36
CA LYS A 62 8.35 -12.52 8.55
C LYS A 62 9.67 -11.95 9.03
N ASP A 63 9.87 -10.64 8.82
CA ASP A 63 11.10 -9.98 9.23
C ASP A 63 10.79 -8.67 9.96
N GLY A 64 9.86 -7.90 9.41
CA GLY A 64 9.49 -6.64 10.03
C GLY A 64 8.88 -5.67 9.04
N THR A 65 8.14 -6.21 8.07
CA THR A 65 7.49 -5.39 7.06
C THR A 65 6.36 -6.15 6.37
N CYS A 66 5.76 -5.52 5.37
CA CYS A 66 4.65 -6.13 4.64
C CYS A 66 4.67 -5.71 3.17
N THR A 67 4.85 -6.67 2.28
CA THR A 67 4.88 -6.40 0.85
C THR A 67 3.48 -6.42 0.25
N VAL A 68 3.02 -5.26 -0.19
CA VAL A 68 1.69 -5.15 -0.80
C VAL A 68 1.77 -4.58 -2.20
N SER A 69 0.81 -4.96 -3.05
CA SER A 69 0.78 -4.48 -4.42
C SER A 69 -0.66 -4.34 -4.92
N TYR A 70 -0.97 -3.22 -5.54
CA TYR A 70 -2.31 -2.96 -6.05
C TYR A 70 -2.27 -2.70 -7.55
N LEU A 71 -3.23 -3.27 -8.27
CA LEU A 71 -3.31 -3.10 -9.72
C LEU A 71 -4.50 -2.21 -10.09
N PRO A 72 -4.21 -0.93 -10.38
CA PRO A 72 -5.23 0.04 -10.76
C PRO A 72 -5.81 -0.24 -12.14
N THR A 73 -7.01 0.28 -12.39
CA THR A 73 -7.67 0.09 -13.68
C THR A 73 -7.67 1.37 -14.50
N ALA A 74 -7.71 2.50 -13.82
CA ALA A 74 -7.71 3.80 -14.47
C ALA A 74 -6.71 4.76 -13.83
N PRO A 75 -6.13 5.64 -14.63
CA PRO A 75 -5.15 6.63 -14.15
C PRO A 75 -5.78 7.70 -13.28
N GLY A 76 -5.04 8.15 -12.26
CA GLY A 76 -5.56 9.17 -11.37
C GLY A 76 -4.91 9.12 -10.00
N ASP A 77 -5.50 9.84 -9.04
CA ASP A 77 -4.98 9.86 -7.69
C ASP A 77 -5.66 8.81 -6.82
N TYR A 78 -4.95 7.74 -6.51
CA TYR A 78 -5.49 6.67 -5.70
C TYR A 78 -5.29 6.96 -4.21
N SER A 79 -6.29 6.60 -3.40
CA SER A 79 -6.22 6.83 -1.96
C SER A 79 -6.05 5.51 -1.21
N ILE A 80 -4.85 5.30 -0.68
CA ILE A 80 -4.54 4.08 0.06
C ILE A 80 -4.80 4.28 1.56
N ILE A 81 -5.97 3.84 2.02
CA ILE A 81 -6.33 3.96 3.43
C ILE A 81 -5.69 2.84 4.25
N VAL A 82 -4.86 3.23 5.22
CA VAL A 82 -4.20 2.26 6.09
C VAL A 82 -4.36 2.64 7.55
N ARG A 83 -5.27 1.95 8.23
CA ARG A 83 -5.52 2.20 9.65
C ARG A 83 -4.99 1.06 10.52
N PHE A 84 -4.93 1.29 11.82
CA PHE A 84 -4.45 0.28 12.75
C PHE A 84 -5.24 0.33 14.06
N ASP A 85 -6.10 -0.67 14.25
CA ASP A 85 -6.92 -0.74 15.46
C ASP A 85 -7.85 0.47 15.56
N ASP A 86 -8.43 0.84 14.43
CA ASP A 86 -9.35 1.98 14.38
C ASP A 86 -8.59 3.30 14.53
N LYS A 87 -7.45 3.39 13.85
CA LYS A 87 -6.64 4.60 13.91
C LYS A 87 -5.95 4.84 12.57
N HIS A 88 -5.81 6.12 12.21
CA HIS A 88 -5.16 6.49 10.95
C HIS A 88 -3.66 6.71 11.15
N ILE A 89 -2.86 6.08 10.31
CA ILE A 89 -1.41 6.21 10.40
C ILE A 89 -0.94 7.55 9.85
N PRO A 90 0.21 8.03 10.35
CA PRO A 90 0.78 9.32 9.93
C PRO A 90 1.32 9.26 8.50
N GLY A 91 0.42 9.43 7.53
CA GLY A 91 0.83 9.40 6.15
C GLY A 91 -0.28 8.90 5.24
N SER A 92 -1.33 8.35 5.83
CA SER A 92 -2.46 7.83 5.06
C SER A 92 -3.70 8.68 5.26
N PRO A 93 -4.60 8.65 4.27
CA PRO A 93 -4.42 7.84 3.06
C PRO A 93 -3.31 8.38 2.17
N PHE A 94 -2.45 7.49 1.68
CA PHE A 94 -1.35 7.88 0.81
C PHE A 94 -1.82 8.06 -0.63
N THR A 95 -1.89 9.32 -1.06
CA THR A 95 -2.34 9.64 -2.41
C THR A 95 -1.29 9.23 -3.44
N ALA A 96 -1.58 8.19 -4.21
CA ALA A 96 -0.66 7.71 -5.23
C ALA A 96 -1.09 8.17 -6.62
N LYS A 97 -0.15 8.76 -7.36
CA LYS A 97 -0.44 9.24 -8.70
C LYS A 97 -0.30 8.13 -9.73
N ILE A 98 -1.37 7.86 -10.47
CA ILE A 98 -1.35 6.82 -11.48
C ILE A 98 -1.62 7.40 -12.87
N THR A 99 -0.68 7.16 -13.78
CA THR A 99 -0.81 7.66 -15.15
C THR A 99 -1.30 6.57 -16.09
N GLY A 100 -1.91 6.98 -17.20
CA GLY A 100 -2.42 6.02 -18.17
C GLY A 100 -2.18 6.47 -19.59
N ASP A 101 -1.57 5.59 -20.39
CA ASP A 101 -1.29 5.89 -21.78
C ASP A 101 -1.72 4.74 -22.69
N ASP A 102 -2.35 5.08 -23.81
CA ASP A 102 -2.81 4.07 -24.76
C ASP A 102 -1.79 2.94 -24.89
N SER A 103 -2.27 1.71 -24.99
CA SER A 103 -1.40 0.55 -25.12
C SER A 103 -1.44 0.00 -26.54
N MET A 104 -0.28 0.00 -27.20
CA MET A 104 -0.18 -0.50 -28.57
C MET A 104 0.88 -1.61 -28.67
N ARG A 105 0.48 -2.77 -29.18
CA ARG A 105 1.40 -3.89 -29.32
C ARG A 105 2.53 -3.54 -30.27
N SER A 106 3.77 -3.73 -29.80
CA SER A 106 4.95 -3.42 -30.60
C SER A 106 5.79 -4.68 -30.83
N GLY A 107 5.40 -5.46 -31.83
CA GLY A 107 6.12 -6.69 -32.14
C GLY A 107 5.30 -7.64 -32.98
N PRO A 108 5.97 -8.34 -33.92
CA PRO A 108 5.32 -9.30 -34.81
C PRO A 108 4.87 -10.55 -34.07
N SER A 109 5.68 -10.99 -33.11
CA SER A 109 5.37 -12.18 -32.33
C SER A 109 5.53 -13.44 -33.19
N SER A 110 6.57 -13.46 -34.01
CA SER A 110 6.83 -14.60 -34.88
C SER A 110 7.32 -15.80 -34.06
N GLY A 111 6.39 -16.67 -33.71
CA GLY A 111 6.75 -17.85 -32.93
C GLY A 111 5.72 -18.17 -31.86
N GLY A 1 9.86 2.98 31.24
CA GLY A 1 10.65 4.17 31.53
C GLY A 1 11.99 4.16 30.85
N SER A 2 12.52 5.35 30.56
CA SER A 2 13.81 5.47 29.90
C SER A 2 14.82 4.48 30.48
N SER A 3 14.99 4.53 31.80
CA SER A 3 15.92 3.64 32.48
C SER A 3 17.33 3.81 31.92
N GLY A 4 17.72 5.05 31.68
CA GLY A 4 19.05 5.32 31.15
C GLY A 4 19.21 4.81 29.73
N SER A 5 18.37 5.28 28.83
CA SER A 5 18.42 4.87 27.43
C SER A 5 18.71 3.37 27.32
N SER A 6 18.06 2.59 28.17
CA SER A 6 18.23 1.14 28.18
C SER A 6 16.90 0.42 28.38
N GLY A 7 16.92 -0.90 28.26
CA GLY A 7 15.71 -1.67 28.43
C GLY A 7 14.94 -1.85 27.14
N ALA A 8 14.06 -0.89 26.84
CA ALA A 8 13.27 -0.94 25.62
C ALA A 8 12.55 0.38 25.38
N ILE A 9 12.97 1.10 24.35
CA ILE A 9 12.37 2.38 24.02
C ILE A 9 11.59 2.30 22.71
N ASN A 10 10.88 1.19 22.51
CA ASN A 10 10.09 0.99 21.30
C ASN A 10 8.99 2.04 21.19
N SER A 11 8.84 2.60 19.99
CA SER A 11 7.83 3.62 19.75
C SER A 11 6.77 3.12 18.77
N ARG A 12 5.55 2.96 19.27
CA ARG A 12 4.45 2.48 18.44
C ARG A 12 4.14 3.47 17.32
N HIS A 13 4.41 3.04 16.08
CA HIS A 13 4.16 3.89 14.92
C HIS A 13 4.34 3.09 13.63
N VAL A 14 3.88 3.67 12.52
CA VAL A 14 3.99 3.03 11.22
C VAL A 14 4.40 4.02 10.14
N SER A 15 5.18 3.55 9.18
CA SER A 15 5.65 4.40 8.08
C SER A 15 5.65 3.64 6.77
N ALA A 16 4.97 4.17 5.77
CA ALA A 16 4.89 3.54 4.45
C ALA A 16 5.77 4.27 3.45
N TYR A 17 6.42 3.51 2.58
CA TYR A 17 7.30 4.08 1.57
C TYR A 17 7.45 3.13 0.37
N GLY A 18 7.53 3.72 -0.83
CA GLY A 18 7.66 2.92 -2.03
C GLY A 18 7.26 3.68 -3.27
N PRO A 19 7.52 3.08 -4.45
CA PRO A 19 7.19 3.69 -5.74
C PRO A 19 5.69 3.75 -5.99
N GLY A 20 5.00 2.65 -5.68
CA GLY A 20 3.56 2.60 -5.88
C GLY A 20 2.82 3.60 -5.02
N LEU A 21 3.47 4.05 -3.94
CA LEU A 21 2.86 5.02 -3.03
C LEU A 21 3.02 6.44 -3.55
N SER A 22 4.11 6.67 -4.28
CA SER A 22 4.39 7.99 -4.84
C SER A 22 3.67 8.18 -6.17
N HIS A 23 3.70 7.14 -7.00
CA HIS A 23 3.05 7.18 -8.31
C HIS A 23 3.02 5.80 -8.95
N GLY A 24 2.51 5.73 -10.17
CA GLY A 24 2.43 4.46 -10.88
C GLY A 24 1.77 4.59 -12.24
N MET A 25 1.41 3.46 -12.83
CA MET A 25 0.78 3.45 -14.14
C MET A 25 -0.33 2.42 -14.20
N VAL A 26 -1.28 2.64 -15.11
CA VAL A 26 -2.41 1.72 -15.27
C VAL A 26 -1.94 0.33 -15.65
N ASN A 27 -2.66 -0.69 -15.18
CA ASN A 27 -2.31 -2.07 -15.49
C ASN A 27 -0.95 -2.43 -14.90
N LYS A 28 -0.61 -1.81 -13.77
CA LYS A 28 0.66 -2.06 -13.11
C LYS A 28 0.48 -2.13 -11.59
N PRO A 29 0.88 -3.26 -11.00
CA PRO A 29 0.77 -3.47 -9.55
C PRO A 29 1.75 -2.60 -8.76
N ALA A 30 1.23 -1.52 -8.18
CA ALA A 30 2.06 -0.62 -7.40
C ALA A 30 2.54 -1.28 -6.11
N THR A 31 3.81 -1.70 -6.10
CA THR A 31 4.39 -2.35 -4.94
C THR A 31 5.05 -1.34 -4.02
N PHE A 32 4.85 -1.50 -2.71
CA PHE A 32 5.43 -0.60 -1.73
C PHE A 32 5.75 -1.33 -0.44
N THR A 33 6.45 -0.66 0.48
CA THR A 33 6.82 -1.25 1.76
C THR A 33 6.10 -0.57 2.91
N ILE A 34 5.69 -1.35 3.89
CA ILE A 34 5.00 -0.81 5.06
C ILE A 34 5.69 -1.21 6.36
N VAL A 35 6.26 -0.23 7.05
CA VAL A 35 6.96 -0.47 8.30
C VAL A 35 5.99 -0.89 9.40
N THR A 36 6.00 -2.19 9.73
CA THR A 36 5.12 -2.71 10.77
C THR A 36 5.91 -3.50 11.81
N LYS A 37 7.22 -3.29 11.84
CA LYS A 37 8.09 -3.97 12.78
C LYS A 37 7.77 -3.56 14.22
N ASP A 38 7.85 -2.26 14.48
CA ASP A 38 7.56 -1.73 15.81
C ASP A 38 6.09 -1.92 16.17
N ALA A 39 5.21 -1.45 15.29
CA ALA A 39 3.77 -1.58 15.52
C ALA A 39 3.43 -2.90 16.20
N GLY A 40 3.98 -3.99 15.67
CA GLY A 40 3.73 -5.30 16.25
C GLY A 40 2.43 -5.91 15.74
N GLU A 41 2.42 -7.23 15.59
CA GLU A 41 1.23 -7.93 15.12
C GLU A 41 -0.04 -7.29 15.68
N GLY A 42 -0.89 -6.78 14.79
CA GLY A 42 -2.13 -6.16 15.22
C GLY A 42 -3.25 -6.38 14.24
N GLY A 43 -4.04 -5.33 13.98
CA GLY A 43 -5.15 -5.43 13.06
C GLY A 43 -5.06 -4.41 11.94
N LEU A 44 -3.94 -4.41 11.23
CA LEU A 44 -3.74 -3.48 10.12
C LEU A 44 -4.79 -3.68 9.04
N SER A 45 -5.07 -2.62 8.28
CA SER A 45 -6.06 -2.68 7.21
C SER A 45 -5.51 -2.09 5.92
N LEU A 46 -5.93 -2.64 4.79
CA LEU A 46 -5.47 -2.17 3.49
C LEU A 46 -6.65 -1.93 2.55
N ALA A 47 -6.71 -0.73 1.98
CA ALA A 47 -7.79 -0.38 1.06
C ALA A 47 -7.38 0.76 0.14
N VAL A 48 -8.08 0.90 -0.98
CA VAL A 48 -7.78 1.95 -1.94
C VAL A 48 -9.07 2.61 -2.44
N GLU A 49 -8.99 3.91 -2.70
CA GLU A 49 -10.14 4.67 -3.18
C GLU A 49 -9.73 5.66 -4.27
N GLY A 50 -10.25 5.44 -5.48
CA GLY A 50 -9.93 6.31 -6.59
C GLY A 50 -10.95 6.23 -7.71
N PRO A 51 -10.51 6.55 -8.93
CA PRO A 51 -11.37 6.51 -10.12
C PRO A 51 -11.74 5.09 -10.52
N SER A 52 -11.18 4.12 -9.82
CA SER A 52 -11.46 2.71 -10.10
C SER A 52 -11.07 1.83 -8.92
N LYS A 53 -11.61 0.61 -8.89
CA LYS A 53 -11.33 -0.32 -7.80
C LYS A 53 -10.12 -1.19 -8.14
N ALA A 54 -9.04 -0.99 -7.39
CA ALA A 54 -7.82 -1.75 -7.59
C ALA A 54 -7.60 -2.76 -6.47
N GLU A 55 -7.56 -4.03 -6.82
CA GLU A 55 -7.35 -5.09 -5.83
C GLU A 55 -6.02 -4.93 -5.13
N ILE A 56 -6.01 -5.18 -3.82
CA ILE A 56 -4.78 -5.07 -3.03
C ILE A 56 -4.41 -6.40 -2.39
N THR A 57 -3.16 -6.80 -2.60
CA THR A 57 -2.67 -8.06 -2.04
C THR A 57 -1.68 -7.82 -0.91
N CYS A 58 -1.85 -8.55 0.19
CA CYS A 58 -0.96 -8.41 1.34
C CYS A 58 -0.06 -9.64 1.47
N LYS A 59 1.24 -9.39 1.61
CA LYS A 59 2.21 -10.48 1.76
C LYS A 59 2.72 -10.56 3.19
N ASP A 60 3.15 -11.74 3.59
CA ASP A 60 3.67 -11.96 4.94
C ASP A 60 5.17 -12.25 4.91
N ASN A 61 5.96 -11.27 5.32
CA ASN A 61 7.41 -11.42 5.34
C ASN A 61 7.90 -11.87 6.73
N LYS A 62 7.06 -11.68 7.73
CA LYS A 62 7.40 -12.07 9.10
C LYS A 62 8.81 -11.60 9.45
N ASP A 63 9.24 -10.52 8.84
CA ASP A 63 10.57 -9.97 9.10
C ASP A 63 10.48 -8.62 9.78
N GLY A 64 9.32 -7.98 9.67
CA GLY A 64 9.12 -6.67 10.29
C GLY A 64 8.35 -5.72 9.40
N THR A 65 8.24 -6.08 8.12
CA THR A 65 7.53 -5.24 7.16
C THR A 65 6.48 -6.04 6.40
N CYS A 66 5.65 -5.35 5.64
CA CYS A 66 4.60 -5.99 4.86
C CYS A 66 4.61 -5.51 3.42
N THR A 67 4.69 -6.45 2.48
CA THR A 67 4.72 -6.11 1.06
C THR A 67 3.32 -6.14 0.46
N VAL A 68 2.89 -5.02 -0.10
CA VAL A 68 1.57 -4.93 -0.71
C VAL A 68 1.66 -4.36 -2.12
N SER A 69 0.76 -4.82 -3.00
CA SER A 69 0.74 -4.37 -4.38
C SER A 69 -0.70 -4.24 -4.89
N TYR A 70 -1.01 -3.09 -5.47
CA TYR A 70 -2.35 -2.85 -6.00
C TYR A 70 -2.30 -2.59 -7.51
N LEU A 71 -3.17 -3.29 -8.24
CA LEU A 71 -3.23 -3.13 -9.69
C LEU A 71 -4.45 -2.32 -10.10
N PRO A 72 -4.24 -1.03 -10.37
CA PRO A 72 -5.31 -0.11 -10.79
C PRO A 72 -5.83 -0.43 -12.19
N THR A 73 -6.94 0.20 -12.55
CA THR A 73 -7.54 -0.02 -13.87
C THR A 73 -7.67 1.30 -14.63
N ALA A 74 -7.66 2.40 -13.89
CA ALA A 74 -7.76 3.72 -14.50
C ALA A 74 -6.79 4.71 -13.86
N PRO A 75 -6.24 5.61 -14.67
CA PRO A 75 -5.29 6.63 -14.20
C PRO A 75 -5.95 7.68 -13.32
N GLY A 76 -5.24 8.12 -12.28
CA GLY A 76 -5.78 9.11 -11.38
C GLY A 76 -5.12 9.08 -10.02
N ASP A 77 -5.67 9.85 -9.07
CA ASP A 77 -5.13 9.90 -7.73
C ASP A 77 -5.74 8.82 -6.84
N TYR A 78 -4.99 7.75 -6.60
CA TYR A 78 -5.47 6.65 -5.78
C TYR A 78 -5.22 6.92 -4.31
N SER A 79 -6.24 6.66 -3.49
CA SER A 79 -6.14 6.89 -2.05
C SER A 79 -5.97 5.56 -1.30
N ILE A 80 -4.72 5.24 -0.95
CA ILE A 80 -4.42 4.01 -0.24
C ILE A 80 -4.68 4.17 1.25
N ILE A 81 -5.84 3.69 1.71
CA ILE A 81 -6.20 3.77 3.12
C ILE A 81 -5.57 2.63 3.91
N VAL A 82 -4.81 2.99 4.94
CA VAL A 82 -4.15 2.00 5.78
C VAL A 82 -4.30 2.35 7.26
N ARG A 83 -5.14 1.59 7.95
CA ARG A 83 -5.38 1.82 9.37
C ARG A 83 -4.81 0.68 10.21
N PHE A 84 -4.64 0.94 11.51
CA PHE A 84 -4.10 -0.06 12.42
C PHE A 84 -4.78 0.02 13.79
N ASP A 85 -5.64 -0.95 14.07
CA ASP A 85 -6.34 -0.98 15.35
C ASP A 85 -7.37 0.15 15.43
N ASP A 86 -8.05 0.40 14.31
CA ASP A 86 -9.05 1.45 14.25
C ASP A 86 -8.41 2.83 14.33
N LYS A 87 -7.28 2.99 13.64
CA LYS A 87 -6.57 4.25 13.64
C LYS A 87 -5.88 4.49 12.29
N HIS A 88 -5.75 5.75 11.90
CA HIS A 88 -5.11 6.10 10.64
C HIS A 88 -3.62 6.39 10.83
N ILE A 89 -2.79 5.78 9.99
CA ILE A 89 -1.36 5.96 10.08
C ILE A 89 -0.95 7.35 9.56
N PRO A 90 0.18 7.85 10.08
CA PRO A 90 0.71 9.16 9.68
C PRO A 90 1.23 9.18 8.25
N GLY A 91 0.32 9.32 7.29
CA GLY A 91 0.70 9.35 5.90
C GLY A 91 -0.38 8.82 4.98
N SER A 92 -1.40 8.21 5.57
CA SER A 92 -2.51 7.65 4.80
C SER A 92 -3.79 8.47 5.02
N PRO A 93 -4.69 8.43 4.03
CA PRO A 93 -4.48 7.66 2.80
C PRO A 93 -3.39 8.28 1.92
N PHE A 94 -2.50 7.42 1.41
CA PHE A 94 -1.42 7.87 0.55
C PHE A 94 -1.90 8.10 -0.86
N THR A 95 -2.00 9.37 -1.26
CA THR A 95 -2.45 9.73 -2.59
C THR A 95 -1.39 9.41 -3.64
N ALA A 96 -1.56 8.29 -4.32
CA ALA A 96 -0.62 7.86 -5.35
C ALA A 96 -1.14 8.22 -6.75
N LYS A 97 -0.28 8.83 -7.55
CA LYS A 97 -0.64 9.23 -8.90
C LYS A 97 -0.43 8.08 -9.88
N ILE A 98 -1.45 7.79 -10.68
CA ILE A 98 -1.37 6.71 -11.65
C ILE A 98 -1.67 7.22 -13.06
N THR A 99 -0.69 7.12 -13.95
CA THR A 99 -0.85 7.56 -15.32
C THR A 99 -1.23 6.41 -16.25
N GLY A 100 -1.94 6.72 -17.32
CA GLY A 100 -2.35 5.70 -18.26
C GLY A 100 -2.08 6.09 -19.70
N ASP A 101 -2.75 5.41 -20.63
CA ASP A 101 -2.57 5.69 -22.05
C ASP A 101 -3.89 5.52 -22.80
N ASP A 102 -3.87 5.79 -24.10
CA ASP A 102 -5.05 5.66 -24.94
C ASP A 102 -4.89 4.53 -25.94
N SER A 103 -5.91 4.33 -26.77
CA SER A 103 -5.88 3.27 -27.78
C SER A 103 -6.59 3.73 -29.06
N MET A 104 -5.97 3.45 -30.20
CA MET A 104 -6.55 3.82 -31.49
C MET A 104 -6.98 2.58 -32.27
N ARG A 105 -7.53 2.80 -33.46
CA ARG A 105 -7.98 1.70 -34.30
C ARG A 105 -8.86 0.73 -33.50
N SER A 106 -9.78 1.29 -32.72
CA SER A 106 -10.68 0.48 -31.90
C SER A 106 -11.73 -0.20 -32.76
N GLY A 107 -12.20 -1.36 -32.30
CA GLY A 107 -13.21 -2.10 -33.04
C GLY A 107 -12.70 -3.45 -33.53
N PRO A 108 -12.62 -4.41 -32.61
CA PRO A 108 -12.16 -5.77 -32.92
C PRO A 108 -13.14 -6.54 -33.79
N SER A 109 -12.69 -6.97 -34.96
CA SER A 109 -13.54 -7.73 -35.87
C SER A 109 -13.82 -9.13 -35.34
N SER A 110 -12.77 -9.91 -35.18
CA SER A 110 -12.90 -11.28 -34.67
C SER A 110 -12.20 -11.44 -33.32
N GLY A 111 -12.88 -12.09 -32.38
CA GLY A 111 -12.29 -12.30 -31.08
C GLY A 111 -12.05 -13.76 -30.77
N GLY A 1 17.62 -23.71 20.59
CA GLY A 1 18.30 -23.07 19.49
C GLY A 1 19.15 -21.90 19.94
N SER A 2 18.68 -20.69 19.67
CA SER A 2 19.41 -19.48 20.05
C SER A 2 18.45 -18.36 20.45
N SER A 3 18.77 -17.66 21.53
CA SER A 3 17.93 -16.57 22.01
C SER A 3 18.30 -15.26 21.31
N GLY A 4 17.30 -14.39 21.14
CA GLY A 4 17.54 -13.11 20.50
C GLY A 4 17.16 -11.94 21.37
N SER A 5 17.10 -10.75 20.78
CA SER A 5 16.75 -9.54 21.53
C SER A 5 16.26 -8.45 20.59
N SER A 6 15.41 -7.58 21.10
CA SER A 6 14.86 -6.48 20.30
C SER A 6 15.77 -5.25 20.37
N GLY A 7 15.93 -4.72 21.59
CA GLY A 7 16.77 -3.55 21.77
C GLY A 7 16.07 -2.45 22.54
N ALA A 8 14.86 -2.10 22.12
CA ALA A 8 14.08 -1.06 22.77
C ALA A 8 12.59 -1.22 22.48
N ILE A 9 11.77 -0.88 23.47
CA ILE A 9 10.31 -0.99 23.32
C ILE A 9 9.63 0.32 23.69
N ASN A 10 10.31 1.44 23.44
CA ASN A 10 9.77 2.75 23.75
C ASN A 10 9.50 3.55 22.47
N SER A 11 8.91 2.88 21.49
CA SER A 11 8.60 3.53 20.21
C SER A 11 7.81 2.59 19.30
N ARG A 12 6.55 2.92 19.09
CA ARG A 12 5.67 2.10 18.25
C ARG A 12 4.91 2.97 17.25
N HIS A 13 4.97 2.59 15.98
CA HIS A 13 4.29 3.33 14.92
C HIS A 13 4.33 2.57 13.60
N VAL A 14 3.58 3.06 12.61
CA VAL A 14 3.53 2.42 11.30
C VAL A 14 3.64 3.46 10.19
N SER A 15 4.35 3.09 9.12
CA SER A 15 4.54 3.99 7.99
C SER A 15 4.65 3.20 6.69
N ALA A 16 4.58 3.90 5.56
CA ALA A 16 4.69 3.27 4.26
C ALA A 16 5.62 4.06 3.34
N TYR A 17 6.36 3.33 2.51
CA TYR A 17 7.29 3.95 1.58
C TYR A 17 7.56 3.05 0.38
N GLY A 18 7.28 3.56 -0.81
CA GLY A 18 7.49 2.79 -2.02
C GLY A 18 7.16 3.57 -3.27
N PRO A 19 7.48 3.00 -4.44
CA PRO A 19 7.22 3.64 -5.74
C PRO A 19 5.73 3.70 -6.06
N GLY A 20 5.02 2.61 -5.81
CA GLY A 20 3.60 2.56 -6.09
C GLY A 20 2.82 3.58 -5.27
N LEU A 21 3.32 3.89 -4.08
CA LEU A 21 2.66 4.85 -3.20
C LEU A 21 2.82 6.28 -3.74
N SER A 22 4.05 6.63 -4.12
CA SER A 22 4.34 7.95 -4.64
C SER A 22 3.65 8.16 -5.99
N HIS A 23 3.70 7.16 -6.84
CA HIS A 23 3.08 7.23 -8.16
C HIS A 23 3.03 5.85 -8.81
N GLY A 24 2.50 5.81 -10.04
CA GLY A 24 2.40 4.54 -10.75
C GLY A 24 1.82 4.71 -12.14
N MET A 25 1.48 3.59 -12.78
CA MET A 25 0.92 3.62 -14.12
C MET A 25 -0.16 2.56 -14.28
N VAL A 26 -1.09 2.78 -15.22
CA VAL A 26 -2.17 1.84 -15.46
C VAL A 26 -1.63 0.47 -15.84
N ASN A 27 -2.31 -0.58 -15.38
CA ASN A 27 -1.89 -1.95 -15.66
C ASN A 27 -0.53 -2.24 -15.06
N LYS A 28 -0.29 -1.73 -13.86
CA LYS A 28 0.97 -1.93 -13.16
C LYS A 28 0.75 -2.05 -11.65
N PRO A 29 1.15 -3.20 -11.09
CA PRO A 29 1.01 -3.47 -9.65
C PRO A 29 1.95 -2.62 -8.81
N ALA A 30 1.41 -1.57 -8.21
CA ALA A 30 2.20 -0.68 -7.37
C ALA A 30 2.70 -1.39 -6.13
N THR A 31 3.98 -1.78 -6.14
CA THR A 31 4.58 -2.47 -5.02
C THR A 31 5.18 -1.48 -4.02
N PHE A 32 4.81 -1.63 -2.76
CA PHE A 32 5.32 -0.75 -1.70
C PHE A 32 5.52 -1.52 -0.40
N THR A 33 6.31 -0.95 0.50
CA THR A 33 6.59 -1.58 1.78
C THR A 33 5.88 -0.85 2.92
N ILE A 34 5.50 -1.60 3.95
CA ILE A 34 4.83 -1.02 5.10
C ILE A 34 5.57 -1.33 6.39
N VAL A 35 6.08 -0.29 7.04
CA VAL A 35 6.82 -0.46 8.28
C VAL A 35 5.89 -0.90 9.41
N THR A 36 5.87 -2.20 9.68
CA THR A 36 5.03 -2.76 10.72
C THR A 36 5.84 -3.61 11.69
N LYS A 37 7.11 -3.27 11.83
CA LYS A 37 8.00 -4.00 12.73
C LYS A 37 7.88 -3.48 14.16
N ASP A 38 8.01 -2.17 14.32
CA ASP A 38 7.92 -1.55 15.64
C ASP A 38 6.51 -1.73 16.21
N ALA A 39 5.50 -1.35 15.44
CA ALA A 39 4.12 -1.47 15.88
C ALA A 39 3.78 -2.91 16.24
N GLY A 40 4.19 -3.85 15.39
CA GLY A 40 3.92 -5.25 15.64
C GLY A 40 2.56 -5.67 15.13
N GLU A 41 2.47 -6.90 14.62
CA GLU A 41 1.21 -7.42 14.09
C GLU A 41 0.04 -7.01 14.98
N GLY A 42 -0.97 -6.40 14.38
CA GLY A 42 -2.13 -5.95 15.12
C GLY A 42 -3.37 -5.89 14.27
N GLY A 43 -4.16 -4.82 14.45
CA GLY A 43 -5.38 -4.66 13.68
C GLY A 43 -5.21 -3.68 12.53
N LEU A 44 -4.31 -4.01 11.61
CA LEU A 44 -4.06 -3.15 10.45
C LEU A 44 -5.15 -3.30 9.41
N SER A 45 -5.34 -2.26 8.60
CA SER A 45 -6.36 -2.27 7.56
C SER A 45 -5.79 -1.76 6.24
N LEU A 46 -6.34 -2.26 5.14
CA LEU A 46 -5.90 -1.87 3.81
C LEU A 46 -7.08 -1.67 2.87
N ALA A 47 -7.07 -0.56 2.14
CA ALA A 47 -8.14 -0.25 1.20
C ALA A 47 -7.77 0.91 0.29
N VAL A 48 -8.13 0.79 -0.99
CA VAL A 48 -7.82 1.83 -1.97
C VAL A 48 -9.09 2.41 -2.56
N GLU A 49 -9.17 3.74 -2.61
CA GLU A 49 -10.33 4.43 -3.16
C GLU A 49 -9.93 5.39 -4.26
N GLY A 50 -10.28 5.07 -5.50
CA GLY A 50 -9.94 5.92 -6.62
C GLY A 50 -10.93 5.79 -7.77
N PRO A 51 -10.47 6.10 -8.99
CA PRO A 51 -11.31 6.03 -10.19
C PRO A 51 -11.64 4.60 -10.57
N SER A 52 -11.12 3.65 -9.81
CA SER A 52 -11.36 2.22 -10.08
C SER A 52 -10.89 1.37 -8.91
N LYS A 53 -11.64 0.33 -8.60
CA LYS A 53 -11.29 -0.58 -7.51
C LYS A 53 -10.12 -1.48 -7.91
N ALA A 54 -8.94 -1.15 -7.42
CA ALA A 54 -7.75 -1.93 -7.71
C ALA A 54 -7.53 -3.02 -6.67
N GLU A 55 -7.31 -4.25 -7.15
CA GLU A 55 -7.09 -5.38 -6.25
C GLU A 55 -5.82 -5.18 -5.42
N ILE A 56 -5.94 -5.38 -4.12
CA ILE A 56 -4.80 -5.23 -3.22
C ILE A 56 -4.32 -6.59 -2.71
N THR A 57 -3.07 -6.91 -3.00
CA THR A 57 -2.49 -8.19 -2.57
C THR A 57 -1.45 -7.96 -1.49
N CYS A 58 -1.73 -8.48 -0.29
CA CYS A 58 -0.80 -8.33 0.84
C CYS A 58 0.04 -9.60 1.00
N LYS A 59 1.35 -9.42 1.14
CA LYS A 59 2.26 -10.54 1.31
C LYS A 59 2.84 -10.55 2.72
N ASP A 60 3.37 -11.71 3.13
CA ASP A 60 3.95 -11.85 4.46
C ASP A 60 5.47 -12.00 4.36
N ASN A 61 6.19 -11.08 5.00
CA ASN A 61 7.65 -11.11 4.99
C ASN A 61 8.18 -11.93 6.16
N LYS A 62 7.57 -11.77 7.32
CA LYS A 62 7.98 -12.49 8.52
C LYS A 62 9.31 -11.95 9.06
N ASP A 63 9.58 -10.68 8.78
CA ASP A 63 10.81 -10.04 9.24
C ASP A 63 10.51 -8.73 9.96
N GLY A 64 9.42 -8.09 9.57
CA GLY A 64 9.04 -6.83 10.19
C GLY A 64 8.49 -5.83 9.19
N THR A 65 7.81 -6.34 8.16
CA THR A 65 7.23 -5.48 7.13
C THR A 65 6.13 -6.21 6.38
N CYS A 66 5.41 -5.47 5.53
CA CYS A 66 4.32 -6.04 4.75
C CYS A 66 4.41 -5.58 3.29
N THR A 67 4.57 -6.54 2.39
CA THR A 67 4.67 -6.24 0.97
C THR A 67 3.30 -6.28 0.30
N VAL A 68 2.77 -5.12 -0.03
CA VAL A 68 1.46 -5.03 -0.68
C VAL A 68 1.58 -4.45 -2.08
N SER A 69 0.77 -4.96 -3.00
CA SER A 69 0.78 -4.50 -4.39
C SER A 69 -0.64 -4.33 -4.92
N TYR A 70 -0.91 -3.17 -5.50
CA TYR A 70 -2.22 -2.88 -6.05
C TYR A 70 -2.15 -2.62 -7.55
N LEU A 71 -3.04 -3.26 -8.30
CA LEU A 71 -3.08 -3.11 -9.75
C LEU A 71 -4.27 -2.25 -10.18
N PRO A 72 -4.01 -0.96 -10.46
CA PRO A 72 -5.04 -0.01 -10.88
C PRO A 72 -5.55 -0.32 -12.29
N THR A 73 -6.76 0.16 -12.58
CA THR A 73 -7.37 -0.06 -13.89
C THR A 73 -7.44 1.24 -14.69
N ALA A 74 -7.53 2.36 -13.98
CA ALA A 74 -7.60 3.66 -14.62
C ALA A 74 -6.66 4.67 -13.94
N PRO A 75 -6.08 5.56 -14.75
CA PRO A 75 -5.15 6.58 -14.24
C PRO A 75 -5.85 7.64 -13.41
N GLY A 76 -5.21 8.06 -12.33
CA GLY A 76 -5.79 9.07 -11.45
C GLY A 76 -5.16 9.09 -10.08
N ASP A 77 -5.77 9.83 -9.16
CA ASP A 77 -5.25 9.93 -7.80
C ASP A 77 -5.90 8.89 -6.90
N TYR A 78 -5.18 7.82 -6.61
CA TYR A 78 -5.69 6.74 -5.76
C TYR A 78 -5.45 7.06 -4.29
N SER A 79 -6.42 6.70 -3.45
CA SER A 79 -6.32 6.95 -2.03
C SER A 79 -6.14 5.65 -1.26
N ILE A 80 -4.91 5.39 -0.83
CA ILE A 80 -4.59 4.18 -0.09
C ILE A 80 -4.80 4.39 1.41
N ILE A 81 -5.94 3.92 1.92
CA ILE A 81 -6.26 4.05 3.33
C ILE A 81 -5.67 2.89 4.13
N VAL A 82 -4.88 3.22 5.14
CA VAL A 82 -4.26 2.21 5.99
C VAL A 82 -4.41 2.55 7.46
N ARG A 83 -5.31 1.85 8.14
CA ARG A 83 -5.56 2.09 9.56
C ARG A 83 -4.92 0.99 10.41
N PHE A 84 -4.68 1.29 11.68
CA PHE A 84 -4.08 0.33 12.60
C PHE A 84 -4.71 0.45 13.99
N ASP A 85 -5.55 -0.53 14.33
CA ASP A 85 -6.21 -0.54 15.63
C ASP A 85 -7.18 0.64 15.76
N ASP A 86 -7.91 0.92 14.68
CA ASP A 86 -8.87 2.01 14.68
C ASP A 86 -8.16 3.36 14.75
N LYS A 87 -7.06 3.48 14.02
CA LYS A 87 -6.28 4.72 14.01
C LYS A 87 -5.56 4.89 12.68
N HIS A 88 -5.73 6.06 12.06
CA HIS A 88 -5.10 6.35 10.78
C HIS A 88 -3.59 6.58 10.97
N ILE A 89 -2.80 5.94 10.11
CA ILE A 89 -1.34 6.07 10.17
C ILE A 89 -0.89 7.43 9.66
N PRO A 90 0.26 7.90 10.15
CA PRO A 90 0.83 9.18 9.75
C PRO A 90 1.34 9.17 8.31
N GLY A 91 0.44 9.42 7.36
CA GLY A 91 0.82 9.43 5.97
C GLY A 91 -0.30 8.94 5.06
N SER A 92 -1.33 8.37 5.67
CA SER A 92 -2.46 7.85 4.91
C SER A 92 -3.71 8.70 5.13
N PRO A 93 -4.63 8.68 4.14
CA PRO A 93 -4.46 7.89 2.92
C PRO A 93 -3.35 8.44 2.02
N PHE A 94 -2.52 7.55 1.49
CA PHE A 94 -1.43 7.96 0.62
C PHE A 94 -1.93 8.17 -0.81
N THR A 95 -2.09 9.43 -1.20
CA THR A 95 -2.57 9.76 -2.53
C THR A 95 -1.54 9.38 -3.59
N ALA A 96 -1.77 8.24 -4.25
CA ALA A 96 -0.86 7.77 -5.28
C ALA A 96 -1.33 8.20 -6.66
N LYS A 97 -0.43 8.78 -7.44
CA LYS A 97 -0.75 9.24 -8.78
C LYS A 97 -0.50 8.13 -9.81
N ILE A 98 -1.52 7.84 -10.61
CA ILE A 98 -1.42 6.80 -11.64
C ILE A 98 -1.62 7.39 -13.03
N THR A 99 -0.60 7.27 -13.87
CA THR A 99 -0.67 7.79 -15.23
C THR A 99 -0.96 6.67 -16.23
N GLY A 100 -1.53 7.04 -17.37
CA GLY A 100 -1.85 6.05 -18.39
C GLY A 100 -2.71 6.62 -19.50
N ASP A 101 -2.60 6.05 -20.70
CA ASP A 101 -3.37 6.50 -21.84
C ASP A 101 -4.86 6.26 -21.62
N ASP A 102 -5.66 7.31 -21.75
CA ASP A 102 -7.10 7.22 -21.57
C ASP A 102 -7.65 6.00 -22.31
N SER A 103 -7.39 5.93 -23.60
CA SER A 103 -7.86 4.83 -24.43
C SER A 103 -6.70 4.02 -24.99
N MET A 104 -7.02 2.95 -25.70
CA MET A 104 -5.99 2.10 -26.30
C MET A 104 -6.32 1.79 -27.75
N ARG A 105 -5.33 1.29 -28.49
CA ARG A 105 -5.51 0.95 -29.89
C ARG A 105 -5.70 -0.55 -30.07
N SER A 106 -6.95 -0.97 -30.27
CA SER A 106 -7.27 -2.38 -30.45
C SER A 106 -6.28 -3.03 -31.42
N GLY A 107 -5.76 -4.19 -31.02
CA GLY A 107 -4.81 -4.90 -31.86
C GLY A 107 -3.63 -5.45 -31.07
N PRO A 108 -3.90 -6.46 -30.23
CA PRO A 108 -2.86 -7.09 -29.41
C PRO A 108 -1.87 -7.90 -30.24
N SER A 109 -0.59 -7.72 -29.94
CA SER A 109 0.46 -8.44 -30.67
C SER A 109 1.22 -9.38 -29.73
N SER A 110 2.13 -10.15 -30.30
CA SER A 110 2.91 -11.11 -29.53
C SER A 110 4.41 -10.88 -29.74
N GLY A 111 5.21 -11.29 -28.75
CA GLY A 111 6.64 -11.12 -28.85
C GLY A 111 7.35 -11.34 -27.52
N GLY A 1 16.61 -6.89 32.60
CA GLY A 1 15.69 -6.10 31.80
C GLY A 1 14.26 -6.61 31.87
N SER A 2 13.31 -5.74 31.53
CA SER A 2 11.91 -6.11 31.56
C SER A 2 11.25 -5.86 30.20
N SER A 3 11.34 -6.86 29.32
CA SER A 3 10.75 -6.75 27.98
C SER A 3 9.23 -6.85 28.04
N GLY A 4 8.57 -5.71 28.13
CA GLY A 4 7.12 -5.68 28.19
C GLY A 4 6.60 -5.49 29.60
N SER A 5 6.57 -6.59 30.36
CA SER A 5 6.08 -6.54 31.74
C SER A 5 6.72 -5.37 32.50
N SER A 6 5.93 -4.33 32.72
CA SER A 6 6.42 -3.15 33.44
C SER A 6 7.56 -2.48 32.68
N GLY A 7 7.41 -2.41 31.36
CA GLY A 7 8.45 -1.80 30.54
C GLY A 7 7.89 -0.77 29.57
N ALA A 8 7.13 -1.24 28.58
CA ALA A 8 6.55 -0.34 27.59
C ALA A 8 7.55 0.71 27.13
N ILE A 9 8.81 0.32 27.07
CA ILE A 9 9.87 1.24 26.64
C ILE A 9 9.82 1.47 25.13
N ASN A 10 9.24 0.51 24.42
CA ASN A 10 9.13 0.60 22.96
C ASN A 10 8.02 1.56 22.56
N SER A 11 8.17 2.19 21.40
CA SER A 11 7.18 3.13 20.90
C SER A 11 6.58 2.65 19.59
N ARG A 12 5.25 2.65 19.52
CA ARG A 12 4.55 2.21 18.32
C ARG A 12 4.63 3.28 17.22
N HIS A 13 4.78 2.82 15.99
CA HIS A 13 4.86 3.73 14.84
C HIS A 13 4.68 2.97 13.53
N VAL A 14 4.06 3.62 12.56
CA VAL A 14 3.81 3.01 11.25
C VAL A 14 4.06 4.00 10.13
N SER A 15 4.57 3.51 9.01
CA SER A 15 4.86 4.36 7.86
C SER A 15 5.03 3.53 6.60
N ALA A 16 4.63 4.09 5.47
CA ALA A 16 4.74 3.39 4.19
C ALA A 16 5.64 4.16 3.22
N TYR A 17 6.37 3.42 2.40
CA TYR A 17 7.28 4.03 1.43
C TYR A 17 7.50 3.10 0.24
N GLY A 18 7.45 3.67 -0.96
CA GLY A 18 7.64 2.88 -2.17
C GLY A 18 7.28 3.65 -3.42
N PRO A 19 7.59 3.06 -4.59
CA PRO A 19 7.31 3.68 -5.89
C PRO A 19 5.82 3.71 -6.20
N GLY A 20 5.13 2.61 -5.92
CA GLY A 20 3.71 2.53 -6.18
C GLY A 20 2.92 3.56 -5.38
N LEU A 21 3.42 3.91 -4.20
CA LEU A 21 2.76 4.89 -3.34
C LEU A 21 2.93 6.29 -3.90
N SER A 22 4.14 6.62 -4.31
CA SER A 22 4.44 7.94 -4.87
C SER A 22 3.72 8.14 -6.20
N HIS A 23 3.74 7.10 -7.04
CA HIS A 23 3.10 7.16 -8.34
C HIS A 23 3.09 5.78 -9.01
N GLY A 24 2.54 5.72 -10.21
CA GLY A 24 2.48 4.46 -10.94
C GLY A 24 1.84 4.60 -12.30
N MET A 25 1.49 3.47 -12.91
CA MET A 25 0.86 3.48 -14.23
C MET A 25 -0.21 2.40 -14.31
N VAL A 26 -1.17 2.61 -15.20
CA VAL A 26 -2.26 1.65 -15.39
C VAL A 26 -1.73 0.28 -15.78
N ASN A 27 -2.39 -0.77 -15.30
CA ASN A 27 -1.99 -2.13 -15.59
C ASN A 27 -0.59 -2.41 -15.04
N LYS A 28 -0.31 -1.87 -13.86
CA LYS A 28 0.99 -2.07 -13.22
C LYS A 28 0.83 -2.21 -11.71
N PRO A 29 1.28 -3.36 -11.18
CA PRO A 29 1.20 -3.65 -9.75
C PRO A 29 2.15 -2.78 -8.93
N ALA A 30 1.61 -1.72 -8.34
CA ALA A 30 2.41 -0.81 -7.53
C ALA A 30 2.88 -1.48 -6.25
N THR A 31 4.17 -1.80 -6.20
CA THR A 31 4.75 -2.46 -5.03
C THR A 31 5.34 -1.44 -4.07
N PHE A 32 5.02 -1.58 -2.79
CA PHE A 32 5.51 -0.67 -1.76
C PHE A 32 5.75 -1.41 -0.45
N THR A 33 6.54 -0.82 0.43
CA THR A 33 6.85 -1.42 1.72
C THR A 33 6.08 -0.73 2.85
N ILE A 34 5.66 -1.50 3.83
CA ILE A 34 4.93 -0.97 4.97
C ILE A 34 5.65 -1.26 6.28
N VAL A 35 6.16 -0.21 6.92
CA VAL A 35 6.87 -0.35 8.18
C VAL A 35 5.92 -0.76 9.30
N THR A 36 5.89 -2.06 9.59
CA THR A 36 5.03 -2.58 10.64
C THR A 36 5.83 -3.37 11.67
N LYS A 37 7.10 -3.03 11.82
CA LYS A 37 7.97 -3.70 12.76
C LYS A 37 7.55 -3.42 14.20
N ASP A 38 7.09 -2.19 14.44
CA ASP A 38 6.65 -1.78 15.77
C ASP A 38 5.23 -2.26 16.04
N ALA A 39 4.31 -1.94 15.12
CA ALA A 39 2.92 -2.34 15.27
C ALA A 39 2.80 -3.78 15.77
N GLY A 40 3.59 -4.68 15.17
CA GLY A 40 3.56 -6.07 15.57
C GLY A 40 2.26 -6.75 15.20
N GLU A 41 1.34 -6.83 16.16
CA GLU A 41 0.04 -7.47 15.92
C GLU A 41 -1.09 -6.54 16.32
N GLY A 42 -2.18 -6.58 15.54
CA GLY A 42 -3.33 -5.73 15.83
C GLY A 42 -4.44 -5.91 14.81
N GLY A 43 -4.96 -4.81 14.31
CA GLY A 43 -6.04 -4.86 13.33
C GLY A 43 -5.80 -3.94 12.15
N LEU A 44 -4.77 -4.24 11.36
CA LEU A 44 -4.44 -3.43 10.20
C LEU A 44 -5.50 -3.57 9.12
N SER A 45 -5.74 -2.48 8.39
CA SER A 45 -6.74 -2.48 7.33
C SER A 45 -6.16 -1.90 6.05
N LEU A 46 -6.52 -2.50 4.91
CA LEU A 46 -6.05 -2.05 3.61
C LEU A 46 -7.20 -1.83 2.64
N ALA A 47 -7.28 -0.63 2.09
CA ALA A 47 -8.34 -0.30 1.14
C ALA A 47 -8.01 0.99 0.38
N VAL A 48 -8.25 0.96 -0.92
CA VAL A 48 -7.98 2.11 -1.77
C VAL A 48 -9.28 2.73 -2.31
N GLU A 49 -9.31 4.05 -2.39
CA GLU A 49 -10.49 4.76 -2.88
C GLU A 49 -10.11 5.78 -3.95
N GLY A 50 -10.49 5.51 -5.19
CA GLY A 50 -10.18 6.41 -6.28
C GLY A 50 -11.15 6.27 -7.44
N PRO A 51 -10.64 6.50 -8.66
CA PRO A 51 -11.45 6.40 -9.88
C PRO A 51 -11.86 4.97 -10.21
N SER A 52 -11.26 4.02 -9.49
CA SER A 52 -11.56 2.61 -9.71
C SER A 52 -11.09 1.77 -8.51
N LYS A 53 -11.58 0.54 -8.45
CA LYS A 53 -11.21 -0.36 -7.35
C LYS A 53 -9.99 -1.20 -7.74
N ALA A 54 -8.87 -0.94 -7.07
CA ALA A 54 -7.64 -1.67 -7.34
C ALA A 54 -7.45 -2.81 -6.35
N GLU A 55 -7.24 -4.02 -6.86
CA GLU A 55 -7.04 -5.19 -6.02
C GLU A 55 -5.73 -5.08 -5.24
N ILE A 56 -5.84 -5.17 -3.92
CA ILE A 56 -4.66 -5.08 -3.06
C ILE A 56 -4.30 -6.45 -2.47
N THR A 57 -3.03 -6.82 -2.60
CA THR A 57 -2.57 -8.10 -2.09
C THR A 57 -1.55 -7.91 -0.97
N CYS A 58 -1.66 -8.71 0.08
CA CYS A 58 -0.75 -8.62 1.22
C CYS A 58 0.16 -9.85 1.27
N LYS A 59 1.44 -9.60 1.48
CA LYS A 59 2.43 -10.69 1.55
C LYS A 59 3.04 -10.77 2.96
N ASP A 60 3.49 -11.96 3.33
CA ASP A 60 4.10 -12.18 4.64
C ASP A 60 5.61 -12.28 4.52
N ASN A 61 6.31 -11.28 5.05
CA ASN A 61 7.77 -11.27 5.00
C ASN A 61 8.37 -11.89 6.26
N LYS A 62 7.65 -11.76 7.37
CA LYS A 62 8.10 -12.31 8.64
C LYS A 62 9.50 -11.80 8.99
N ASP A 63 9.79 -10.57 8.59
CA ASP A 63 11.08 -9.96 8.86
C ASP A 63 10.92 -8.64 9.59
N GLY A 64 9.72 -8.08 9.53
CA GLY A 64 9.45 -6.81 10.19
C GLY A 64 8.78 -5.81 9.26
N THR A 65 8.24 -6.30 8.15
CA THR A 65 7.58 -5.43 7.19
C THR A 65 6.45 -6.17 6.48
N CYS A 66 5.80 -5.49 5.54
CA CYS A 66 4.71 -6.08 4.78
C CYS A 66 4.73 -5.60 3.34
N THR A 67 4.85 -6.54 2.40
CA THR A 67 4.88 -6.22 0.98
C THR A 67 3.49 -6.27 0.38
N VAL A 68 3.01 -5.11 -0.08
CA VAL A 68 1.69 -5.02 -0.70
C VAL A 68 1.78 -4.46 -2.10
N SER A 69 0.99 -5.02 -3.01
CA SER A 69 0.97 -4.57 -4.39
C SER A 69 -0.46 -4.38 -4.89
N TYR A 70 -0.72 -3.23 -5.51
CA TYR A 70 -2.05 -2.94 -6.03
C TYR A 70 -2.00 -2.70 -7.53
N LEU A 71 -2.98 -3.28 -8.25
CA LEU A 71 -3.05 -3.13 -9.69
C LEU A 71 -4.22 -2.23 -10.09
N PRO A 72 -3.90 -0.97 -10.43
CA PRO A 72 -4.90 0.01 -10.84
C PRO A 72 -5.52 -0.31 -12.20
N THR A 73 -6.73 0.17 -12.43
CA THR A 73 -7.42 -0.06 -13.69
C THR A 73 -7.56 1.22 -14.49
N ALA A 74 -7.58 2.35 -13.80
CA ALA A 74 -7.71 3.65 -14.44
C ALA A 74 -6.74 4.67 -13.84
N PRO A 75 -6.26 5.60 -14.68
CA PRO A 75 -5.33 6.63 -14.24
C PRO A 75 -5.98 7.66 -13.33
N GLY A 76 -5.24 8.08 -12.30
CA GLY A 76 -5.77 9.05 -11.36
C GLY A 76 -5.09 9.00 -10.01
N ASP A 77 -5.62 9.73 -9.05
CA ASP A 77 -5.05 9.75 -7.71
C ASP A 77 -5.75 8.74 -6.80
N TYR A 78 -5.03 7.66 -6.49
CA TYR A 78 -5.57 6.61 -5.64
C TYR A 78 -5.28 6.89 -4.16
N SER A 79 -6.31 6.74 -3.33
CA SER A 79 -6.18 6.99 -1.90
C SER A 79 -6.04 5.67 -1.14
N ILE A 80 -4.80 5.32 -0.79
CA ILE A 80 -4.53 4.09 -0.06
C ILE A 80 -4.77 4.28 1.44
N ILE A 81 -5.94 3.86 1.91
CA ILE A 81 -6.28 3.98 3.32
C ILE A 81 -5.70 2.82 4.12
N VAL A 82 -4.90 3.16 5.13
CA VAL A 82 -4.28 2.15 5.99
C VAL A 82 -4.44 2.51 7.46
N ARG A 83 -5.35 1.81 8.13
CA ARG A 83 -5.61 2.05 9.56
C ARG A 83 -5.03 0.93 10.41
N PHE A 84 -4.83 1.23 11.69
CA PHE A 84 -4.27 0.23 12.62
C PHE A 84 -4.92 0.36 13.99
N ASP A 85 -5.80 -0.59 14.31
CA ASP A 85 -6.49 -0.59 15.59
C ASP A 85 -7.42 0.61 15.71
N ASP A 86 -8.08 0.95 14.62
CA ASP A 86 -9.00 2.08 14.60
C ASP A 86 -8.24 3.40 14.68
N LYS A 87 -7.12 3.47 13.98
CA LYS A 87 -6.30 4.68 13.96
C LYS A 87 -5.57 4.82 12.64
N HIS A 88 -5.73 5.98 12.01
CA HIS A 88 -5.09 6.25 10.72
C HIS A 88 -3.60 6.47 10.90
N ILE A 89 -2.80 5.81 10.06
CA ILE A 89 -1.34 5.94 10.13
C ILE A 89 -0.89 7.30 9.63
N PRO A 90 0.26 7.76 10.13
CA PRO A 90 0.84 9.05 9.74
C PRO A 90 1.35 9.04 8.29
N GLY A 91 0.45 9.29 7.36
CA GLY A 91 0.83 9.30 5.95
C GLY A 91 -0.28 8.81 5.04
N SER A 92 -1.34 8.27 5.64
CA SER A 92 -2.47 7.74 4.88
C SER A 92 -3.71 8.60 5.10
N PRO A 93 -4.62 8.59 4.12
CA PRO A 93 -4.44 7.81 2.88
C PRO A 93 -3.33 8.38 2.00
N PHE A 94 -2.53 7.48 1.42
CA PHE A 94 -1.44 7.89 0.55
C PHE A 94 -1.94 8.13 -0.87
N THR A 95 -2.00 9.40 -1.27
CA THR A 95 -2.45 9.76 -2.60
C THR A 95 -1.43 9.38 -3.67
N ALA A 96 -1.66 8.28 -4.35
CA ALA A 96 -0.75 7.81 -5.39
C ALA A 96 -1.24 8.24 -6.78
N LYS A 97 -0.34 8.82 -7.57
CA LYS A 97 -0.67 9.27 -8.90
C LYS A 97 -0.47 8.15 -9.92
N ILE A 98 -1.54 7.82 -10.64
CA ILE A 98 -1.49 6.76 -11.65
C ILE A 98 -1.82 7.31 -13.03
N THR A 99 -0.88 7.17 -13.95
CA THR A 99 -1.06 7.65 -15.32
C THR A 99 -1.54 6.53 -16.23
N GLY A 100 -2.15 6.90 -17.35
CA GLY A 100 -2.65 5.91 -18.29
C GLY A 100 -2.47 6.35 -19.74
N ASP A 101 -3.28 5.78 -20.63
CA ASP A 101 -3.20 6.11 -22.04
C ASP A 101 -4.56 5.92 -22.72
N ASP A 102 -4.91 6.82 -23.62
CA ASP A 102 -6.17 6.74 -24.34
C ASP A 102 -5.96 6.19 -25.75
N SER A 103 -5.15 5.14 -25.85
CA SER A 103 -4.87 4.52 -27.14
C SER A 103 -4.56 3.03 -26.96
N MET A 104 -5.15 2.21 -27.82
CA MET A 104 -4.92 0.77 -27.76
C MET A 104 -5.43 0.08 -29.03
N ARG A 105 -4.62 -0.82 -29.58
CA ARG A 105 -4.99 -1.54 -30.80
C ARG A 105 -5.37 -2.98 -30.48
N SER A 106 -6.62 -3.33 -30.75
CA SER A 106 -7.13 -4.67 -30.49
C SER A 106 -6.94 -5.56 -31.70
N GLY A 107 -7.58 -5.20 -32.80
CA GLY A 107 -7.47 -5.98 -34.02
C GLY A 107 -8.63 -5.73 -34.97
N PRO A 108 -8.33 -5.68 -36.28
CA PRO A 108 -9.34 -5.46 -37.32
C PRO A 108 -10.28 -6.63 -37.48
N SER A 109 -10.01 -7.71 -36.75
CA SER A 109 -10.83 -8.91 -36.81
C SER A 109 -11.49 -9.20 -35.47
N SER A 110 -12.44 -10.13 -35.47
CA SER A 110 -13.14 -10.50 -34.23
C SER A 110 -12.26 -11.35 -33.33
N GLY A 111 -11.99 -10.86 -32.13
CA GLY A 111 -11.16 -11.59 -31.19
C GLY A 111 -10.66 -10.73 -30.05
N GLY A 1 -11.98 -17.55 22.43
CA GLY A 1 -12.50 -16.84 21.29
C GLY A 1 -11.84 -17.26 19.99
N SER A 2 -12.64 -17.78 19.06
CA SER A 2 -12.13 -18.24 17.78
C SER A 2 -11.61 -17.06 16.96
N SER A 3 -12.50 -16.13 16.64
CA SER A 3 -12.12 -14.95 15.86
C SER A 3 -11.59 -13.85 16.76
N GLY A 4 -10.78 -12.96 16.18
CA GLY A 4 -10.22 -11.85 16.94
C GLY A 4 -8.77 -12.10 17.32
N SER A 5 -7.90 -11.22 16.86
CA SER A 5 -6.47 -11.34 17.15
C SER A 5 -6.17 -10.94 18.59
N SER A 6 -4.92 -11.15 19.01
CA SER A 6 -4.51 -10.81 20.36
C SER A 6 -4.90 -9.38 20.72
N GLY A 7 -5.43 -9.19 21.92
CA GLY A 7 -5.84 -7.87 22.36
C GLY A 7 -4.68 -7.04 22.87
N ALA A 8 -4.07 -6.28 21.98
CA ALA A 8 -2.94 -5.42 22.36
C ALA A 8 -3.05 -4.05 21.71
N ILE A 9 -2.10 -3.17 22.04
CA ILE A 9 -2.10 -1.83 21.49
C ILE A 9 -0.74 -1.47 20.89
N ASN A 10 0.16 -2.46 20.86
CA ASN A 10 1.49 -2.26 20.31
C ASN A 10 1.45 -1.35 19.09
N SER A 11 1.72 -0.07 19.30
CA SER A 11 1.72 0.91 18.22
C SER A 11 2.52 2.15 18.61
N ARG A 12 3.71 2.28 18.04
CA ARG A 12 4.57 3.41 18.32
C ARG A 12 4.66 4.34 17.11
N HIS A 13 4.67 3.74 15.92
CA HIS A 13 4.76 4.51 14.69
C HIS A 13 4.61 3.60 13.47
N VAL A 14 3.95 4.10 12.43
CA VAL A 14 3.74 3.34 11.21
C VAL A 14 3.83 4.24 9.98
N SER A 15 4.56 3.78 8.97
CA SER A 15 4.72 4.54 7.74
C SER A 15 5.17 3.63 6.59
N ALA A 16 4.66 3.91 5.39
CA ALA A 16 5.01 3.13 4.21
C ALA A 16 5.91 3.92 3.27
N TYR A 17 6.64 3.21 2.43
CA TYR A 17 7.55 3.84 1.48
C TYR A 17 7.78 2.94 0.26
N GLY A 18 7.38 3.45 -0.91
CA GLY A 18 7.56 2.68 -2.13
C GLY A 18 7.23 3.49 -3.37
N PRO A 19 7.55 2.93 -4.55
CA PRO A 19 7.30 3.59 -5.83
C PRO A 19 5.82 3.67 -6.16
N GLY A 20 5.09 2.60 -5.85
CA GLY A 20 3.66 2.57 -6.12
C GLY A 20 2.89 3.57 -5.28
N LEU A 21 3.41 3.88 -4.10
CA LEU A 21 2.76 4.82 -3.21
C LEU A 21 2.91 6.25 -3.72
N SER A 22 4.13 6.60 -4.12
CA SER A 22 4.41 7.94 -4.64
C SER A 22 3.70 8.17 -5.97
N HIS A 23 3.74 7.16 -6.84
CA HIS A 23 3.11 7.26 -8.15
C HIS A 23 3.07 5.89 -8.83
N GLY A 24 2.48 5.84 -10.02
CA GLY A 24 2.38 4.60 -10.75
C GLY A 24 1.73 4.76 -12.10
N MET A 25 1.35 3.66 -12.72
CA MET A 25 0.72 3.69 -14.03
C MET A 25 -0.39 2.64 -14.13
N VAL A 26 -1.28 2.82 -15.10
CA VAL A 26 -2.38 1.88 -15.30
C VAL A 26 -1.88 0.51 -15.71
N ASN A 27 -2.57 -0.53 -15.23
CA ASN A 27 -2.18 -1.90 -15.55
C ASN A 27 -0.80 -2.23 -14.98
N LYS A 28 -0.49 -1.65 -13.83
CA LYS A 28 0.79 -1.88 -13.18
C LYS A 28 0.62 -2.04 -11.67
N PRO A 29 1.06 -3.18 -11.14
CA PRO A 29 0.96 -3.48 -9.70
C PRO A 29 1.91 -2.62 -8.87
N ALA A 30 1.37 -1.54 -8.31
CA ALA A 30 2.18 -0.64 -7.49
C ALA A 30 2.63 -1.33 -6.20
N THR A 31 3.89 -1.74 -6.17
CA THR A 31 4.45 -2.42 -5.00
C THR A 31 5.10 -1.41 -4.05
N PHE A 32 4.89 -1.62 -2.76
CA PHE A 32 5.46 -0.74 -1.74
C PHE A 32 5.71 -1.49 -0.44
N THR A 33 6.52 -0.90 0.44
CA THR A 33 6.83 -1.52 1.72
C THR A 33 6.22 -0.73 2.88
N ILE A 34 5.64 -1.45 3.83
CA ILE A 34 5.02 -0.81 4.99
C ILE A 34 5.77 -1.15 6.26
N VAL A 35 6.26 -0.12 6.95
CA VAL A 35 7.00 -0.31 8.20
C VAL A 35 6.09 -0.81 9.31
N THR A 36 6.24 -2.09 9.65
CA THR A 36 5.43 -2.70 10.69
C THR A 36 6.30 -3.46 11.69
N LYS A 37 7.62 -3.27 11.59
CA LYS A 37 8.56 -3.93 12.48
C LYS A 37 8.26 -3.58 13.94
N ASP A 38 7.79 -2.36 14.17
CA ASP A 38 7.46 -1.92 15.53
C ASP A 38 6.06 -2.36 15.91
N ALA A 39 5.10 -2.14 15.00
CA ALA A 39 3.72 -2.51 15.25
C ALA A 39 3.61 -3.97 15.70
N GLY A 40 4.32 -4.85 15.00
CA GLY A 40 4.28 -6.26 15.34
C GLY A 40 3.06 -6.96 14.79
N GLU A 41 2.05 -7.14 15.65
CA GLU A 41 0.82 -7.81 15.25
C GLU A 41 -0.39 -7.14 15.89
N GLY A 42 -1.42 -6.88 15.09
CA GLY A 42 -2.61 -6.24 15.59
C GLY A 42 -3.74 -6.22 14.57
N GLY A 43 -4.42 -5.08 14.47
CA GLY A 43 -5.51 -4.95 13.53
C GLY A 43 -5.23 -3.95 12.44
N LEU A 44 -4.37 -4.33 11.50
CA LEU A 44 -4.00 -3.45 10.39
C LEU A 44 -4.97 -3.62 9.22
N SER A 45 -5.49 -2.49 8.72
CA SER A 45 -6.42 -2.51 7.60
C SER A 45 -5.82 -1.85 6.38
N LEU A 46 -6.10 -2.41 5.21
CA LEU A 46 -5.58 -1.86 3.95
C LEU A 46 -6.67 -1.79 2.89
N ALA A 47 -6.70 -0.70 2.15
CA ALA A 47 -7.69 -0.51 1.09
C ALA A 47 -7.29 0.61 0.14
N VAL A 48 -7.95 0.67 -1.01
CA VAL A 48 -7.66 1.70 -2.00
C VAL A 48 -8.95 2.28 -2.58
N GLU A 49 -9.01 3.60 -2.64
CA GLU A 49 -10.19 4.28 -3.18
C GLU A 49 -9.79 5.30 -4.25
N GLY A 50 -10.04 4.93 -5.50
CA GLY A 50 -9.71 5.82 -6.61
C GLY A 50 -10.73 5.76 -7.74
N PRO A 51 -10.29 6.11 -8.94
CA PRO A 51 -11.15 6.10 -10.13
C PRO A 51 -11.53 4.69 -10.57
N SER A 52 -11.09 3.71 -9.80
CA SER A 52 -11.38 2.31 -10.11
C SER A 52 -10.86 1.39 -9.01
N LYS A 53 -11.62 0.35 -8.71
CA LYS A 53 -11.24 -0.61 -7.67
C LYS A 53 -10.04 -1.43 -8.11
N ALA A 54 -8.95 -1.33 -7.34
CA ALA A 54 -7.73 -2.07 -7.66
C ALA A 54 -7.50 -3.19 -6.65
N GLU A 55 -7.21 -4.38 -7.16
CA GLU A 55 -6.97 -5.54 -6.30
C GLU A 55 -5.65 -5.39 -5.54
N ILE A 56 -5.71 -5.58 -4.23
CA ILE A 56 -4.52 -5.46 -3.39
C ILE A 56 -3.97 -6.84 -3.02
N THR A 57 -2.68 -7.02 -3.23
CA THR A 57 -2.03 -8.29 -2.92
C THR A 57 -1.11 -8.16 -1.70
N CYS A 58 -1.62 -8.58 -0.54
CA CYS A 58 -0.85 -8.51 0.69
C CYS A 58 0.08 -9.71 0.81
N LYS A 59 1.25 -9.49 1.40
CA LYS A 59 2.24 -10.55 1.59
C LYS A 59 2.79 -10.53 3.00
N ASP A 60 3.14 -11.71 3.52
CA ASP A 60 3.68 -11.83 4.86
C ASP A 60 5.17 -12.16 4.82
N ASN A 61 5.99 -11.25 5.37
CA ASN A 61 7.42 -11.45 5.40
C ASN A 61 7.89 -11.98 6.74
N LYS A 62 6.96 -12.07 7.69
CA LYS A 62 7.27 -12.57 9.03
C LYS A 62 8.68 -12.19 9.43
N ASP A 63 9.12 -11.01 9.01
CA ASP A 63 10.45 -10.53 9.34
C ASP A 63 10.39 -9.17 10.03
N GLY A 64 9.32 -8.43 9.77
CA GLY A 64 9.16 -7.12 10.37
C GLY A 64 8.66 -6.09 9.39
N THR A 65 7.88 -6.54 8.40
CA THR A 65 7.33 -5.65 7.40
C THR A 65 6.12 -6.27 6.71
N CYS A 66 5.59 -5.56 5.71
CA CYS A 66 4.43 -6.05 4.97
C CYS A 66 4.45 -5.55 3.53
N THR A 67 4.57 -6.49 2.59
CA THR A 67 4.61 -6.15 1.17
C THR A 67 3.22 -6.17 0.56
N VAL A 68 2.86 -5.09 -0.12
CA VAL A 68 1.55 -4.99 -0.76
C VAL A 68 1.67 -4.48 -2.19
N SER A 69 0.70 -4.83 -3.03
CA SER A 69 0.70 -4.41 -4.42
C SER A 69 -0.71 -4.21 -4.94
N TYR A 70 -0.98 -3.04 -5.50
CA TYR A 70 -2.30 -2.72 -6.03
C TYR A 70 -2.25 -2.47 -7.53
N LEU A 71 -3.14 -3.10 -8.27
CA LEU A 71 -3.19 -2.94 -9.71
C LEU A 71 -4.40 -2.10 -10.13
N PRO A 72 -4.17 -0.82 -10.41
CA PRO A 72 -5.22 0.12 -10.83
C PRO A 72 -5.76 -0.20 -12.23
N THR A 73 -6.97 0.25 -12.50
CA THR A 73 -7.59 0.02 -13.80
C THR A 73 -7.71 1.33 -14.59
N ALA A 74 -7.70 2.45 -13.87
CA ALA A 74 -7.81 3.75 -14.52
C ALA A 74 -6.83 4.74 -13.88
N PRO A 75 -6.31 5.67 -14.71
CA PRO A 75 -5.36 6.68 -14.25
C PRO A 75 -6.02 7.73 -13.35
N GLY A 76 -5.28 8.20 -12.36
CA GLY A 76 -5.80 9.20 -11.45
C GLY A 76 -5.11 9.16 -10.09
N ASP A 77 -5.74 9.79 -9.10
CA ASP A 77 -5.18 9.83 -7.76
C ASP A 77 -5.83 8.77 -6.86
N TYR A 78 -5.09 7.72 -6.55
CA TYR A 78 -5.60 6.64 -5.71
C TYR A 78 -5.37 6.95 -4.24
N SER A 79 -6.35 6.62 -3.41
CA SER A 79 -6.24 6.85 -1.96
C SER A 79 -6.04 5.54 -1.22
N ILE A 80 -4.80 5.30 -0.77
CA ILE A 80 -4.48 4.09 -0.04
C ILE A 80 -4.72 4.27 1.46
N ILE A 81 -5.86 3.78 1.92
CA ILE A 81 -6.21 3.88 3.34
C ILE A 81 -5.51 2.79 4.15
N VAL A 82 -4.79 3.22 5.18
CA VAL A 82 -4.07 2.27 6.05
C VAL A 82 -4.32 2.60 7.52
N ARG A 83 -5.23 1.84 8.13
CA ARG A 83 -5.57 2.04 9.53
C ARG A 83 -4.90 0.98 10.41
N PHE A 84 -4.69 1.31 11.68
CA PHE A 84 -4.06 0.39 12.62
C PHE A 84 -4.72 0.46 13.99
N ASP A 85 -5.50 -0.56 14.33
CA ASP A 85 -6.19 -0.60 15.60
C ASP A 85 -7.22 0.51 15.70
N ASP A 86 -7.92 0.76 14.61
CA ASP A 86 -8.94 1.80 14.57
C ASP A 86 -8.30 3.19 14.66
N LYS A 87 -7.19 3.37 13.97
CA LYS A 87 -6.49 4.65 13.97
C LYS A 87 -5.73 4.86 12.67
N HIS A 88 -5.98 6.00 12.02
CA HIS A 88 -5.32 6.32 10.76
C HIS A 88 -3.84 6.65 10.99
N ILE A 89 -2.98 6.11 10.13
CA ILE A 89 -1.55 6.36 10.23
C ILE A 89 -1.18 7.74 9.70
N PRO A 90 -0.08 8.30 10.22
CA PRO A 90 0.41 9.63 9.81
C PRO A 90 0.96 9.62 8.39
N GLY A 91 0.06 9.72 7.41
CA GLY A 91 0.49 9.74 6.03
C GLY A 91 -0.55 9.15 5.10
N SER A 92 -1.57 8.53 5.68
CA SER A 92 -2.64 7.92 4.89
C SER A 92 -3.96 8.69 5.07
N PRO A 93 -4.84 8.59 4.08
CA PRO A 93 -4.58 7.80 2.87
C PRO A 93 -3.50 8.41 1.98
N PHE A 94 -2.57 7.59 1.52
CA PHE A 94 -1.48 8.06 0.67
C PHE A 94 -1.97 8.27 -0.76
N THR A 95 -2.04 9.53 -1.18
CA THR A 95 -2.49 9.86 -2.52
C THR A 95 -1.44 9.46 -3.56
N ALA A 96 -1.71 8.37 -4.27
CA ALA A 96 -0.80 7.88 -5.30
C ALA A 96 -1.25 8.32 -6.68
N LYS A 97 -0.32 8.85 -7.47
CA LYS A 97 -0.62 9.31 -8.81
C LYS A 97 -0.46 8.18 -9.82
N ILE A 98 -1.48 7.95 -10.64
CA ILE A 98 -1.44 6.90 -11.64
C ILE A 98 -1.71 7.47 -13.04
N THR A 99 -0.72 7.34 -13.92
CA THR A 99 -0.85 7.83 -15.28
C THR A 99 -1.48 6.79 -16.20
N GLY A 100 -2.20 7.24 -17.21
CA GLY A 100 -2.84 6.34 -18.15
C GLY A 100 -3.05 6.95 -19.51
N ASP A 101 -4.04 6.44 -20.24
CA ASP A 101 -4.34 6.95 -21.57
C ASP A 101 -5.75 6.58 -22.00
N ASP A 102 -6.47 7.53 -22.58
CA ASP A 102 -7.84 7.30 -23.02
C ASP A 102 -7.86 6.36 -24.23
N SER A 103 -8.97 5.65 -24.39
CA SER A 103 -9.13 4.71 -25.49
C SER A 103 -10.59 4.61 -25.92
N MET A 104 -10.82 4.60 -27.24
CA MET A 104 -12.17 4.50 -27.78
C MET A 104 -12.70 3.08 -27.67
N ARG A 105 -14.01 2.94 -27.56
CA ARG A 105 -14.64 1.64 -27.45
C ARG A 105 -15.07 1.12 -28.82
N SER A 106 -15.29 -0.19 -28.92
CA SER A 106 -15.69 -0.80 -30.18
C SER A 106 -16.74 -1.88 -29.93
N GLY A 107 -17.35 -2.36 -31.02
CA GLY A 107 -18.37 -3.38 -30.90
C GLY A 107 -18.74 -3.99 -32.24
N PRO A 108 -19.00 -5.31 -32.25
CA PRO A 108 -19.37 -6.03 -33.46
C PRO A 108 -20.76 -5.66 -33.97
N SER A 109 -20.97 -5.82 -35.28
CA SER A 109 -22.26 -5.49 -35.88
C SER A 109 -22.99 -6.76 -36.32
N SER A 110 -22.28 -7.63 -37.03
CA SER A 110 -22.86 -8.88 -37.52
C SER A 110 -22.94 -9.91 -36.40
N GLY A 111 -21.83 -10.11 -35.69
CA GLY A 111 -21.81 -11.07 -34.60
C GLY A 111 -20.99 -10.59 -33.43
N GLY A 1 8.83 -11.71 24.65
CA GLY A 1 7.65 -12.49 24.96
C GLY A 1 6.70 -11.77 25.89
N SER A 2 7.13 -11.56 27.13
CA SER A 2 6.31 -10.88 28.13
C SER A 2 6.57 -9.37 28.10
N SER A 3 5.69 -8.62 28.75
CA SER A 3 5.81 -7.17 28.79
C SER A 3 6.01 -6.69 30.23
N GLY A 4 7.11 -5.97 30.46
CA GLY A 4 7.40 -5.46 31.78
C GLY A 4 7.33 -3.95 31.85
N SER A 5 7.93 -3.38 32.89
CA SER A 5 7.92 -1.93 33.08
C SER A 5 9.32 -1.36 32.90
N SER A 6 10.29 -1.94 33.59
CA SER A 6 11.67 -1.48 33.50
C SER A 6 12.39 -2.16 32.35
N GLY A 7 12.21 -1.61 31.14
CA GLY A 7 12.86 -2.17 29.97
C GLY A 7 13.17 -1.12 28.92
N ALA A 8 12.24 -0.90 28.01
CA ALA A 8 12.43 0.10 26.96
C ALA A 8 11.08 0.57 26.40
N ILE A 9 11.06 1.80 25.90
CA ILE A 9 9.84 2.36 25.34
C ILE A 9 9.59 1.84 23.93
N ASN A 10 8.39 1.30 23.71
CA ASN A 10 8.03 0.76 22.41
C ASN A 10 6.99 1.65 21.73
N SER A 11 7.47 2.67 21.02
CA SER A 11 6.58 3.59 20.31
C SER A 11 5.83 2.89 19.19
N ARG A 12 4.52 2.80 19.32
CA ARG A 12 3.69 2.15 18.32
C ARG A 12 3.36 3.11 17.17
N HIS A 13 3.72 2.72 15.96
CA HIS A 13 3.48 3.56 14.78
C HIS A 13 3.83 2.80 13.51
N VAL A 14 3.08 3.06 12.44
CA VAL A 14 3.31 2.42 11.16
C VAL A 14 3.41 3.44 10.04
N SER A 15 4.35 3.23 9.12
CA SER A 15 4.56 4.13 8.00
C SER A 15 4.85 3.36 6.72
N ALA A 16 4.30 3.83 5.61
CA ALA A 16 4.49 3.18 4.32
C ALA A 16 5.39 4.02 3.42
N TYR A 17 6.19 3.36 2.60
CA TYR A 17 7.10 4.04 1.69
C TYR A 17 7.45 3.16 0.50
N GLY A 18 7.33 3.71 -0.71
CA GLY A 18 7.64 2.96 -1.90
C GLY A 18 7.20 3.67 -3.17
N PRO A 19 7.51 3.08 -4.33
CA PRO A 19 7.16 3.64 -5.63
C PRO A 19 5.65 3.59 -5.90
N GLY A 20 5.05 2.45 -5.63
CA GLY A 20 3.62 2.29 -5.84
C GLY A 20 2.81 3.29 -5.05
N LEU A 21 3.40 3.82 -3.98
CA LEU A 21 2.72 4.79 -3.13
C LEU A 21 2.91 6.20 -3.66
N SER A 22 4.05 6.44 -4.30
CA SER A 22 4.36 7.75 -4.86
C SER A 22 3.65 7.96 -6.19
N HIS A 23 3.66 6.93 -7.02
CA HIS A 23 3.02 6.99 -8.33
C HIS A 23 2.99 5.63 -9.00
N GLY A 24 2.40 5.56 -10.18
CA GLY A 24 2.32 4.29 -10.90
C GLY A 24 1.61 4.42 -12.23
N MET A 25 1.32 3.30 -12.86
CA MET A 25 0.64 3.30 -14.16
C MET A 25 -0.47 2.26 -14.18
N VAL A 26 -1.41 2.42 -15.11
CA VAL A 26 -2.53 1.49 -15.23
C VAL A 26 -2.04 0.09 -15.60
N ASN A 27 -2.71 -0.93 -15.07
CA ASN A 27 -2.35 -2.31 -15.35
C ASN A 27 -0.97 -2.63 -14.79
N LYS A 28 -0.57 -1.89 -13.77
CA LYS A 28 0.73 -2.09 -13.14
C LYS A 28 0.60 -2.21 -11.63
N PRO A 29 1.06 -3.34 -11.08
CA PRO A 29 1.00 -3.60 -9.63
C PRO A 29 1.95 -2.71 -8.85
N ALA A 30 1.42 -1.66 -8.24
CA ALA A 30 2.22 -0.73 -7.46
C ALA A 30 2.62 -1.36 -6.11
N THR A 31 3.87 -1.82 -6.03
CA THR A 31 4.37 -2.43 -4.81
C THR A 31 5.05 -1.40 -3.91
N PHE A 32 4.89 -1.56 -2.60
CA PHE A 32 5.49 -0.65 -1.64
C PHE A 32 5.82 -1.37 -0.33
N THR A 33 6.59 -0.70 0.52
CA THR A 33 6.97 -1.28 1.80
C THR A 33 6.20 -0.65 2.95
N ILE A 34 5.89 -1.44 3.97
CA ILE A 34 5.15 -0.95 5.12
C ILE A 34 5.86 -1.31 6.42
N VAL A 35 6.21 -0.30 7.20
CA VAL A 35 6.89 -0.51 8.47
C VAL A 35 5.95 -1.11 9.51
N THR A 36 6.14 -2.39 9.80
CA THR A 36 5.31 -3.09 10.78
C THR A 36 6.16 -3.81 11.81
N LYS A 37 7.47 -3.55 11.78
CA LYS A 37 8.39 -4.18 12.72
C LYS A 37 7.94 -3.95 14.16
N ASP A 38 7.56 -2.71 14.46
CA ASP A 38 7.12 -2.36 15.80
C ASP A 38 5.66 -2.77 16.02
N ALA A 39 4.83 -2.51 15.03
CA ALA A 39 3.42 -2.85 15.10
C ALA A 39 3.22 -4.23 15.71
N GLY A 40 3.86 -5.23 15.11
CA GLY A 40 3.74 -6.59 15.61
C GLY A 40 2.50 -7.30 15.09
N GLU A 41 1.45 -7.31 15.91
CA GLU A 41 0.19 -7.95 15.52
C GLU A 41 -1.00 -7.11 15.96
N GLY A 42 -1.90 -6.84 15.02
CA GLY A 42 -3.08 -6.05 15.33
C GLY A 42 -4.20 -6.27 14.32
N GLY A 43 -4.61 -5.19 13.66
CA GLY A 43 -5.68 -5.28 12.68
C GLY A 43 -5.51 -4.28 11.55
N LEU A 44 -4.31 -4.22 10.99
CA LEU A 44 -4.03 -3.29 9.89
C LEU A 44 -5.05 -3.45 8.77
N SER A 45 -5.61 -2.33 8.33
CA SER A 45 -6.60 -2.34 7.27
C SER A 45 -6.03 -1.77 5.98
N LEU A 46 -6.47 -2.30 4.85
CA LEU A 46 -6.00 -1.84 3.55
C LEU A 46 -7.16 -1.64 2.58
N ALA A 47 -7.29 -0.42 2.06
CA ALA A 47 -8.36 -0.11 1.13
C ALA A 47 -8.00 1.09 0.27
N VAL A 48 -8.26 0.99 -1.03
CA VAL A 48 -7.97 2.07 -1.96
C VAL A 48 -9.24 2.72 -2.47
N GLU A 49 -9.20 4.05 -2.63
CA GLU A 49 -10.36 4.79 -3.10
C GLU A 49 -9.95 5.77 -4.20
N GLY A 50 -10.30 5.44 -5.44
CA GLY A 50 -9.96 6.31 -6.56
C GLY A 50 -10.94 6.17 -7.70
N PRO A 51 -10.47 6.48 -8.92
CA PRO A 51 -11.30 6.41 -10.13
C PRO A 51 -11.64 4.97 -10.51
N SER A 52 -11.11 4.02 -9.75
CA SER A 52 -11.35 2.60 -10.02
C SER A 52 -10.93 1.75 -8.82
N LYS A 53 -11.71 0.70 -8.56
CA LYS A 53 -11.41 -0.20 -7.45
C LYS A 53 -10.23 -1.12 -7.78
N ALA A 54 -9.14 -0.96 -7.05
CA ALA A 54 -7.96 -1.78 -7.28
C ALA A 54 -7.73 -2.75 -6.12
N GLU A 55 -7.54 -4.02 -6.45
CA GLU A 55 -7.32 -5.05 -5.44
C GLU A 55 -5.97 -4.85 -4.75
N ILE A 56 -5.89 -5.27 -3.50
CA ILE A 56 -4.66 -5.15 -2.73
C ILE A 56 -4.20 -6.50 -2.20
N THR A 57 -2.95 -6.86 -2.50
CA THR A 57 -2.38 -8.12 -2.05
C THR A 57 -1.17 -7.90 -1.16
N CYS A 58 -1.23 -8.44 0.06
CA CYS A 58 -0.14 -8.30 1.01
C CYS A 58 0.73 -9.56 1.03
N LYS A 59 1.93 -9.43 1.58
CA LYS A 59 2.86 -10.55 1.65
C LYS A 59 3.56 -10.58 3.01
N ASP A 60 3.70 -11.77 3.58
CA ASP A 60 4.36 -11.93 4.87
C ASP A 60 5.86 -12.12 4.69
N ASN A 61 6.63 -11.13 5.12
CA ASN A 61 8.09 -11.17 5.00
C ASN A 61 8.69 -12.02 6.13
N LYS A 62 8.14 -11.86 7.34
CA LYS A 62 8.62 -12.60 8.50
C LYS A 62 9.97 -12.05 8.97
N ASP A 63 10.23 -10.78 8.67
CA ASP A 63 11.47 -10.13 9.07
C ASP A 63 11.20 -8.87 9.87
N GLY A 64 10.00 -8.32 9.70
CA GLY A 64 9.63 -7.10 10.41
C GLY A 64 9.00 -6.07 9.50
N THR A 65 8.37 -6.53 8.44
CA THR A 65 7.72 -5.63 7.48
C THR A 65 6.66 -6.37 6.66
N CYS A 66 6.08 -5.67 5.69
CA CYS A 66 5.05 -6.25 4.84
C CYS A 66 5.14 -5.69 3.42
N THR A 67 4.91 -6.55 2.43
CA THR A 67 4.97 -6.14 1.04
C THR A 67 3.59 -6.17 0.39
N VAL A 68 2.99 -4.99 0.21
CA VAL A 68 1.68 -4.89 -0.39
C VAL A 68 1.76 -4.30 -1.79
N SER A 69 0.81 -4.67 -2.65
CA SER A 69 0.77 -4.18 -4.02
C SER A 69 -0.67 -4.04 -4.50
N TYR A 70 -0.92 -3.01 -5.32
CA TYR A 70 -2.25 -2.77 -5.85
C TYR A 70 -2.20 -2.57 -7.36
N LEU A 71 -3.22 -3.07 -8.05
CA LEU A 71 -3.29 -2.95 -9.51
C LEU A 71 -4.43 -2.02 -9.91
N PRO A 72 -4.08 -0.81 -10.36
CA PRO A 72 -5.07 0.20 -10.78
C PRO A 72 -5.75 -0.20 -12.09
N THR A 73 -6.92 0.38 -12.34
CA THR A 73 -7.67 0.10 -13.56
C THR A 73 -7.82 1.35 -14.41
N ALA A 74 -7.63 2.51 -13.80
CA ALA A 74 -7.74 3.78 -14.51
C ALA A 74 -6.77 4.82 -13.95
N PRO A 75 -6.32 5.74 -14.81
CA PRO A 75 -5.38 6.80 -14.42
C PRO A 75 -6.01 7.82 -13.48
N GLY A 76 -5.24 8.29 -12.51
CA GLY A 76 -5.74 9.27 -11.57
C GLY A 76 -5.06 9.17 -10.22
N ASP A 77 -5.56 9.94 -9.25
CA ASP A 77 -4.99 9.94 -7.91
C ASP A 77 -5.70 8.92 -7.02
N TYR A 78 -5.00 7.86 -6.66
CA TYR A 78 -5.57 6.82 -5.80
C TYR A 78 -5.32 7.12 -4.33
N SER A 79 -6.33 6.85 -3.50
CA SER A 79 -6.23 7.08 -2.07
C SER A 79 -6.07 5.77 -1.30
N ILE A 80 -4.84 5.45 -0.92
CA ILE A 80 -4.56 4.23 -0.19
C ILE A 80 -4.76 4.43 1.31
N ILE A 81 -5.93 4.03 1.81
CA ILE A 81 -6.23 4.17 3.23
C ILE A 81 -5.66 3.00 4.03
N VAL A 82 -4.85 3.33 5.03
CA VAL A 82 -4.23 2.32 5.88
C VAL A 82 -4.44 2.63 7.36
N ARG A 83 -5.43 1.99 7.96
CA ARG A 83 -5.73 2.19 9.37
C ARG A 83 -5.15 1.08 10.23
N PHE A 84 -4.87 1.39 11.50
CA PHE A 84 -4.31 0.41 12.41
C PHE A 84 -5.04 0.44 13.75
N ASP A 85 -5.91 -0.54 13.97
CA ASP A 85 -6.67 -0.63 15.21
C ASP A 85 -7.55 0.61 15.39
N ASP A 86 -8.19 1.04 14.31
CA ASP A 86 -9.05 2.21 14.36
C ASP A 86 -8.23 3.49 14.51
N LYS A 87 -7.11 3.56 13.80
CA LYS A 87 -6.24 4.73 13.86
C LYS A 87 -5.52 4.93 12.52
N HIS A 88 -5.74 6.07 11.91
CA HIS A 88 -5.11 6.39 10.63
C HIS A 88 -3.61 6.65 10.81
N ILE A 89 -2.80 6.05 9.95
CA ILE A 89 -1.36 6.22 10.02
C ILE A 89 -0.93 7.59 9.49
N PRO A 90 0.21 8.08 9.98
CA PRO A 90 0.74 9.39 9.58
C PRO A 90 1.25 9.38 8.15
N GLY A 91 0.34 9.54 7.19
CA GLY A 91 0.72 9.55 5.79
C GLY A 91 -0.38 9.02 4.89
N SER A 92 -1.42 8.45 5.50
CA SER A 92 -2.53 7.90 4.73
C SER A 92 -3.80 8.72 4.96
N PRO A 93 -4.72 8.69 3.98
CA PRO A 93 -4.53 7.90 2.75
C PRO A 93 -3.44 8.48 1.85
N PHE A 94 -2.55 7.62 1.37
CA PHE A 94 -1.47 8.06 0.50
C PHE A 94 -1.98 8.27 -0.93
N THR A 95 -1.96 9.52 -1.38
CA THR A 95 -2.41 9.86 -2.72
C THR A 95 -1.38 9.46 -3.76
N ALA A 96 -1.63 8.36 -4.45
CA ALA A 96 -0.72 7.87 -5.48
C ALA A 96 -1.17 8.32 -6.87
N LYS A 97 -0.23 8.82 -7.66
CA LYS A 97 -0.53 9.29 -9.01
C LYS A 97 -0.38 8.15 -10.02
N ILE A 98 -1.49 7.81 -10.68
CA ILE A 98 -1.48 6.74 -11.67
C ILE A 98 -1.66 7.29 -13.08
N THR A 99 -0.79 6.88 -13.99
CA THR A 99 -0.85 7.34 -15.37
C THR A 99 -1.22 6.19 -16.31
N GLY A 100 -2.11 6.47 -17.26
CA GLY A 100 -2.54 5.46 -18.21
C GLY A 100 -2.05 5.74 -19.61
N ASP A 101 -1.20 4.86 -20.14
CA ASP A 101 -0.66 5.02 -21.48
C ASP A 101 -0.40 3.67 -22.12
N ASP A 102 -0.24 3.66 -23.44
CA ASP A 102 0.02 2.43 -24.18
C ASP A 102 1.48 2.38 -24.65
N SER A 103 2.38 2.02 -23.74
CA SER A 103 3.80 1.93 -24.07
C SER A 103 4.46 0.78 -23.31
N MET A 104 5.74 0.58 -23.57
CA MET A 104 6.50 -0.49 -22.92
C MET A 104 7.45 0.08 -21.88
N ARG A 105 7.90 -0.77 -20.96
CA ARG A 105 8.81 -0.35 -19.91
C ARG A 105 10.21 -0.09 -20.47
N SER A 106 10.86 0.96 -19.97
CA SER A 106 12.19 1.32 -20.42
C SER A 106 13.25 0.51 -19.68
N GLY A 107 13.55 -0.69 -20.18
CA GLY A 107 14.54 -1.53 -19.55
C GLY A 107 15.71 -1.83 -20.48
N PRO A 108 16.45 -0.79 -20.87
CA PRO A 108 17.60 -0.91 -21.76
C PRO A 108 18.78 -1.61 -21.09
N SER A 109 19.31 -2.64 -21.74
CA SER A 109 20.44 -3.39 -21.19
C SER A 109 21.48 -2.45 -20.58
N SER A 110 22.15 -2.93 -19.54
CA SER A 110 23.17 -2.14 -18.86
C SER A 110 23.95 -2.99 -17.87
N GLY A 111 25.27 -2.84 -17.88
CA GLY A 111 26.11 -3.59 -16.98
C GLY A 111 27.57 -3.57 -17.39
N GLY A 1 18.13 -3.28 30.81
CA GLY A 1 19.46 -3.04 31.36
C GLY A 1 20.47 -2.66 30.29
N SER A 2 20.56 -1.36 30.01
CA SER A 2 21.49 -0.87 29.00
C SER A 2 22.29 0.32 29.53
N SER A 3 23.33 0.03 30.29
CA SER A 3 24.18 1.06 30.87
C SER A 3 24.36 2.22 29.88
N GLY A 4 24.77 1.88 28.66
CA GLY A 4 24.98 2.91 27.64
C GLY A 4 23.71 3.24 26.90
N SER A 5 23.06 4.33 27.30
CA SER A 5 21.82 4.76 26.66
C SER A 5 21.96 4.76 25.14
N SER A 6 20.88 4.39 24.45
CA SER A 6 20.88 4.34 22.99
C SER A 6 19.75 5.19 22.42
N GLY A 7 19.57 6.38 22.98
CA GLY A 7 18.52 7.27 22.51
C GLY A 7 17.16 6.89 23.05
N ALA A 8 16.15 6.90 22.18
CA ALA A 8 14.79 6.56 22.56
C ALA A 8 14.05 5.89 21.42
N ILE A 9 13.48 4.72 21.67
CA ILE A 9 12.74 3.99 20.67
C ILE A 9 11.26 4.37 20.67
N ASN A 10 10.77 4.87 19.54
CA ASN A 10 9.38 5.27 19.42
C ASN A 10 8.46 4.30 20.16
N SER A 11 7.34 4.81 20.66
CA SER A 11 6.39 3.99 21.38
C SER A 11 5.57 3.13 20.42
N ARG A 12 5.07 3.76 19.36
CA ARG A 12 4.27 3.05 18.36
C ARG A 12 3.97 3.96 17.18
N HIS A 13 4.50 3.61 16.01
CA HIS A 13 4.28 4.38 14.80
C HIS A 13 4.30 3.49 13.57
N VAL A 14 3.91 4.06 12.42
CA VAL A 14 3.89 3.31 11.17
C VAL A 14 3.94 4.25 9.97
N SER A 15 4.73 3.87 8.97
CA SER A 15 4.87 4.68 7.77
C SER A 15 5.15 3.80 6.55
N ALA A 16 4.63 4.21 5.40
CA ALA A 16 4.81 3.47 4.16
C ALA A 16 5.68 4.24 3.18
N TYR A 17 6.45 3.51 2.38
CA TYR A 17 7.33 4.12 1.40
C TYR A 17 7.62 3.16 0.25
N GLY A 18 7.45 3.65 -0.98
CA GLY A 18 7.68 2.83 -2.15
C GLY A 18 7.33 3.54 -3.44
N PRO A 19 7.65 2.90 -4.58
CA PRO A 19 7.37 3.47 -5.90
C PRO A 19 5.89 3.51 -6.22
N GLY A 20 5.17 2.45 -5.82
CA GLY A 20 3.74 2.39 -6.07
C GLY A 20 2.97 3.46 -5.32
N LEU A 21 3.45 3.82 -4.14
CA LEU A 21 2.81 4.84 -3.32
C LEU A 21 3.04 6.23 -3.91
N SER A 22 4.27 6.51 -4.30
CA SER A 22 4.61 7.80 -4.88
C SER A 22 3.90 8.01 -6.21
N HIS A 23 3.82 6.94 -7.01
CA HIS A 23 3.16 7.01 -8.31
C HIS A 23 3.10 5.63 -8.96
N GLY A 24 2.56 5.58 -10.17
CA GLY A 24 2.46 4.32 -10.88
C GLY A 24 1.77 4.46 -12.22
N MET A 25 1.55 3.34 -12.89
CA MET A 25 0.89 3.34 -14.20
C MET A 25 -0.27 2.35 -14.23
N VAL A 26 -1.17 2.53 -15.20
CA VAL A 26 -2.33 1.65 -15.33
C VAL A 26 -1.90 0.24 -15.70
N ASN A 27 -2.63 -0.75 -15.19
CA ASN A 27 -2.33 -2.15 -15.47
C ASN A 27 -0.96 -2.53 -14.92
N LYS A 28 -0.55 -1.85 -13.84
CA LYS A 28 0.74 -2.12 -13.21
C LYS A 28 0.59 -2.26 -11.71
N PRO A 29 1.13 -3.36 -11.15
CA PRO A 29 1.07 -3.64 -9.72
C PRO A 29 1.95 -2.69 -8.91
N ALA A 30 1.32 -1.69 -8.29
CA ALA A 30 2.04 -0.71 -7.49
C ALA A 30 2.55 -1.34 -6.20
N THR A 31 3.82 -1.74 -6.21
CA THR A 31 4.45 -2.35 -5.05
C THR A 31 5.08 -1.31 -4.14
N PHE A 32 4.94 -1.49 -2.84
CA PHE A 32 5.52 -0.57 -1.87
C PHE A 32 5.85 -1.28 -0.56
N THR A 33 6.54 -0.57 0.33
CA THR A 33 6.93 -1.13 1.61
C THR A 33 6.21 -0.44 2.76
N ILE A 34 5.69 -1.23 3.70
CA ILE A 34 4.97 -0.70 4.85
C ILE A 34 5.67 -1.07 6.15
N VAL A 35 6.13 -0.07 6.89
CA VAL A 35 6.80 -0.29 8.16
C VAL A 35 5.84 -0.84 9.20
N THR A 36 5.99 -2.13 9.51
CA THR A 36 5.14 -2.79 10.50
C THR A 36 5.97 -3.64 11.45
N LYS A 37 7.23 -3.27 11.64
CA LYS A 37 8.12 -4.00 12.54
C LYS A 37 7.77 -3.72 14.00
N ASP A 38 7.73 -2.44 14.36
CA ASP A 38 7.41 -2.05 15.73
C ASP A 38 5.94 -2.29 16.03
N ALA A 39 5.08 -1.74 15.18
CA ALA A 39 3.63 -1.90 15.36
C ALA A 39 3.26 -3.37 15.50
N GLY A 40 3.73 -4.19 14.57
CA GLY A 40 3.43 -5.61 14.61
C GLY A 40 2.13 -5.95 13.91
N GLU A 41 2.08 -7.14 13.31
CA GLU A 41 0.87 -7.57 12.59
C GLU A 41 -0.32 -7.67 13.55
N GLY A 42 -1.19 -6.67 13.50
CA GLY A 42 -2.36 -6.66 14.36
C GLY A 42 -3.65 -6.53 13.57
N GLY A 43 -4.22 -5.33 13.58
CA GLY A 43 -5.47 -5.11 12.86
C GLY A 43 -5.31 -4.11 11.73
N LEU A 44 -4.27 -4.29 10.93
CA LEU A 44 -4.00 -3.40 9.81
C LEU A 44 -5.05 -3.59 8.71
N SER A 45 -5.53 -2.48 8.17
CA SER A 45 -6.55 -2.52 7.11
C SER A 45 -5.98 -1.99 5.81
N LEU A 46 -6.42 -2.57 4.69
CA LEU A 46 -5.96 -2.15 3.37
C LEU A 46 -7.13 -1.91 2.44
N ALA A 47 -7.22 -0.68 1.91
CA ALA A 47 -8.30 -0.32 1.00
C ALA A 47 -7.94 0.93 0.20
N VAL A 48 -8.21 0.91 -1.09
CA VAL A 48 -7.93 2.04 -1.97
C VAL A 48 -9.21 2.66 -2.50
N GLU A 49 -9.24 3.99 -2.54
CA GLU A 49 -10.40 4.71 -3.03
C GLU A 49 -10.02 5.71 -4.13
N GLY A 50 -10.40 5.41 -5.36
CA GLY A 50 -10.09 6.29 -6.47
C GLY A 50 -11.09 6.17 -7.60
N PRO A 51 -10.64 6.49 -8.83
CA PRO A 51 -11.48 6.43 -10.02
C PRO A 51 -11.83 4.99 -10.41
N SER A 52 -11.27 4.04 -9.68
CA SER A 52 -11.51 2.62 -9.95
C SER A 52 -11.05 1.75 -8.79
N LYS A 53 -11.71 0.62 -8.61
CA LYS A 53 -11.38 -0.31 -7.53
C LYS A 53 -10.19 -1.17 -7.91
N ALA A 54 -9.08 -0.99 -7.18
CA ALA A 54 -7.87 -1.76 -7.44
C ALA A 54 -7.59 -2.74 -6.31
N GLU A 55 -7.57 -4.02 -6.64
CA GLU A 55 -7.32 -5.07 -5.64
C GLU A 55 -5.97 -4.87 -4.98
N ILE A 56 -5.90 -5.17 -3.69
CA ILE A 56 -4.66 -5.02 -2.94
C ILE A 56 -4.20 -6.36 -2.35
N THR A 57 -2.95 -6.72 -2.60
CA THR A 57 -2.39 -7.97 -2.11
C THR A 57 -1.77 -7.78 -0.73
N CYS A 58 -1.17 -8.85 -0.21
CA CYS A 58 -0.54 -8.81 1.10
C CYS A 58 0.35 -10.03 1.32
N LYS A 59 1.59 -9.78 1.71
CA LYS A 59 2.54 -10.86 1.96
C LYS A 59 3.05 -10.83 3.39
N ASP A 60 3.55 -11.96 3.88
CA ASP A 60 4.08 -12.05 5.23
C ASP A 60 5.59 -12.28 5.22
N ASN A 61 6.34 -11.23 5.53
CA ASN A 61 7.79 -11.31 5.54
C ASN A 61 8.28 -11.92 6.85
N LYS A 62 7.44 -11.88 7.88
CA LYS A 62 7.78 -12.44 9.17
C LYS A 62 9.15 -11.95 9.63
N ASP A 63 9.50 -10.73 9.23
CA ASP A 63 10.79 -10.14 9.59
C ASP A 63 10.59 -8.76 10.23
N GLY A 64 9.52 -8.08 9.83
CA GLY A 64 9.24 -6.76 10.37
C GLY A 64 8.74 -5.80 9.31
N THR A 65 8.03 -6.34 8.32
CA THR A 65 7.50 -5.51 7.24
C THR A 65 6.31 -6.19 6.57
N CYS A 66 5.76 -5.54 5.55
CA CYS A 66 4.62 -6.09 4.82
C CYS A 66 4.64 -5.62 3.37
N THR A 67 4.73 -6.57 2.44
CA THR A 67 4.75 -6.26 1.01
C THR A 67 3.34 -6.23 0.44
N VAL A 68 2.93 -5.08 -0.08
CA VAL A 68 1.61 -4.93 -0.66
C VAL A 68 1.71 -4.40 -2.10
N SER A 69 0.72 -4.78 -2.92
CA SER A 69 0.69 -4.35 -4.31
C SER A 69 -0.74 -4.18 -4.80
N TYR A 70 -1.00 -3.07 -5.50
CA TYR A 70 -2.33 -2.79 -6.01
C TYR A 70 -2.28 -2.53 -7.52
N LEU A 71 -3.20 -3.15 -8.25
CA LEU A 71 -3.27 -2.98 -9.69
C LEU A 71 -4.44 -2.11 -10.09
N PRO A 72 -4.16 -0.83 -10.40
CA PRO A 72 -5.18 0.14 -10.80
C PRO A 72 -5.77 -0.16 -12.18
N THR A 73 -6.96 0.36 -12.44
CA THR A 73 -7.63 0.14 -13.71
C THR A 73 -7.69 1.43 -14.52
N ALA A 74 -7.68 2.56 -13.84
CA ALA A 74 -7.75 3.86 -14.49
C ALA A 74 -6.77 4.85 -13.85
N PRO A 75 -6.23 5.77 -14.66
CA PRO A 75 -5.29 6.78 -14.18
C PRO A 75 -5.95 7.82 -13.29
N GLY A 76 -5.23 8.27 -12.27
CA GLY A 76 -5.77 9.26 -11.35
C GLY A 76 -5.10 9.22 -10.00
N ASP A 77 -5.65 9.96 -9.05
CA ASP A 77 -5.10 10.01 -7.69
C ASP A 77 -5.75 8.97 -6.81
N TYR A 78 -5.01 7.89 -6.53
CA TYR A 78 -5.52 6.81 -5.71
C TYR A 78 -5.26 7.10 -4.23
N SER A 79 -6.23 6.75 -3.39
CA SER A 79 -6.13 6.97 -1.95
C SER A 79 -5.97 5.65 -1.20
N ILE A 80 -4.74 5.30 -0.87
CA ILE A 80 -4.45 4.06 -0.15
C ILE A 80 -4.67 4.24 1.35
N ILE A 81 -5.83 3.80 1.82
CA ILE A 81 -6.17 3.90 3.23
C ILE A 81 -5.54 2.77 4.03
N VAL A 82 -4.70 3.13 4.99
CA VAL A 82 -4.02 2.14 5.83
C VAL A 82 -4.24 2.44 7.31
N ARG A 83 -5.18 1.72 7.92
CA ARG A 83 -5.49 1.90 9.33
C ARG A 83 -4.92 0.75 10.17
N PHE A 84 -4.73 0.99 11.45
CA PHE A 84 -4.21 -0.02 12.36
C PHE A 84 -4.91 0.03 13.71
N ASP A 85 -5.76 -0.96 13.97
CA ASP A 85 -6.49 -1.02 15.23
C ASP A 85 -7.47 0.15 15.35
N ASP A 86 -8.10 0.50 14.24
CA ASP A 86 -9.06 1.60 14.21
C ASP A 86 -8.36 2.94 14.37
N LYS A 87 -7.13 3.02 13.84
CA LYS A 87 -6.35 4.25 13.93
C LYS A 87 -5.60 4.50 12.61
N HIS A 88 -5.83 5.68 12.04
CA HIS A 88 -5.18 6.05 10.79
C HIS A 88 -3.70 6.37 11.01
N ILE A 89 -2.84 5.82 10.17
CA ILE A 89 -1.40 6.04 10.27
C ILE A 89 -1.02 7.43 9.76
N PRO A 90 0.09 7.97 10.29
CA PRO A 90 0.58 9.29 9.91
C PRO A 90 1.13 9.31 8.48
N GLY A 91 0.24 9.47 7.51
CA GLY A 91 0.66 9.50 6.12
C GLY A 91 -0.39 8.94 5.19
N SER A 92 -1.41 8.32 5.76
CA SER A 92 -2.49 7.73 4.97
C SER A 92 -3.79 8.49 5.16
N PRO A 93 -4.68 8.42 4.14
CA PRO A 93 -4.42 7.64 2.93
C PRO A 93 -3.33 8.27 2.06
N PHE A 94 -2.45 7.43 1.53
CA PHE A 94 -1.37 7.90 0.67
C PHE A 94 -1.86 8.16 -0.75
N THR A 95 -1.86 9.43 -1.14
CA THR A 95 -2.31 9.81 -2.47
C THR A 95 -1.30 9.42 -3.54
N ALA A 96 -1.56 8.29 -4.20
CA ALA A 96 -0.66 7.81 -5.25
C ALA A 96 -1.15 8.22 -6.63
N LYS A 97 -0.25 8.76 -7.43
CA LYS A 97 -0.59 9.21 -8.78
C LYS A 97 -0.41 8.07 -9.78
N ILE A 98 -1.47 7.81 -10.55
CA ILE A 98 -1.44 6.76 -11.55
C ILE A 98 -1.67 7.31 -12.96
N THR A 99 -0.74 7.05 -13.85
CA THR A 99 -0.86 7.52 -15.23
C THR A 99 -1.28 6.39 -16.17
N GLY A 100 -1.99 6.75 -17.24
CA GLY A 100 -2.43 5.75 -18.19
C GLY A 100 -2.17 6.16 -19.62
N ASP A 101 -1.34 5.39 -20.32
CA ASP A 101 -1.00 5.66 -21.70
C ASP A 101 -1.01 4.39 -22.54
N ASP A 102 -0.77 4.54 -23.84
CA ASP A 102 -0.76 3.40 -24.75
C ASP A 102 0.58 3.31 -25.49
N SER A 103 0.91 2.11 -25.95
CA SER A 103 2.16 1.89 -26.66
C SER A 103 1.90 1.24 -28.02
N MET A 104 2.93 1.17 -28.84
CA MET A 104 2.82 0.57 -30.17
C MET A 104 2.89 -0.95 -30.09
N ARG A 105 1.77 -1.60 -30.36
CA ARG A 105 1.70 -3.05 -30.32
C ARG A 105 2.72 -3.68 -31.28
N SER A 106 3.08 -4.92 -31.02
CA SER A 106 4.05 -5.63 -31.85
C SER A 106 3.65 -7.10 -32.03
N GLY A 107 4.08 -7.68 -33.14
CA GLY A 107 3.76 -9.07 -33.42
C GLY A 107 4.13 -9.48 -34.83
N PRO A 108 4.53 -10.75 -34.99
CA PRO A 108 4.91 -11.30 -36.29
C PRO A 108 3.73 -11.45 -37.24
N SER A 109 3.98 -11.99 -38.43
CA SER A 109 2.92 -12.19 -39.42
C SER A 109 3.03 -13.57 -40.05
N SER A 110 1.95 -14.00 -40.70
CA SER A 110 1.92 -15.31 -41.33
C SER A 110 1.14 -15.24 -42.65
N GLY A 111 1.86 -15.39 -43.76
CA GLY A 111 1.22 -15.34 -45.06
C GLY A 111 1.52 -14.07 -45.82
N GLY A 1 18.80 11.42 28.51
CA GLY A 1 17.99 10.75 29.51
C GLY A 1 18.82 9.99 30.51
N SER A 2 18.19 9.55 31.60
CA SER A 2 18.88 8.80 32.64
C SER A 2 18.46 7.34 32.63
N SER A 3 19.42 6.44 32.86
CA SER A 3 19.13 5.01 32.88
C SER A 3 17.91 4.71 33.74
N GLY A 4 16.87 4.16 33.11
CA GLY A 4 15.66 3.83 33.82
C GLY A 4 15.33 2.36 33.75
N SER A 5 14.74 1.82 34.82
CA SER A 5 14.38 0.41 34.86
C SER A 5 13.65 -0.01 33.60
N SER A 6 14.34 -0.77 32.75
CA SER A 6 13.76 -1.22 31.49
C SER A 6 12.48 -2.02 31.75
N GLY A 7 11.34 -1.44 31.38
CA GLY A 7 10.07 -2.10 31.57
C GLY A 7 9.25 -2.17 30.30
N ALA A 8 8.04 -1.62 30.36
CA ALA A 8 7.14 -1.62 29.20
C ALA A 8 7.22 -0.29 28.45
N ILE A 9 7.85 -0.32 27.28
CA ILE A 9 7.98 0.89 26.47
C ILE A 9 6.62 1.39 26.00
N ASN A 10 5.81 0.49 25.48
CA ASN A 10 4.48 0.85 24.99
C ASN A 10 4.56 1.93 23.91
N SER A 11 5.37 1.67 22.89
CA SER A 11 5.54 2.62 21.80
C SER A 11 5.57 1.91 20.45
N ARG A 12 4.88 2.48 19.47
CA ARG A 12 4.82 1.89 18.14
C ARG A 12 4.80 2.98 17.06
N HIS A 13 4.99 2.58 15.82
CA HIS A 13 5.00 3.51 14.69
C HIS A 13 4.82 2.78 13.37
N VAL A 14 3.91 3.29 12.54
CA VAL A 14 3.65 2.68 11.24
C VAL A 14 3.75 3.71 10.13
N SER A 15 4.40 3.34 9.04
CA SER A 15 4.58 4.24 7.90
C SER A 15 4.65 3.45 6.60
N ALA A 16 4.42 4.13 5.48
CA ALA A 16 4.46 3.50 4.16
C ALA A 16 5.37 4.26 3.21
N TYR A 17 6.14 3.54 2.41
CA TYR A 17 7.06 4.15 1.46
C TYR A 17 7.34 3.21 0.30
N GLY A 18 7.35 3.75 -0.92
CA GLY A 18 7.62 2.94 -2.09
C GLY A 18 7.22 3.64 -3.37
N PRO A 19 7.53 3.02 -4.52
CA PRO A 19 7.21 3.57 -5.83
C PRO A 19 5.72 3.55 -6.13
N GLY A 20 5.08 2.42 -5.85
CA GLY A 20 3.65 2.29 -6.10
C GLY A 20 2.85 3.30 -5.31
N LEU A 21 3.42 3.79 -4.21
CA LEU A 21 2.74 4.77 -3.36
C LEU A 21 2.93 6.18 -3.90
N SER A 22 4.16 6.49 -4.30
CA SER A 22 4.47 7.81 -4.84
C SER A 22 3.78 8.03 -6.19
N HIS A 23 3.79 7.00 -7.02
CA HIS A 23 3.17 7.08 -8.34
C HIS A 23 3.18 5.72 -9.03
N GLY A 24 2.70 5.69 -10.26
CA GLY A 24 2.68 4.44 -11.02
C GLY A 24 1.94 4.58 -12.33
N MET A 25 1.54 3.45 -12.90
CA MET A 25 0.83 3.44 -14.17
C MET A 25 -0.46 2.62 -14.08
N VAL A 26 -1.24 2.63 -15.14
CA VAL A 26 -2.49 1.87 -15.19
C VAL A 26 -2.25 0.41 -15.50
N ASN A 27 -2.98 -0.47 -14.82
CA ASN A 27 -2.85 -1.91 -15.03
C ASN A 27 -1.44 -2.38 -14.69
N LYS A 28 -0.91 -1.88 -13.57
CA LYS A 28 0.42 -2.24 -13.12
C LYS A 28 0.44 -2.45 -11.61
N PRO A 29 1.06 -3.56 -11.17
CA PRO A 29 1.17 -3.89 -9.75
C PRO A 29 2.12 -2.96 -9.00
N ALA A 30 1.55 -1.96 -8.35
CA ALA A 30 2.34 -0.99 -7.59
C ALA A 30 2.79 -1.58 -6.26
N THR A 31 4.06 -1.99 -6.19
CA THR A 31 4.61 -2.57 -4.97
C THR A 31 5.20 -1.49 -4.07
N PHE A 32 5.02 -1.66 -2.77
CA PHE A 32 5.54 -0.69 -1.79
C PHE A 32 5.86 -1.39 -0.47
N THR A 33 6.54 -0.66 0.42
CA THR A 33 6.91 -1.20 1.72
C THR A 33 6.12 -0.53 2.84
N ILE A 34 5.72 -1.31 3.83
CA ILE A 34 4.95 -0.79 4.96
C ILE A 34 5.66 -1.09 6.27
N VAL A 35 6.17 -0.03 6.92
CA VAL A 35 6.86 -0.18 8.19
C VAL A 35 5.89 -0.61 9.30
N THR A 36 5.84 -1.91 9.55
CA THR A 36 4.97 -2.45 10.58
C THR A 36 5.74 -3.33 11.56
N LYS A 37 7.05 -3.13 11.62
CA LYS A 37 7.90 -3.89 12.52
C LYS A 37 7.41 -3.79 13.95
N ASP A 38 7.47 -2.58 14.51
CA ASP A 38 7.03 -2.34 15.89
C ASP A 38 5.60 -2.82 16.08
N ALA A 39 4.69 -2.32 15.25
CA ALA A 39 3.28 -2.69 15.33
C ALA A 39 3.12 -4.17 15.67
N GLY A 40 3.88 -5.01 14.97
CA GLY A 40 3.81 -6.44 15.21
C GLY A 40 2.52 -7.04 14.70
N GLU A 41 1.55 -7.21 15.60
CA GLU A 41 0.26 -7.78 15.23
C GLU A 41 -0.88 -7.00 15.87
N GLY A 42 -1.84 -6.58 15.05
CA GLY A 42 -2.98 -5.83 15.55
C GLY A 42 -4.17 -5.91 14.63
N GLY A 43 -4.69 -4.75 14.22
CA GLY A 43 -5.84 -4.72 13.35
C GLY A 43 -5.62 -3.81 12.14
N LEU A 44 -4.65 -4.17 11.30
CA LEU A 44 -4.35 -3.38 10.12
C LEU A 44 -5.44 -3.54 9.06
N SER A 45 -5.60 -2.51 8.23
CA SER A 45 -6.61 -2.53 7.18
C SER A 45 -6.04 -2.01 5.86
N LEU A 46 -6.53 -2.56 4.76
CA LEU A 46 -6.07 -2.15 3.43
C LEU A 46 -7.25 -1.84 2.52
N ALA A 47 -7.33 -0.59 2.06
CA ALA A 47 -8.40 -0.16 1.18
C ALA A 47 -7.95 0.99 0.28
N VAL A 48 -8.26 0.88 -1.00
CA VAL A 48 -7.89 1.92 -1.97
C VAL A 48 -9.12 2.61 -2.53
N GLU A 49 -9.08 3.94 -2.57
CA GLU A 49 -10.20 4.72 -3.10
C GLU A 49 -9.73 5.68 -4.18
N GLY A 50 -10.03 5.33 -5.44
CA GLY A 50 -9.63 6.18 -6.55
C GLY A 50 -10.61 6.10 -7.71
N PRO A 51 -10.11 6.35 -8.93
CA PRO A 51 -10.92 6.31 -10.14
C PRO A 51 -11.37 4.90 -10.51
N SER A 52 -10.98 3.93 -9.69
CA SER A 52 -11.33 2.54 -9.92
C SER A 52 -10.87 1.66 -8.77
N LYS A 53 -11.67 0.65 -8.44
CA LYS A 53 -11.34 -0.28 -7.36
C LYS A 53 -10.23 -1.23 -7.78
N ALA A 54 -9.10 -1.16 -7.08
CA ALA A 54 -7.96 -2.02 -7.38
C ALA A 54 -7.72 -3.01 -6.25
N GLU A 55 -7.48 -4.27 -6.62
CA GLU A 55 -7.22 -5.32 -5.64
C GLU A 55 -5.87 -5.13 -4.97
N ILE A 56 -5.82 -5.41 -3.68
CA ILE A 56 -4.58 -5.27 -2.92
C ILE A 56 -4.09 -6.62 -2.40
N THR A 57 -2.87 -6.99 -2.77
CA THR A 57 -2.30 -8.26 -2.35
C THR A 57 -1.23 -8.04 -1.27
N CYS A 58 -1.48 -8.58 -0.08
CA CYS A 58 -0.55 -8.45 1.02
C CYS A 58 0.32 -9.70 1.14
N LYS A 59 1.56 -9.50 1.61
CA LYS A 59 2.50 -10.60 1.77
C LYS A 59 3.14 -10.56 3.14
N ASP A 60 3.42 -11.73 3.69
CA ASP A 60 4.04 -11.84 5.01
C ASP A 60 5.54 -12.06 4.89
N ASN A 61 6.32 -11.12 5.44
CA ASN A 61 7.77 -11.21 5.39
C ASN A 61 8.32 -11.94 6.61
N LYS A 62 7.74 -11.64 7.78
CA LYS A 62 8.17 -12.28 9.02
C LYS A 62 9.53 -11.74 9.47
N ASP A 63 9.80 -10.48 9.11
CA ASP A 63 11.07 -9.85 9.49
C ASP A 63 10.81 -8.51 10.17
N GLY A 64 9.92 -7.71 9.59
CA GLY A 64 9.60 -6.42 10.15
C GLY A 64 8.99 -5.47 9.13
N THR A 65 8.25 -6.02 8.18
CA THR A 65 7.62 -5.23 7.14
C THR A 65 6.46 -5.98 6.50
N CYS A 66 5.87 -5.37 5.47
CA CYS A 66 4.76 -5.99 4.76
C CYS A 66 4.75 -5.59 3.29
N THR A 67 4.96 -6.58 2.42
CA THR A 67 4.99 -6.34 0.98
C THR A 67 3.59 -6.37 0.39
N VAL A 68 3.10 -5.21 -0.03
CA VAL A 68 1.77 -5.12 -0.62
C VAL A 68 1.84 -4.55 -2.04
N SER A 69 0.85 -4.89 -2.86
CA SER A 69 0.79 -4.41 -4.24
C SER A 69 -0.65 -4.24 -4.69
N TYR A 70 -0.88 -3.23 -5.52
CA TYR A 70 -2.22 -2.95 -6.04
C TYR A 70 -2.19 -2.79 -7.56
N LEU A 71 -3.30 -3.16 -8.20
CA LEU A 71 -3.41 -3.05 -9.65
C LEU A 71 -4.55 -2.11 -10.04
N PRO A 72 -4.19 -0.88 -10.43
CA PRO A 72 -5.16 0.14 -10.84
C PRO A 72 -5.82 -0.20 -12.17
N THR A 73 -6.96 0.42 -12.44
CA THR A 73 -7.70 0.19 -13.67
C THR A 73 -7.83 1.47 -14.48
N ALA A 74 -7.68 2.62 -13.81
CA ALA A 74 -7.77 3.91 -14.48
C ALA A 74 -6.80 4.91 -13.86
N PRO A 75 -6.28 5.83 -14.69
CA PRO A 75 -5.34 6.86 -14.25
C PRO A 75 -6.00 7.90 -13.35
N GLY A 76 -5.27 8.36 -12.33
CA GLY A 76 -5.80 9.36 -11.43
C GLY A 76 -5.12 9.32 -10.07
N ASP A 77 -5.71 10.02 -9.11
CA ASP A 77 -5.16 10.06 -7.76
C ASP A 77 -5.78 8.99 -6.88
N TYR A 78 -5.02 7.92 -6.64
CA TYR A 78 -5.50 6.82 -5.81
C TYR A 78 -5.32 7.12 -4.33
N SER A 79 -6.28 6.68 -3.52
CA SER A 79 -6.24 6.92 -2.08
C SER A 79 -6.02 5.61 -1.32
N ILE A 80 -4.77 5.37 -0.92
CA ILE A 80 -4.43 4.16 -0.18
C ILE A 80 -4.63 4.35 1.31
N ILE A 81 -5.77 3.86 1.82
CA ILE A 81 -6.08 3.97 3.23
C ILE A 81 -5.49 2.81 4.02
N VAL A 82 -4.72 3.13 5.05
CA VAL A 82 -4.10 2.11 5.89
C VAL A 82 -4.30 2.41 7.37
N ARG A 83 -5.30 1.77 7.97
CA ARG A 83 -5.60 1.97 9.39
C ARG A 83 -5.03 0.83 10.23
N PHE A 84 -4.75 1.13 11.49
CA PHE A 84 -4.20 0.13 12.40
C PHE A 84 -4.89 0.19 13.77
N ASP A 85 -5.73 -0.78 14.05
CA ASP A 85 -6.46 -0.84 15.31
C ASP A 85 -7.38 0.36 15.45
N ASP A 86 -8.05 0.72 14.36
CA ASP A 86 -8.97 1.85 14.37
C ASP A 86 -8.21 3.17 14.54
N LYS A 87 -7.07 3.28 13.85
CA LYS A 87 -6.25 4.48 13.92
C LYS A 87 -5.51 4.70 12.61
N HIS A 88 -5.80 5.82 11.95
CA HIS A 88 -5.14 6.16 10.69
C HIS A 88 -3.66 6.44 10.90
N ILE A 89 -2.83 5.83 10.07
CA ILE A 89 -1.38 6.02 10.16
C ILE A 89 -0.98 7.41 9.67
N PRO A 90 0.15 7.91 10.20
CA PRO A 90 0.67 9.23 9.83
C PRO A 90 1.20 9.27 8.40
N GLY A 91 0.29 9.45 7.44
CA GLY A 91 0.69 9.50 6.05
C GLY A 91 -0.40 9.00 5.12
N SER A 92 -1.42 8.36 5.69
CA SER A 92 -2.51 7.82 4.90
C SER A 92 -3.78 8.64 5.12
N PRO A 93 -4.69 8.60 4.12
CA PRO A 93 -4.47 7.84 2.89
C PRO A 93 -3.38 8.43 2.02
N PHE A 94 -2.50 7.58 1.51
CA PHE A 94 -1.40 8.03 0.66
C PHE A 94 -1.89 8.24 -0.78
N THR A 95 -2.01 9.51 -1.16
CA THR A 95 -2.46 9.85 -2.50
C THR A 95 -1.41 9.48 -3.55
N ALA A 96 -1.65 8.39 -4.26
CA ALA A 96 -0.73 7.93 -5.29
C ALA A 96 -1.20 8.37 -6.68
N LYS A 97 -0.25 8.82 -7.50
CA LYS A 97 -0.56 9.27 -8.84
C LYS A 97 -0.33 8.15 -9.86
N ILE A 98 -1.33 7.89 -10.69
CA ILE A 98 -1.24 6.85 -11.70
C ILE A 98 -1.45 7.42 -13.10
N THR A 99 -0.57 7.05 -14.03
CA THR A 99 -0.67 7.52 -15.40
C THR A 99 -1.15 6.42 -16.33
N GLY A 100 -1.86 6.82 -17.40
CA GLY A 100 -2.37 5.84 -18.35
C GLY A 100 -2.13 6.26 -19.79
N ASP A 101 -1.51 5.39 -20.56
CA ASP A 101 -1.23 5.67 -21.96
C ASP A 101 -0.97 4.38 -22.74
N ASP A 102 -1.45 4.34 -23.97
CA ASP A 102 -1.28 3.16 -24.83
C ASP A 102 -0.68 3.55 -26.17
N SER A 103 0.44 2.92 -26.52
CA SER A 103 1.11 3.20 -27.78
C SER A 103 1.10 1.98 -28.69
N MET A 104 0.48 2.13 -29.86
CA MET A 104 0.40 1.03 -30.82
C MET A 104 1.51 1.14 -31.87
N ARG A 105 2.62 0.46 -31.62
CA ARG A 105 3.75 0.48 -32.54
C ARG A 105 3.84 -0.81 -33.33
N SER A 106 4.31 -0.73 -34.57
CA SER A 106 4.43 -1.89 -35.43
C SER A 106 5.81 -1.94 -36.08
N GLY A 107 6.11 -3.05 -36.75
CA GLY A 107 7.39 -3.20 -37.40
C GLY A 107 7.51 -4.51 -38.16
N PRO A 108 8.22 -4.49 -39.29
CA PRO A 108 8.42 -5.67 -40.13
C PRO A 108 9.33 -6.71 -39.46
N SER A 109 10.45 -6.25 -38.93
CA SER A 109 11.40 -7.13 -38.27
C SER A 109 10.76 -7.84 -37.08
N SER A 110 10.79 -9.17 -37.10
CA SER A 110 10.20 -9.96 -36.04
C SER A 110 11.10 -11.14 -35.67
N GLY A 111 11.77 -11.03 -34.53
CA GLY A 111 12.67 -12.09 -34.08
C GLY A 111 13.63 -12.52 -35.17
N GLY A 1 10.72 -18.11 32.17
CA GLY A 1 9.99 -17.65 31.00
C GLY A 1 8.69 -16.96 31.37
N SER A 2 8.34 -15.92 30.61
CA SER A 2 7.12 -15.18 30.86
C SER A 2 6.60 -14.53 29.58
N SER A 3 5.29 -14.32 29.51
CA SER A 3 4.67 -13.71 28.34
C SER A 3 4.14 -12.33 28.66
N GLY A 4 3.44 -12.21 29.78
CA GLY A 4 2.89 -10.93 30.19
C GLY A 4 3.96 -9.93 30.55
N SER A 5 4.30 -9.07 29.61
CA SER A 5 5.33 -8.05 29.82
C SER A 5 4.96 -7.16 31.00
N SER A 6 5.72 -7.27 32.09
CA SER A 6 5.47 -6.48 33.28
C SER A 6 5.49 -4.98 32.96
N GLY A 7 6.55 -4.54 32.30
CA GLY A 7 6.66 -3.14 31.93
C GLY A 7 7.24 -2.95 30.54
N ALA A 8 7.10 -1.74 30.01
CA ALA A 8 7.61 -1.43 28.68
C ALA A 8 7.59 0.08 28.42
N ILE A 9 8.61 0.57 27.74
CA ILE A 9 8.71 2.00 27.42
C ILE A 9 8.87 2.22 25.93
N ASN A 10 9.22 1.16 25.21
CA ASN A 10 9.40 1.23 23.76
C ASN A 10 8.13 1.75 23.08
N SER A 11 8.30 2.77 22.25
CA SER A 11 7.18 3.37 21.54
C SER A 11 6.89 2.61 20.25
N ARG A 12 5.70 2.84 19.69
CA ARG A 12 5.30 2.17 18.46
C ARG A 12 4.81 3.18 17.43
N HIS A 13 4.94 2.83 16.15
CA HIS A 13 4.52 3.71 15.07
C HIS A 13 4.43 2.94 13.75
N VAL A 14 3.86 3.59 12.73
CA VAL A 14 3.73 2.96 11.42
C VAL A 14 3.91 3.98 10.31
N SER A 15 4.52 3.55 9.21
CA SER A 15 4.76 4.42 8.07
C SER A 15 4.91 3.62 6.78
N ALA A 16 4.41 4.17 5.68
CA ALA A 16 4.48 3.51 4.39
C ALA A 16 5.42 4.25 3.44
N TYR A 17 6.16 3.49 2.63
CA TYR A 17 7.09 4.08 1.68
C TYR A 17 7.32 3.15 0.49
N GLY A 18 7.38 3.73 -0.70
CA GLY A 18 7.59 2.94 -1.89
C GLY A 18 7.23 3.70 -3.16
N PRO A 19 7.54 3.10 -4.32
CA PRO A 19 7.25 3.71 -5.62
C PRO A 19 5.76 3.75 -5.94
N GLY A 20 5.07 2.64 -5.66
CA GLY A 20 3.65 2.58 -5.92
C GLY A 20 2.87 3.60 -5.11
N LEU A 21 3.41 3.99 -3.96
CA LEU A 21 2.75 4.97 -3.11
C LEU A 21 2.95 6.38 -3.64
N SER A 22 4.13 6.63 -4.21
CA SER A 22 4.45 7.94 -4.76
C SER A 22 3.82 8.13 -6.13
N HIS A 23 3.81 7.06 -6.91
CA HIS A 23 3.23 7.11 -8.26
C HIS A 23 3.04 5.69 -8.81
N GLY A 24 2.58 5.60 -10.06
CA GLY A 24 2.35 4.32 -10.67
C GLY A 24 1.80 4.43 -12.08
N MET A 25 1.38 3.31 -12.65
CA MET A 25 0.82 3.29 -14.00
C MET A 25 -0.32 2.28 -14.11
N VAL A 26 -1.18 2.46 -15.09
CA VAL A 26 -2.31 1.58 -15.31
C VAL A 26 -1.83 0.17 -15.67
N ASN A 27 -2.57 -0.84 -15.21
CA ASN A 27 -2.22 -2.23 -15.48
C ASN A 27 -0.86 -2.58 -14.89
N LYS A 28 -0.53 -1.93 -13.77
CA LYS A 28 0.75 -2.17 -13.10
C LYS A 28 0.56 -2.23 -11.58
N PRO A 29 0.94 -3.37 -10.98
CA PRO A 29 0.82 -3.58 -9.54
C PRO A 29 1.81 -2.71 -8.75
N ALA A 30 1.30 -1.63 -8.17
CA ALA A 30 2.14 -0.74 -7.37
C ALA A 30 2.61 -1.40 -6.09
N THR A 31 3.88 -1.77 -6.04
CA THR A 31 4.45 -2.40 -4.87
C THR A 31 5.09 -1.38 -3.94
N PHE A 32 4.80 -1.51 -2.65
CA PHE A 32 5.34 -0.60 -1.65
C PHE A 32 5.64 -1.34 -0.34
N THR A 33 6.40 -0.68 0.54
CA THR A 33 6.76 -1.28 1.82
C THR A 33 6.02 -0.60 2.97
N ILE A 34 5.59 -1.40 3.93
CA ILE A 34 4.87 -0.88 5.09
C ILE A 34 5.59 -1.22 6.39
N VAL A 35 6.12 -0.19 7.05
CA VAL A 35 6.84 -0.37 8.30
C VAL A 35 5.90 -0.80 9.42
N THR A 36 5.90 -2.09 9.72
CA THR A 36 5.04 -2.62 10.78
C THR A 36 5.84 -3.46 11.77
N LYS A 37 7.15 -3.23 11.80
CA LYS A 37 8.03 -3.96 12.71
C LYS A 37 7.59 -3.78 14.16
N ASP A 38 7.41 -2.52 14.57
CA ASP A 38 6.99 -2.21 15.92
C ASP A 38 5.50 -2.47 16.11
N ALA A 39 4.69 -1.89 15.24
CA ALA A 39 3.24 -2.07 15.30
C ALA A 39 2.88 -3.49 15.72
N GLY A 40 3.58 -4.47 15.14
CA GLY A 40 3.32 -5.85 15.48
C GLY A 40 1.96 -6.32 14.98
N GLU A 41 1.92 -7.53 14.42
CA GLU A 41 0.68 -8.09 13.91
C GLU A 41 -0.49 -7.77 14.84
N GLY A 42 -1.34 -6.84 14.40
CA GLY A 42 -2.49 -6.46 15.20
C GLY A 42 -3.77 -6.38 14.40
N GLY A 43 -4.18 -5.18 14.04
CA GLY A 43 -5.39 -5.00 13.26
C GLY A 43 -5.24 -3.96 12.17
N LEU A 44 -4.36 -4.23 11.21
CA LEU A 44 -4.11 -3.31 10.11
C LEU A 44 -5.13 -3.53 8.99
N SER A 45 -5.53 -2.44 8.34
CA SER A 45 -6.49 -2.52 7.25
C SER A 45 -5.90 -1.94 5.96
N LEU A 46 -6.36 -2.44 4.83
CA LEU A 46 -5.89 -1.98 3.53
C LEU A 46 -7.04 -1.81 2.55
N ALA A 47 -7.17 -0.60 2.00
CA ALA A 47 -8.23 -0.31 1.05
C ALA A 47 -7.90 0.92 0.21
N VAL A 48 -8.18 0.85 -1.08
CA VAL A 48 -7.92 1.96 -1.99
C VAL A 48 -9.21 2.57 -2.52
N GLU A 49 -9.25 3.89 -2.58
CA GLU A 49 -10.43 4.60 -3.07
C GLU A 49 -10.06 5.62 -4.15
N GLY A 50 -10.34 5.29 -5.40
CA GLY A 50 -10.02 6.19 -6.50
C GLY A 50 -11.02 6.10 -7.63
N PRO A 51 -10.56 6.43 -8.85
CA PRO A 51 -11.41 6.39 -10.05
C PRO A 51 -11.76 4.96 -10.45
N SER A 52 -11.22 3.99 -9.74
CA SER A 52 -11.47 2.59 -10.03
C SER A 52 -11.10 1.70 -8.84
N LYS A 53 -11.65 0.51 -8.81
CA LYS A 53 -11.38 -0.44 -7.73
C LYS A 53 -10.18 -1.31 -8.06
N ALA A 54 -9.07 -1.07 -7.37
CA ALA A 54 -7.85 -1.84 -7.59
C ALA A 54 -7.68 -2.91 -6.51
N GLU A 55 -7.41 -4.14 -6.95
CA GLU A 55 -7.22 -5.26 -6.03
C GLU A 55 -5.90 -5.12 -5.26
N ILE A 56 -5.96 -5.32 -3.96
CA ILE A 56 -4.78 -5.22 -3.11
C ILE A 56 -4.39 -6.58 -2.54
N THR A 57 -3.11 -6.92 -2.66
CA THR A 57 -2.60 -8.19 -2.16
C THR A 57 -1.39 -7.99 -1.26
N CYS A 58 -1.51 -8.47 -0.02
CA CYS A 58 -0.41 -8.34 0.94
C CYS A 58 0.42 -9.61 1.00
N LYS A 59 1.65 -9.49 1.50
CA LYS A 59 2.54 -10.63 1.61
C LYS A 59 3.24 -10.65 2.97
N ASP A 60 3.50 -11.84 3.48
CA ASP A 60 4.17 -11.99 4.77
C ASP A 60 5.66 -12.20 4.59
N ASN A 61 6.44 -11.19 4.96
CA ASN A 61 7.90 -11.26 4.83
C ASN A 61 8.51 -11.97 6.04
N LYS A 62 7.82 -11.90 7.17
CA LYS A 62 8.30 -12.53 8.40
C LYS A 62 9.68 -12.00 8.78
N ASP A 63 9.94 -10.75 8.44
CA ASP A 63 11.22 -10.12 8.75
C ASP A 63 11.00 -8.81 9.52
N GLY A 64 9.78 -8.30 9.48
CA GLY A 64 9.47 -7.07 10.17
C GLY A 64 8.81 -6.05 9.27
N THR A 65 8.20 -6.52 8.18
CA THR A 65 7.53 -5.64 7.24
C THR A 65 6.51 -6.41 6.40
N CYS A 66 5.79 -5.69 5.55
CA CYS A 66 4.77 -6.29 4.70
C CYS A 66 4.89 -5.79 3.27
N THR A 67 4.67 -6.68 2.31
CA THR A 67 4.75 -6.32 0.90
C THR A 67 3.37 -6.35 0.25
N VAL A 68 2.82 -5.17 -0.01
CA VAL A 68 1.50 -5.06 -0.64
C VAL A 68 1.62 -4.52 -2.07
N SER A 69 0.68 -4.92 -2.92
CA SER A 69 0.67 -4.48 -4.31
C SER A 69 -0.75 -4.30 -4.82
N TYR A 70 -1.01 -3.15 -5.43
CA TYR A 70 -2.33 -2.84 -5.95
C TYR A 70 -2.28 -2.62 -7.46
N LEU A 71 -3.18 -3.26 -8.19
CA LEU A 71 -3.23 -3.13 -9.64
C LEU A 71 -4.42 -2.26 -10.06
N PRO A 72 -4.14 -0.98 -10.36
CA PRO A 72 -5.17 -0.03 -10.79
C PRO A 72 -5.72 -0.34 -12.18
N THR A 73 -6.94 0.11 -12.45
CA THR A 73 -7.58 -0.12 -13.74
C THR A 73 -7.73 1.18 -14.51
N ALA A 74 -7.42 2.29 -13.87
CA ALA A 74 -7.52 3.60 -14.50
C ALA A 74 -6.59 4.60 -13.83
N PRO A 75 -6.04 5.52 -14.64
CA PRO A 75 -5.12 6.56 -14.15
C PRO A 75 -5.82 7.60 -13.28
N GLY A 76 -5.14 8.05 -12.24
CA GLY A 76 -5.71 9.04 -11.35
C GLY A 76 -5.08 9.02 -9.97
N ASP A 77 -5.65 9.78 -9.05
CA ASP A 77 -5.13 9.84 -7.69
C ASP A 77 -5.81 8.81 -6.80
N TYR A 78 -5.10 7.71 -6.51
CA TYR A 78 -5.63 6.65 -5.68
C TYR A 78 -5.42 6.96 -4.20
N SER A 79 -6.46 6.74 -3.40
CA SER A 79 -6.39 6.99 -1.97
C SER A 79 -6.20 5.69 -1.19
N ILE A 80 -4.95 5.39 -0.86
CA ILE A 80 -4.63 4.18 -0.11
C ILE A 80 -4.85 4.38 1.39
N ILE A 81 -5.99 3.92 1.88
CA ILE A 81 -6.31 4.04 3.29
C ILE A 81 -5.68 2.91 4.11
N VAL A 82 -4.84 3.29 5.07
CA VAL A 82 -4.16 2.31 5.92
C VAL A 82 -4.37 2.63 7.40
N ARG A 83 -5.27 1.89 8.03
CA ARG A 83 -5.57 2.09 9.45
C ARG A 83 -4.93 1.00 10.29
N PHE A 84 -4.63 1.33 11.54
CA PHE A 84 -4.02 0.37 12.46
C PHE A 84 -4.72 0.40 13.82
N ASP A 85 -5.63 -0.54 14.03
CA ASP A 85 -6.37 -0.63 15.28
C ASP A 85 -7.29 0.58 15.45
N ASP A 86 -8.01 0.92 14.38
CA ASP A 86 -8.93 2.06 14.42
C ASP A 86 -8.17 3.37 14.55
N LYS A 87 -7.03 3.46 13.87
CA LYS A 87 -6.20 4.67 13.92
C LYS A 87 -5.47 4.86 12.59
N HIS A 88 -5.74 5.98 11.93
CA HIS A 88 -5.10 6.29 10.66
C HIS A 88 -3.62 6.58 10.85
N ILE A 89 -2.78 5.96 10.02
CA ILE A 89 -1.34 6.14 10.11
C ILE A 89 -0.94 7.52 9.62
N PRO A 90 0.20 8.03 10.13
CA PRO A 90 0.72 9.35 9.76
C PRO A 90 1.24 9.38 8.32
N GLY A 91 0.32 9.56 7.37
CA GLY A 91 0.70 9.60 5.97
C GLY A 91 -0.38 9.08 5.05
N SER A 92 -1.41 8.47 5.64
CA SER A 92 -2.51 7.93 4.87
C SER A 92 -3.78 8.75 5.08
N PRO A 93 -4.68 8.70 4.08
CA PRO A 93 -4.48 7.92 2.86
C PRO A 93 -3.38 8.49 1.97
N PHE A 94 -2.52 7.62 1.46
CA PHE A 94 -1.42 8.05 0.60
C PHE A 94 -1.91 8.29 -0.83
N THR A 95 -1.88 9.55 -1.26
CA THR A 95 -2.33 9.91 -2.59
C THR A 95 -1.28 9.56 -3.64
N ALA A 96 -1.54 8.50 -4.39
CA ALA A 96 -0.61 8.06 -5.43
C ALA A 96 -1.12 8.44 -6.81
N LYS A 97 -0.21 8.92 -7.67
CA LYS A 97 -0.57 9.32 -9.02
C LYS A 97 -0.32 8.18 -10.01
N ILE A 98 -1.34 7.85 -10.79
CA ILE A 98 -1.24 6.79 -11.77
C ILE A 98 -1.43 7.32 -13.19
N THR A 99 -0.47 7.07 -14.07
CA THR A 99 -0.54 7.52 -15.45
C THR A 99 -1.04 6.41 -16.37
N GLY A 100 -1.49 6.79 -17.56
CA GLY A 100 -1.99 5.81 -18.50
C GLY A 100 -2.24 6.42 -19.88
N ASP A 101 -2.12 5.60 -20.91
CA ASP A 101 -2.35 6.05 -22.28
C ASP A 101 -2.60 4.87 -23.21
N ASP A 102 -2.88 5.17 -24.48
CA ASP A 102 -3.14 4.14 -25.47
C ASP A 102 -1.91 3.92 -26.35
N SER A 103 -1.81 2.72 -26.91
CA SER A 103 -0.68 2.37 -27.77
C SER A 103 -0.89 1.00 -28.42
N MET A 104 -0.81 0.96 -29.74
CA MET A 104 -0.99 -0.29 -30.48
C MET A 104 0.36 -0.95 -30.75
N ARG A 105 0.35 -2.28 -30.87
CA ARG A 105 1.56 -3.03 -31.12
C ARG A 105 2.11 -2.72 -32.51
N SER A 106 3.28 -3.28 -32.83
CA SER A 106 3.91 -3.06 -34.12
C SER A 106 4.85 -4.21 -34.47
N GLY A 107 5.35 -4.20 -35.70
CA GLY A 107 6.25 -5.26 -36.14
C GLY A 107 6.92 -4.92 -37.46
N PRO A 108 8.25 -4.96 -37.48
CA PRO A 108 9.04 -4.67 -38.69
C PRO A 108 8.90 -5.76 -39.75
N SER A 109 7.89 -5.63 -40.59
CA SER A 109 7.64 -6.60 -41.64
C SER A 109 6.52 -6.13 -42.57
N SER A 110 6.50 -6.67 -43.79
CA SER A 110 5.49 -6.30 -44.77
C SER A 110 4.09 -6.67 -44.29
N GLY A 111 3.34 -5.67 -43.87
CA GLY A 111 1.99 -5.91 -43.39
C GLY A 111 1.11 -4.68 -43.47
N GLY A 1 -8.16 -7.16 30.86
CA GLY A 1 -7.74 -7.38 32.24
C GLY A 1 -6.40 -6.74 32.54
N SER A 2 -5.82 -7.10 33.67
CA SER A 2 -4.53 -6.56 34.09
C SER A 2 -3.39 -7.48 33.66
N SER A 3 -2.18 -6.92 33.57
CA SER A 3 -1.01 -7.68 33.17
C SER A 3 0.23 -7.19 33.90
N GLY A 4 1.14 -8.11 34.21
CA GLY A 4 2.36 -7.74 34.90
C GLY A 4 3.03 -6.52 34.28
N SER A 5 4.04 -6.01 34.98
CA SER A 5 4.77 -4.82 34.50
C SER A 5 6.26 -4.94 34.80
N SER A 6 7.08 -4.42 33.90
CA SER A 6 8.53 -4.46 34.06
C SER A 6 9.19 -3.31 33.31
N GLY A 7 10.52 -3.20 33.47
CA GLY A 7 11.25 -2.15 32.81
C GLY A 7 11.48 -2.44 31.33
N ALA A 8 10.39 -2.70 30.61
CA ALA A 8 10.49 -3.00 29.18
C ALA A 8 9.59 -2.06 28.38
N ILE A 9 10.14 -0.91 27.99
CA ILE A 9 9.40 0.07 27.21
C ILE A 9 9.41 -0.29 25.72
N ASN A 10 8.28 -0.07 25.06
CA ASN A 10 8.17 -0.36 23.63
C ASN A 10 7.40 0.74 22.91
N SER A 11 7.86 1.11 21.72
CA SER A 11 7.21 2.15 20.94
C SER A 11 6.39 1.54 19.80
N ARG A 12 5.44 2.31 19.29
CA ARG A 12 4.59 1.85 18.20
C ARG A 12 4.44 2.93 17.12
N HIS A 13 4.73 2.56 15.88
CA HIS A 13 4.63 3.49 14.76
C HIS A 13 4.52 2.74 13.44
N VAL A 14 4.00 3.42 12.42
CA VAL A 14 3.84 2.82 11.10
C VAL A 14 4.06 3.85 10.00
N SER A 15 4.63 3.39 8.88
CA SER A 15 4.91 4.28 7.76
C SER A 15 5.05 3.48 6.47
N ALA A 16 4.40 3.94 5.41
CA ALA A 16 4.45 3.27 4.13
C ALA A 16 5.29 4.06 3.13
N TYR A 17 6.12 3.36 2.38
CA TYR A 17 6.99 4.00 1.39
C TYR A 17 7.25 3.07 0.21
N GLY A 18 7.37 3.64 -0.98
CA GLY A 18 7.63 2.85 -2.17
C GLY A 18 7.29 3.61 -3.45
N PRO A 19 7.58 2.98 -4.60
CA PRO A 19 7.32 3.58 -5.90
C PRO A 19 5.83 3.67 -6.22
N GLY A 20 5.10 2.59 -5.93
CA GLY A 20 3.68 2.56 -6.18
C GLY A 20 2.92 3.59 -5.36
N LEU A 21 3.47 3.94 -4.20
CA LEU A 21 2.84 4.92 -3.33
C LEU A 21 3.01 6.34 -3.88
N SER A 22 4.23 6.67 -4.29
CA SER A 22 4.52 7.98 -4.84
C SER A 22 3.82 8.18 -6.18
N HIS A 23 3.88 7.16 -7.03
CA HIS A 23 3.25 7.22 -8.34
C HIS A 23 3.20 5.84 -8.98
N GLY A 24 2.69 5.79 -10.21
CA GLY A 24 2.60 4.52 -10.92
C GLY A 24 1.90 4.65 -12.25
N MET A 25 1.54 3.51 -12.84
CA MET A 25 0.86 3.51 -14.13
C MET A 25 -0.26 2.46 -14.16
N VAL A 26 -1.25 2.68 -15.01
CA VAL A 26 -2.38 1.75 -15.13
C VAL A 26 -1.91 0.39 -15.60
N ASN A 27 -2.57 -0.66 -15.12
CA ASN A 27 -2.23 -2.03 -15.50
C ASN A 27 -0.87 -2.42 -14.93
N LYS A 28 -0.49 -1.80 -13.83
CA LYS A 28 0.78 -2.08 -13.19
C LYS A 28 0.61 -2.20 -11.67
N PRO A 29 1.07 -3.34 -11.11
CA PRO A 29 0.98 -3.60 -9.68
C PRO A 29 1.90 -2.70 -8.85
N ALA A 30 1.35 -1.61 -8.33
CA ALA A 30 2.13 -0.68 -7.53
C ALA A 30 2.62 -1.33 -6.24
N THR A 31 3.89 -1.76 -6.25
CA THR A 31 4.48 -2.40 -5.08
C THR A 31 5.09 -1.38 -4.13
N PHE A 32 4.91 -1.60 -2.83
CA PHE A 32 5.45 -0.68 -1.83
C PHE A 32 5.71 -1.42 -0.52
N THR A 33 6.46 -0.78 0.38
CA THR A 33 6.78 -1.37 1.67
C THR A 33 6.02 -0.69 2.80
N ILE A 34 5.59 -1.48 3.78
CA ILE A 34 4.85 -0.95 4.91
C ILE A 34 5.56 -1.26 6.23
N VAL A 35 6.07 -0.22 6.88
CA VAL A 35 6.77 -0.38 8.15
C VAL A 35 5.82 -0.81 9.25
N THR A 36 5.86 -2.09 9.59
CA THR A 36 5.00 -2.63 10.64
C THR A 36 5.80 -3.41 11.68
N LYS A 37 7.09 -3.12 11.76
CA LYS A 37 7.97 -3.78 12.71
C LYS A 37 7.58 -3.46 14.14
N ASP A 38 7.46 -2.17 14.44
CA ASP A 38 7.09 -1.72 15.77
C ASP A 38 5.64 -2.09 16.09
N ALA A 39 4.72 -1.64 15.25
CA ALA A 39 3.31 -1.91 15.44
C ALA A 39 3.10 -3.32 16.01
N GLY A 40 3.86 -4.28 15.49
CA GLY A 40 3.73 -5.65 15.97
C GLY A 40 2.55 -6.37 15.35
N GLU A 41 1.45 -6.42 16.09
CA GLU A 41 0.24 -7.10 15.61
C GLU A 41 -1.01 -6.38 16.11
N GLY A 42 -2.05 -6.37 15.28
CA GLY A 42 -3.29 -5.72 15.65
C GLY A 42 -4.38 -5.91 14.61
N GLY A 43 -5.09 -4.84 14.29
CA GLY A 43 -6.16 -4.93 13.31
C GLY A 43 -5.88 -4.09 12.07
N LEU A 44 -4.66 -4.21 11.55
CA LEU A 44 -4.27 -3.47 10.35
C LEU A 44 -5.36 -3.51 9.30
N SER A 45 -5.50 -2.42 8.56
CA SER A 45 -6.51 -2.33 7.51
C SER A 45 -5.91 -1.81 6.21
N LEU A 46 -6.33 -2.38 5.09
CA LEU A 46 -5.84 -1.98 3.79
C LEU A 46 -6.99 -1.81 2.79
N ALA A 47 -7.01 -0.67 2.12
CA ALA A 47 -8.05 -0.38 1.14
C ALA A 47 -7.64 0.77 0.22
N VAL A 48 -8.22 0.80 -0.97
CA VAL A 48 -7.92 1.84 -1.94
C VAL A 48 -9.19 2.48 -2.48
N GLU A 49 -9.22 3.81 -2.49
CA GLU A 49 -10.38 4.55 -2.98
C GLU A 49 -9.98 5.53 -4.07
N GLY A 50 -10.28 5.18 -5.31
CA GLY A 50 -9.95 6.05 -6.43
C GLY A 50 -10.94 5.92 -7.58
N PRO A 51 -10.49 6.29 -8.79
CA PRO A 51 -11.33 6.23 -9.99
C PRO A 51 -11.62 4.79 -10.42
N SER A 52 -11.15 3.83 -9.64
CA SER A 52 -11.35 2.42 -9.94
C SER A 52 -10.88 1.55 -8.78
N LYS A 53 -11.63 0.48 -8.52
CA LYS A 53 -11.31 -0.44 -7.44
C LYS A 53 -10.13 -1.33 -7.83
N ALA A 54 -8.96 -1.05 -7.25
CA ALA A 54 -7.77 -1.83 -7.54
C ALA A 54 -7.55 -2.92 -6.49
N GLU A 55 -7.36 -4.15 -6.95
CA GLU A 55 -7.15 -5.29 -6.06
C GLU A 55 -5.83 -5.15 -5.31
N ILE A 56 -5.89 -5.32 -3.99
CA ILE A 56 -4.70 -5.22 -3.15
C ILE A 56 -4.27 -6.59 -2.64
N THR A 57 -2.98 -6.88 -2.79
CA THR A 57 -2.43 -8.16 -2.34
C THR A 57 -1.91 -8.06 -0.92
N CYS A 58 -1.29 -9.14 -0.43
CA CYS A 58 -0.75 -9.17 0.92
C CYS A 58 0.30 -10.27 1.05
N LYS A 59 1.55 -9.87 1.29
CA LYS A 59 2.64 -10.82 1.45
C LYS A 59 3.24 -10.74 2.85
N ASP A 60 3.55 -11.90 3.41
CA ASP A 60 4.14 -11.97 4.76
C ASP A 60 5.66 -12.09 4.67
N ASN A 61 6.36 -11.13 5.26
CA ASN A 61 7.82 -11.13 5.27
C ASN A 61 8.36 -11.85 6.49
N LYS A 62 7.63 -11.76 7.60
CA LYS A 62 8.04 -12.40 8.84
C LYS A 62 9.39 -11.86 9.31
N ASP A 63 9.71 -10.65 8.91
CA ASP A 63 10.98 -10.02 9.29
C ASP A 63 10.72 -8.70 10.01
N GLY A 64 9.58 -8.07 9.72
CA GLY A 64 9.24 -6.81 10.36
C GLY A 64 8.66 -5.81 9.37
N THR A 65 7.98 -6.31 8.35
CA THR A 65 7.38 -5.46 7.34
C THR A 65 6.25 -6.17 6.61
N CYS A 66 5.68 -5.52 5.61
CA CYS A 66 4.59 -6.09 4.83
C CYS A 66 4.63 -5.61 3.39
N THR A 67 4.69 -6.56 2.46
CA THR A 67 4.74 -6.23 1.04
C THR A 67 3.35 -6.27 0.42
N VAL A 68 2.93 -5.13 -0.12
CA VAL A 68 1.61 -5.03 -0.75
C VAL A 68 1.73 -4.49 -2.18
N SER A 69 0.78 -4.88 -3.03
CA SER A 69 0.77 -4.45 -4.42
C SER A 69 -0.65 -4.32 -4.94
N TYR A 70 -0.95 -3.16 -5.52
CA TYR A 70 -2.28 -2.90 -6.07
C TYR A 70 -2.22 -2.62 -7.56
N LEU A 71 -3.13 -3.22 -8.31
CA LEU A 71 -3.18 -3.04 -9.75
C LEU A 71 -4.38 -2.19 -10.16
N PRO A 72 -4.13 -0.90 -10.43
CA PRO A 72 -5.17 0.04 -10.83
C PRO A 72 -5.72 -0.25 -12.24
N THR A 73 -6.92 0.24 -12.51
CA THR A 73 -7.55 0.02 -13.80
C THR A 73 -7.67 1.33 -14.57
N ALA A 74 -7.63 2.44 -13.85
CA ALA A 74 -7.73 3.76 -14.47
C ALA A 74 -6.76 4.75 -13.82
N PRO A 75 -6.22 5.66 -14.64
CA PRO A 75 -5.27 6.67 -14.17
C PRO A 75 -5.93 7.72 -13.29
N GLY A 76 -5.22 8.13 -12.24
CA GLY A 76 -5.75 9.14 -11.33
C GLY A 76 -5.12 9.06 -9.95
N ASP A 77 -5.62 9.88 -9.04
CA ASP A 77 -5.09 9.91 -7.67
C ASP A 77 -5.75 8.84 -6.81
N TYR A 78 -5.00 7.80 -6.48
CA TYR A 78 -5.50 6.71 -5.65
C TYR A 78 -5.29 6.99 -4.18
N SER A 79 -6.29 6.67 -3.37
CA SER A 79 -6.20 6.89 -1.92
C SER A 79 -6.01 5.57 -1.18
N ILE A 80 -4.77 5.30 -0.78
CA ILE A 80 -4.45 4.07 -0.06
C ILE A 80 -4.69 4.23 1.44
N ILE A 81 -5.85 3.80 1.90
CA ILE A 81 -6.19 3.88 3.31
C ILE A 81 -5.51 2.79 4.12
N VAL A 82 -4.71 3.20 5.11
CA VAL A 82 -4.01 2.24 5.96
C VAL A 82 -4.14 2.61 7.43
N ARG A 83 -5.02 1.91 8.13
CA ARG A 83 -5.24 2.17 9.55
C ARG A 83 -4.67 1.04 10.40
N PHE A 84 -4.61 1.27 11.71
CA PHE A 84 -4.08 0.27 12.63
C PHE A 84 -4.84 0.29 13.96
N ASP A 85 -5.65 -0.74 14.17
CA ASP A 85 -6.44 -0.84 15.40
C ASP A 85 -7.43 0.31 15.51
N ASP A 86 -8.03 0.67 14.38
CA ASP A 86 -9.00 1.76 14.34
C ASP A 86 -8.31 3.11 14.46
N LYS A 87 -7.18 3.25 13.78
CA LYS A 87 -6.42 4.50 13.82
C LYS A 87 -5.76 4.77 12.47
N HIS A 88 -5.65 6.04 12.12
CA HIS A 88 -5.04 6.43 10.85
C HIS A 88 -3.56 6.72 11.03
N ILE A 89 -2.74 6.12 10.18
CA ILE A 89 -1.29 6.31 10.25
C ILE A 89 -0.89 7.67 9.70
N PRO A 90 0.24 8.20 10.19
CA PRO A 90 0.77 9.50 9.75
C PRO A 90 1.28 9.46 8.32
N GLY A 91 0.38 9.59 7.36
CA GLY A 91 0.76 9.57 5.96
C GLY A 91 -0.32 9.01 5.06
N SER A 92 -1.35 8.43 5.67
CA SER A 92 -2.46 7.85 4.92
C SER A 92 -3.73 8.65 5.13
N PRO A 93 -4.65 8.57 4.15
CA PRO A 93 -4.45 7.78 2.94
C PRO A 93 -3.37 8.36 2.03
N PHE A 94 -2.50 7.49 1.52
CA PHE A 94 -1.42 7.93 0.63
C PHE A 94 -1.94 8.17 -0.77
N THR A 95 -1.93 9.44 -1.20
CA THR A 95 -2.40 9.80 -2.53
C THR A 95 -1.37 9.44 -3.59
N ALA A 96 -1.60 8.34 -4.29
CA ALA A 96 -0.69 7.89 -5.33
C ALA A 96 -1.16 8.36 -6.70
N LYS A 97 -0.23 8.90 -7.49
CA LYS A 97 -0.54 9.39 -8.83
C LYS A 97 -0.33 8.30 -9.87
N ILE A 98 -1.40 7.93 -10.56
CA ILE A 98 -1.33 6.90 -11.59
C ILE A 98 -1.65 7.48 -12.97
N THR A 99 -0.73 7.26 -13.91
CA THR A 99 -0.91 7.77 -15.27
C THR A 99 -1.34 6.65 -16.22
N GLY A 100 -2.13 7.00 -17.22
CA GLY A 100 -2.60 6.01 -18.18
C GLY A 100 -2.32 6.43 -19.61
N ASP A 101 -1.52 5.64 -20.31
CA ASP A 101 -1.17 5.94 -21.70
C ASP A 101 -2.34 5.60 -22.62
N ASP A 102 -3.09 4.55 -22.27
CA ASP A 102 -4.24 4.13 -23.07
C ASP A 102 -4.99 3.01 -22.38
N SER A 103 -6.22 2.78 -22.80
CA SER A 103 -7.06 1.73 -22.23
C SER A 103 -7.32 0.62 -23.24
N MET A 104 -7.69 1.01 -24.45
CA MET A 104 -7.97 0.05 -25.52
C MET A 104 -8.59 -1.22 -24.94
N ARG A 105 -9.45 -1.06 -23.95
CA ARG A 105 -10.11 -2.19 -23.31
C ARG A 105 -11.63 -2.00 -23.29
N SER A 106 -12.14 -1.27 -24.28
CA SER A 106 -13.57 -1.01 -24.37
C SER A 106 -14.16 -1.70 -25.60
N GLY A 107 -14.59 -2.95 -25.41
CA GLY A 107 -15.18 -3.71 -26.51
C GLY A 107 -14.96 -5.19 -26.36
N PRO A 108 -15.93 -5.89 -25.77
CA PRO A 108 -15.87 -7.34 -25.54
C PRO A 108 -15.99 -8.12 -26.86
N SER A 109 -14.86 -8.32 -27.52
CA SER A 109 -14.84 -9.05 -28.78
C SER A 109 -14.22 -10.43 -28.61
N SER A 110 -15.03 -11.47 -28.72
CA SER A 110 -14.56 -12.84 -28.56
C SER A 110 -13.41 -13.13 -29.52
N GLY A 111 -13.66 -12.93 -30.82
CA GLY A 111 -12.63 -13.17 -31.80
C GLY A 111 -13.15 -12.97 -33.22
N GLY A 1 10.14 -20.94 22.14
CA GLY A 1 10.44 -20.37 23.44
C GLY A 1 9.21 -20.25 24.32
N SER A 2 8.93 -19.05 24.82
CA SER A 2 7.78 -18.81 25.67
C SER A 2 7.50 -17.32 25.80
N SER A 3 6.23 -16.95 25.66
CA SER A 3 5.83 -15.55 25.76
C SER A 3 4.30 -15.43 25.80
N GLY A 4 3.82 -14.42 26.52
CA GLY A 4 2.39 -14.21 26.63
C GLY A 4 2.03 -13.26 27.76
N SER A 5 1.94 -11.98 27.45
CA SER A 5 1.60 -10.97 28.45
C SER A 5 0.56 -10.00 27.91
N SER A 6 -0.19 -9.37 28.82
CA SER A 6 -1.22 -8.42 28.44
C SER A 6 -0.67 -7.01 28.41
N GLY A 7 -0.63 -6.42 27.22
CA GLY A 7 -0.13 -5.07 27.07
C GLY A 7 1.38 -5.03 26.87
N ALA A 8 1.82 -5.32 25.66
CA ALA A 8 3.24 -5.31 25.34
C ALA A 8 3.86 -3.94 25.58
N ILE A 9 5.07 -3.93 26.15
CA ILE A 9 5.75 -2.68 26.43
C ILE A 9 6.58 -2.22 25.23
N ASN A 10 5.95 -2.25 24.06
CA ASN A 10 6.62 -1.83 22.83
C ASN A 10 5.78 -0.82 22.06
N SER A 11 6.31 0.38 21.88
CA SER A 11 5.61 1.44 21.18
C SER A 11 4.97 0.90 19.90
N ARG A 12 3.86 1.52 19.49
CA ARG A 12 3.16 1.11 18.27
C ARG A 12 3.21 2.21 17.22
N HIS A 13 3.89 1.93 16.11
CA HIS A 13 4.00 2.89 15.03
C HIS A 13 3.90 2.21 13.67
N VAL A 14 3.46 2.95 12.66
CA VAL A 14 3.32 2.41 11.32
C VAL A 14 3.67 3.45 10.26
N SER A 15 4.15 2.98 9.12
CA SER A 15 4.53 3.87 8.02
C SER A 15 4.61 3.12 6.71
N ALA A 16 4.55 3.85 5.60
CA ALA A 16 4.61 3.26 4.28
C ALA A 16 5.57 4.03 3.37
N TYR A 17 6.32 3.30 2.56
CA TYR A 17 7.28 3.91 1.64
C TYR A 17 7.54 3.01 0.44
N GLY A 18 7.40 3.58 -0.75
CA GLY A 18 7.62 2.81 -1.97
C GLY A 18 7.27 3.60 -3.22
N PRO A 19 7.57 3.02 -4.40
CA PRO A 19 7.30 3.65 -5.69
C PRO A 19 5.81 3.73 -5.99
N GLY A 20 5.11 2.63 -5.76
CA GLY A 20 3.69 2.59 -6.02
C GLY A 20 2.92 3.60 -5.19
N LEU A 21 3.47 3.96 -4.04
CA LEU A 21 2.83 4.93 -3.15
C LEU A 21 2.98 6.35 -3.69
N SER A 22 4.14 6.63 -4.27
CA SER A 22 4.41 7.95 -4.82
C SER A 22 3.70 8.14 -6.16
N HIS A 23 3.72 7.10 -6.98
CA HIS A 23 3.07 7.15 -8.29
C HIS A 23 2.97 5.75 -8.90
N GLY A 24 2.43 5.67 -10.11
CA GLY A 24 2.27 4.39 -10.78
C GLY A 24 1.66 4.53 -12.16
N MET A 25 1.34 3.40 -12.77
CA MET A 25 0.74 3.40 -14.10
C MET A 25 -0.37 2.35 -14.20
N VAL A 26 -1.29 2.56 -15.13
CA VAL A 26 -2.41 1.63 -15.32
C VAL A 26 -1.90 0.24 -15.69
N ASN A 27 -2.59 -0.78 -15.19
CA ASN A 27 -2.22 -2.16 -15.45
C ASN A 27 -0.84 -2.47 -14.87
N LYS A 28 -0.52 -1.83 -13.76
CA LYS A 28 0.76 -2.04 -13.09
C LYS A 28 0.59 -2.10 -11.59
N PRO A 29 0.99 -3.24 -10.99
CA PRO A 29 0.89 -3.46 -9.55
C PRO A 29 1.87 -2.59 -8.76
N ALA A 30 1.36 -1.51 -8.17
CA ALA A 30 2.18 -0.59 -7.40
C ALA A 30 2.71 -1.27 -6.13
N THR A 31 3.96 -1.71 -6.17
CA THR A 31 4.58 -2.38 -5.03
C THR A 31 5.19 -1.37 -4.07
N PHE A 32 4.96 -1.57 -2.78
CA PHE A 32 5.49 -0.67 -1.76
C PHE A 32 5.75 -1.42 -0.45
N THR A 33 6.54 -0.82 0.43
CA THR A 33 6.86 -1.44 1.72
C THR A 33 6.13 -0.73 2.86
N ILE A 34 5.73 -1.51 3.86
CA ILE A 34 5.02 -0.97 5.01
C ILE A 34 5.76 -1.27 6.30
N VAL A 35 6.25 -0.22 6.96
CA VAL A 35 6.97 -0.38 8.22
C VAL A 35 6.04 -0.86 9.33
N THR A 36 6.07 -2.17 9.59
CA THR A 36 5.23 -2.76 10.62
C THR A 36 6.07 -3.57 11.61
N LYS A 37 7.36 -3.26 11.67
CA LYS A 37 8.27 -3.94 12.58
C LYS A 37 7.83 -3.76 14.03
N ASP A 38 7.83 -2.51 14.49
CA ASP A 38 7.43 -2.21 15.86
C ASP A 38 5.99 -2.65 16.12
N ALA A 39 5.11 -2.37 15.17
CA ALA A 39 3.71 -2.73 15.30
C ALA A 39 3.56 -4.19 15.71
N GLY A 40 4.25 -5.08 15.00
CA GLY A 40 4.19 -6.50 15.31
C GLY A 40 2.90 -7.13 14.81
N GLU A 41 1.90 -7.21 15.67
CA GLU A 41 0.61 -7.80 15.31
C GLU A 41 -0.54 -6.99 15.89
N GLY A 42 -1.44 -6.54 15.02
CA GLY A 42 -2.58 -5.77 15.45
C GLY A 42 -3.75 -5.84 14.48
N GLY A 43 -4.39 -4.70 14.24
CA GLY A 43 -5.52 -4.67 13.34
C GLY A 43 -5.27 -3.77 12.14
N LEU A 44 -4.32 -4.17 11.29
CA LEU A 44 -4.00 -3.40 10.10
C LEU A 44 -5.07 -3.54 9.03
N SER A 45 -5.35 -2.45 8.33
CA SER A 45 -6.38 -2.46 7.28
C SER A 45 -5.79 -1.96 5.97
N LEU A 46 -6.30 -2.50 4.86
CA LEU A 46 -5.83 -2.12 3.54
C LEU A 46 -7.01 -1.84 2.61
N ALA A 47 -7.06 -0.62 2.07
CA ALA A 47 -8.13 -0.24 1.15
C ALA A 47 -7.68 0.90 0.24
N VAL A 48 -8.30 0.99 -0.94
CA VAL A 48 -7.97 2.04 -1.90
C VAL A 48 -9.23 2.65 -2.51
N GLU A 49 -9.25 3.97 -2.61
CA GLU A 49 -10.39 4.67 -3.18
C GLU A 49 -9.95 5.64 -4.26
N GLY A 50 -10.17 5.26 -5.52
CA GLY A 50 -9.80 6.11 -6.64
C GLY A 50 -10.77 6.00 -7.80
N PRO A 51 -10.27 6.25 -9.01
CA PRO A 51 -11.08 6.20 -10.23
C PRO A 51 -11.50 4.77 -10.59
N SER A 52 -10.99 3.81 -9.82
CA SER A 52 -11.31 2.40 -10.05
C SER A 52 -10.76 1.53 -8.94
N LYS A 53 -11.54 0.53 -8.53
CA LYS A 53 -11.13 -0.38 -7.47
C LYS A 53 -9.94 -1.23 -7.90
N ALA A 54 -8.82 -1.06 -7.21
CA ALA A 54 -7.61 -1.81 -7.52
C ALA A 54 -7.37 -2.92 -6.50
N GLU A 55 -7.23 -4.15 -6.98
CA GLU A 55 -7.00 -5.29 -6.11
C GLU A 55 -5.69 -5.14 -5.36
N ILE A 56 -5.75 -5.28 -4.04
CA ILE A 56 -4.57 -5.16 -3.19
C ILE A 56 -4.16 -6.52 -2.63
N THR A 57 -2.89 -6.88 -2.84
CA THR A 57 -2.38 -8.15 -2.35
C THR A 57 -1.32 -7.94 -1.27
N CYS A 58 -1.60 -8.45 -0.07
CA CYS A 58 -0.67 -8.31 1.05
C CYS A 58 0.20 -9.55 1.18
N LYS A 59 1.47 -9.34 1.56
CA LYS A 59 2.41 -10.44 1.72
C LYS A 59 3.00 -10.45 3.13
N ASP A 60 3.17 -11.64 3.68
CA ASP A 60 3.72 -11.78 5.03
C ASP A 60 5.21 -12.11 4.96
N ASN A 61 6.04 -11.14 5.36
CA ASN A 61 7.49 -11.33 5.35
C ASN A 61 7.99 -11.78 6.72
N LYS A 62 7.17 -11.57 7.74
CA LYS A 62 7.52 -11.95 9.10
C LYS A 62 8.95 -11.53 9.42
N ASP A 63 9.37 -10.40 8.89
CA ASP A 63 10.72 -9.89 9.12
C ASP A 63 10.68 -8.51 9.77
N GLY A 64 9.60 -7.77 9.52
CA GLY A 64 9.45 -6.45 10.09
C GLY A 64 8.71 -5.50 9.17
N THR A 65 8.45 -5.94 7.95
CA THR A 65 7.75 -5.13 6.97
C THR A 65 6.73 -5.96 6.19
N CYS A 66 5.83 -5.27 5.49
CA CYS A 66 4.80 -5.95 4.71
C CYS A 66 4.87 -5.51 3.24
N THR A 67 4.86 -6.49 2.34
CA THR A 67 4.92 -6.20 0.91
C THR A 67 3.52 -6.24 0.28
N VAL A 68 3.03 -5.07 -0.11
CA VAL A 68 1.71 -4.97 -0.72
C VAL A 68 1.80 -4.43 -2.14
N SER A 69 0.83 -4.79 -2.98
CA SER A 69 0.80 -4.33 -4.37
C SER A 69 -0.63 -4.18 -4.85
N TYR A 70 -0.92 -3.00 -5.41
CA TYR A 70 -2.26 -2.72 -5.92
C TYR A 70 -2.23 -2.46 -7.42
N LEU A 71 -3.08 -3.18 -8.15
CA LEU A 71 -3.14 -3.03 -9.60
C LEU A 71 -4.36 -2.19 -10.01
N PRO A 72 -4.11 -0.91 -10.32
CA PRO A 72 -5.16 0.02 -10.73
C PRO A 72 -5.73 -0.30 -12.11
N THR A 73 -6.96 0.14 -12.36
CA THR A 73 -7.61 -0.11 -13.64
C THR A 73 -7.74 1.18 -14.45
N ALA A 74 -7.76 2.30 -13.74
CA ALA A 74 -7.88 3.61 -14.40
C ALA A 74 -6.91 4.61 -13.79
N PRO A 75 -6.37 5.50 -14.64
CA PRO A 75 -5.42 6.53 -14.21
C PRO A 75 -6.09 7.61 -13.35
N GLY A 76 -5.36 8.09 -12.34
CA GLY A 76 -5.89 9.11 -11.46
C GLY A 76 -5.23 9.11 -10.09
N ASP A 77 -5.79 9.88 -9.17
CA ASP A 77 -5.25 9.96 -7.82
C ASP A 77 -5.89 8.91 -6.91
N TYR A 78 -5.15 7.84 -6.62
CA TYR A 78 -5.66 6.77 -5.77
C TYR A 78 -5.45 7.11 -4.29
N SER A 79 -6.40 6.71 -3.46
CA SER A 79 -6.31 6.95 -2.02
C SER A 79 -6.11 5.67 -1.25
N ILE A 80 -4.85 5.36 -0.93
CA ILE A 80 -4.52 4.14 -0.19
C ILE A 80 -4.75 4.34 1.31
N ILE A 81 -5.88 3.84 1.80
CA ILE A 81 -6.22 3.95 3.21
C ILE A 81 -5.55 2.84 4.02
N VAL A 82 -4.77 3.24 5.01
CA VAL A 82 -4.07 2.28 5.86
C VAL A 82 -4.29 2.60 7.34
N ARG A 83 -5.23 1.88 7.96
CA ARG A 83 -5.54 2.09 9.36
C ARG A 83 -4.96 0.97 10.22
N PHE A 84 -4.67 1.28 11.48
CA PHE A 84 -4.10 0.30 12.40
C PHE A 84 -4.80 0.36 13.75
N ASP A 85 -5.77 -0.53 13.94
CA ASP A 85 -6.53 -0.59 15.19
C ASP A 85 -7.39 0.66 15.36
N ASP A 86 -8.13 1.00 14.31
CA ASP A 86 -9.00 2.16 14.35
C ASP A 86 -8.18 3.44 14.53
N LYS A 87 -7.01 3.49 13.91
CA LYS A 87 -6.14 4.65 14.00
C LYS A 87 -5.40 4.88 12.70
N HIS A 88 -5.70 6.00 12.04
CA HIS A 88 -5.05 6.34 10.77
C HIS A 88 -3.56 6.59 10.98
N ILE A 89 -2.74 5.99 10.13
CA ILE A 89 -1.29 6.14 10.21
C ILE A 89 -0.86 7.51 9.68
N PRO A 90 0.28 8.01 10.19
CA PRO A 90 0.83 9.31 9.78
C PRO A 90 1.35 9.30 8.36
N GLY A 91 0.45 9.46 7.40
CA GLY A 91 0.85 9.47 6.00
C GLY A 91 -0.25 8.94 5.09
N SER A 92 -1.29 8.37 5.68
CA SER A 92 -2.39 7.83 4.91
C SER A 92 -3.66 8.65 5.13
N PRO A 93 -4.57 8.62 4.14
CA PRO A 93 -4.37 7.84 2.91
C PRO A 93 -3.28 8.43 2.03
N PHE A 94 -2.46 7.56 1.44
CA PHE A 94 -1.38 7.99 0.56
C PHE A 94 -1.88 8.24 -0.85
N THR A 95 -2.05 9.50 -1.21
CA THR A 95 -2.52 9.87 -2.55
C THR A 95 -1.51 9.49 -3.62
N ALA A 96 -1.75 8.37 -4.27
CA ALA A 96 -0.86 7.89 -5.33
C ALA A 96 -1.34 8.34 -6.71
N LYS A 97 -0.41 8.79 -7.54
CA LYS A 97 -0.74 9.25 -8.89
C LYS A 97 -0.50 8.15 -9.91
N ILE A 98 -1.56 7.76 -10.62
CA ILE A 98 -1.47 6.72 -11.63
C ILE A 98 -1.74 7.28 -13.02
N THR A 99 -0.79 7.08 -13.93
CA THR A 99 -0.93 7.57 -15.30
C THR A 99 -1.39 6.45 -16.23
N GLY A 100 -1.95 6.84 -17.37
CA GLY A 100 -2.43 5.86 -18.33
C GLY A 100 -3.35 6.47 -19.36
N ASP A 101 -3.48 5.80 -20.50
CA ASP A 101 -4.35 6.27 -21.58
C ASP A 101 -5.58 5.38 -21.73
N ASP A 102 -6.47 5.76 -22.63
CA ASP A 102 -7.69 4.98 -22.88
C ASP A 102 -7.62 4.28 -24.22
N SER A 103 -7.26 3.00 -24.20
CA SER A 103 -7.15 2.22 -25.42
C SER A 103 -8.49 1.56 -25.77
N MET A 104 -9.15 2.09 -26.79
CA MET A 104 -10.44 1.54 -27.21
C MET A 104 -10.31 0.09 -27.67
N ARG A 105 -9.49 -0.13 -28.69
CA ARG A 105 -9.28 -1.48 -29.21
C ARG A 105 -7.90 -2.00 -28.82
N SER A 106 -7.75 -3.31 -28.82
CA SER A 106 -6.48 -3.94 -28.46
C SER A 106 -6.03 -4.91 -29.54
N GLY A 107 -6.79 -6.01 -29.70
CA GLY A 107 -6.45 -7.01 -30.70
C GLY A 107 -6.50 -8.42 -30.15
N PRO A 108 -7.28 -9.29 -30.81
CA PRO A 108 -7.43 -10.69 -30.40
C PRO A 108 -6.16 -11.50 -30.63
N SER A 109 -5.22 -10.92 -31.39
CA SER A 109 -3.97 -11.60 -31.68
C SER A 109 -3.22 -11.95 -30.40
N SER A 110 -3.10 -10.98 -29.50
CA SER A 110 -2.42 -11.19 -28.23
C SER A 110 -3.15 -12.22 -27.38
N GLY A 111 -2.40 -13.18 -26.84
CA GLY A 111 -3.00 -14.20 -26.00
C GLY A 111 -3.23 -15.50 -26.75
N GLY A 1 0.19 -22.48 24.29
CA GLY A 1 0.96 -21.58 23.47
C GLY A 1 1.60 -20.46 24.26
N SER A 2 2.00 -19.40 23.56
CA SER A 2 2.63 -18.26 24.21
C SER A 2 1.94 -16.96 23.80
N SER A 3 2.08 -15.92 24.63
CA SER A 3 1.47 -14.63 24.36
C SER A 3 2.13 -13.53 25.19
N GLY A 4 2.16 -12.33 24.65
CA GLY A 4 2.76 -11.20 25.35
C GLY A 4 4.13 -10.84 24.81
N SER A 5 4.36 -9.55 24.62
CA SER A 5 5.64 -9.07 24.10
C SER A 5 6.51 -8.50 25.22
N SER A 6 7.82 -8.45 24.97
CA SER A 6 8.75 -7.93 25.97
C SER A 6 9.16 -6.50 25.63
N GLY A 7 9.23 -5.65 26.66
CA GLY A 7 9.61 -4.27 26.45
C GLY A 7 8.47 -3.31 26.73
N ALA A 8 8.77 -2.01 26.69
CA ALA A 8 7.75 -1.00 26.94
C ALA A 8 7.52 -0.13 25.70
N ILE A 9 6.71 -0.62 24.78
CA ILE A 9 6.40 0.10 23.56
C ILE A 9 5.63 1.38 23.85
N ASN A 10 6.35 2.45 24.16
CA ASN A 10 5.73 3.73 24.47
C ASN A 10 4.54 3.99 23.55
N SER A 11 4.75 3.75 22.26
CA SER A 11 3.70 3.96 21.26
C SER A 11 4.00 3.20 19.98
N ARG A 12 2.96 2.98 19.17
CA ARG A 12 3.10 2.26 17.92
C ARG A 12 2.72 3.14 16.74
N HIS A 13 3.48 3.03 15.65
CA HIS A 13 3.21 3.82 14.45
C HIS A 13 3.57 3.03 13.20
N VAL A 14 2.99 3.44 12.07
CA VAL A 14 3.25 2.76 10.79
C VAL A 14 3.41 3.78 9.67
N SER A 15 4.37 3.52 8.78
CA SER A 15 4.63 4.41 7.66
C SER A 15 4.94 3.61 6.40
N ALA A 16 4.37 4.05 5.27
CA ALA A 16 4.58 3.37 4.00
C ALA A 16 5.55 4.15 3.12
N TYR A 17 6.33 3.42 2.32
CA TYR A 17 7.31 4.03 1.44
C TYR A 17 7.62 3.14 0.25
N GLY A 18 7.57 3.71 -0.95
CA GLY A 18 7.84 2.94 -2.14
C GLY A 18 7.45 3.68 -3.41
N PRO A 19 7.72 3.05 -4.57
CA PRO A 19 7.41 3.65 -5.88
C PRO A 19 5.90 3.68 -6.14
N GLY A 20 5.23 2.58 -5.83
CA GLY A 20 3.80 2.51 -6.05
C GLY A 20 3.03 3.57 -5.28
N LEU A 21 3.52 3.89 -4.09
CA LEU A 21 2.88 4.90 -3.25
C LEU A 21 3.09 6.29 -3.81
N SER A 22 4.32 6.57 -4.26
CA SER A 22 4.65 7.87 -4.83
C SER A 22 3.93 8.09 -6.16
N HIS A 23 3.88 7.03 -6.97
CA HIS A 23 3.22 7.10 -8.27
C HIS A 23 3.16 5.72 -8.93
N GLY A 24 2.53 5.66 -10.09
CA GLY A 24 2.42 4.39 -10.80
C GLY A 24 1.83 4.55 -12.18
N MET A 25 1.38 3.45 -12.77
CA MET A 25 0.80 3.47 -14.10
C MET A 25 -0.33 2.46 -14.22
N VAL A 26 -1.22 2.68 -15.20
CA VAL A 26 -2.35 1.79 -15.42
C VAL A 26 -1.87 0.40 -15.82
N ASN A 27 -2.60 -0.62 -15.37
CA ASN A 27 -2.26 -2.01 -15.68
C ASN A 27 -0.87 -2.36 -15.13
N LYS A 28 -0.54 -1.78 -14.00
CA LYS A 28 0.76 -2.03 -13.36
C LYS A 28 0.60 -2.19 -11.85
N PRO A 29 1.13 -3.31 -11.33
CA PRO A 29 1.06 -3.61 -9.89
C PRO A 29 1.95 -2.69 -9.07
N ALA A 30 1.34 -1.67 -8.48
CA ALA A 30 2.08 -0.72 -7.65
C ALA A 30 2.59 -1.37 -6.37
N THR A 31 3.88 -1.72 -6.36
CA THR A 31 4.48 -2.36 -5.20
C THR A 31 5.07 -1.32 -4.25
N PHE A 32 4.89 -1.54 -2.95
CA PHE A 32 5.40 -0.63 -1.94
C PHE A 32 5.68 -1.36 -0.63
N THR A 33 6.42 -0.72 0.26
CA THR A 33 6.75 -1.31 1.54
C THR A 33 6.06 -0.58 2.69
N ILE A 34 5.59 -1.33 3.67
CA ILE A 34 4.91 -0.75 4.82
C ILE A 34 5.63 -1.09 6.12
N VAL A 35 6.13 -0.06 6.80
CA VAL A 35 6.83 -0.24 8.05
C VAL A 35 5.89 -0.73 9.16
N THR A 36 5.89 -2.03 9.40
CA THR A 36 5.03 -2.62 10.42
C THR A 36 5.85 -3.45 11.40
N LYS A 37 7.13 -3.11 11.57
CA LYS A 37 8.01 -3.83 12.48
C LYS A 37 7.69 -3.48 13.93
N ASP A 38 7.72 -2.19 14.24
CA ASP A 38 7.43 -1.72 15.59
C ASP A 38 5.97 -1.93 15.94
N ALA A 39 5.09 -1.56 15.02
CA ALA A 39 3.65 -1.71 15.23
C ALA A 39 3.30 -3.14 15.60
N GLY A 40 3.91 -4.10 14.91
CA GLY A 40 3.63 -5.49 15.18
C GLY A 40 2.27 -5.93 14.69
N GLU A 41 2.24 -7.03 13.93
CA GLU A 41 0.99 -7.55 13.40
C GLU A 41 -0.16 -7.32 14.37
N GLY A 42 -1.27 -6.80 13.84
CA GLY A 42 -2.43 -6.53 14.68
C GLY A 42 -3.71 -6.40 13.88
N GLY A 43 -4.39 -5.27 14.03
CA GLY A 43 -5.63 -5.04 13.31
C GLY A 43 -5.46 -4.07 12.16
N LEU A 44 -4.37 -4.23 11.41
CA LEU A 44 -4.09 -3.36 10.27
C LEU A 44 -5.17 -3.49 9.21
N SER A 45 -5.43 -2.40 8.49
CA SER A 45 -6.44 -2.39 7.44
C SER A 45 -5.88 -1.82 6.14
N LEU A 46 -6.11 -2.52 5.04
CA LEU A 46 -5.64 -2.07 3.74
C LEU A 46 -6.79 -1.91 2.75
N ALA A 47 -6.84 -0.75 2.10
CA ALA A 47 -7.89 -0.47 1.13
C ALA A 47 -7.55 0.74 0.28
N VAL A 48 -7.81 0.65 -1.02
CA VAL A 48 -7.53 1.74 -1.95
C VAL A 48 -8.81 2.34 -2.50
N GLU A 49 -8.86 3.66 -2.56
CA GLU A 49 -10.03 4.37 -3.07
C GLU A 49 -9.64 5.40 -4.12
N GLY A 50 -9.91 5.08 -5.38
CA GLY A 50 -9.58 5.98 -6.47
C GLY A 50 -10.58 5.94 -7.59
N PRO A 51 -10.13 6.21 -8.83
CA PRO A 51 -10.98 6.20 -10.01
C PRO A 51 -11.45 4.80 -10.38
N SER A 52 -11.01 3.81 -9.62
CA SER A 52 -11.38 2.42 -9.87
C SER A 52 -10.87 1.51 -8.75
N LYS A 53 -11.66 0.49 -8.42
CA LYS A 53 -11.29 -0.45 -7.37
C LYS A 53 -10.20 -1.40 -7.85
N ALA A 54 -9.04 -1.35 -7.21
CA ALA A 54 -7.92 -2.21 -7.57
C ALA A 54 -7.69 -3.28 -6.52
N GLU A 55 -7.36 -4.49 -6.97
CA GLU A 55 -7.11 -5.60 -6.07
C GLU A 55 -5.78 -5.42 -5.33
N ILE A 56 -5.84 -5.42 -4.01
CA ILE A 56 -4.65 -5.27 -3.19
C ILE A 56 -4.20 -6.60 -2.59
N THR A 57 -2.96 -6.99 -2.88
CA THR A 57 -2.42 -8.24 -2.38
C THR A 57 -1.57 -8.01 -1.13
N CYS A 58 -1.65 -8.93 -0.18
CA CYS A 58 -0.89 -8.83 1.06
C CYS A 58 0.06 -10.02 1.21
N LYS A 59 1.32 -9.73 1.51
CA LYS A 59 2.32 -10.77 1.70
C LYS A 59 2.86 -10.78 3.13
N ASP A 60 3.31 -11.94 3.58
CA ASP A 60 3.85 -12.07 4.93
C ASP A 60 5.36 -12.26 4.89
N ASN A 61 6.10 -11.25 5.32
CA ASN A 61 7.56 -11.30 5.33
C ASN A 61 8.07 -12.00 6.60
N LYS A 62 7.37 -11.78 7.70
CA LYS A 62 7.74 -12.38 8.98
C LYS A 62 9.10 -11.87 9.44
N ASP A 63 9.41 -10.61 9.11
CA ASP A 63 10.67 -10.01 9.50
C ASP A 63 10.45 -8.65 10.17
N GLY A 64 9.57 -7.84 9.58
CA GLY A 64 9.28 -6.53 10.13
C GLY A 64 8.72 -5.58 9.10
N THR A 65 7.98 -6.12 8.14
CA THR A 65 7.38 -5.31 7.07
C THR A 65 6.22 -6.03 6.41
N CYS A 66 5.68 -5.42 5.36
CA CYS A 66 4.55 -6.01 4.63
C CYS A 66 4.58 -5.59 3.17
N THR A 67 4.70 -6.57 2.28
CA THR A 67 4.74 -6.30 0.84
C THR A 67 3.33 -6.30 0.25
N VAL A 68 2.92 -5.14 -0.26
CA VAL A 68 1.59 -5.01 -0.86
C VAL A 68 1.69 -4.48 -2.28
N SER A 69 0.76 -4.91 -3.13
CA SER A 69 0.74 -4.48 -4.52
C SER A 69 -0.70 -4.31 -5.02
N TYR A 70 -0.97 -3.18 -5.65
CA TYR A 70 -2.31 -2.90 -6.17
C TYR A 70 -2.25 -2.62 -7.67
N LEU A 71 -3.20 -3.18 -8.41
CA LEU A 71 -3.26 -3.00 -9.85
C LEU A 71 -4.44 -2.10 -10.23
N PRO A 72 -4.15 -0.82 -10.54
CA PRO A 72 -5.16 0.15 -10.92
C PRO A 72 -5.76 -0.14 -12.29
N THR A 73 -6.98 0.35 -12.53
CA THR A 73 -7.66 0.13 -13.79
C THR A 73 -7.79 1.44 -14.57
N ALA A 74 -7.73 2.56 -13.85
CA ALA A 74 -7.84 3.86 -14.48
C ALA A 74 -6.85 4.85 -13.86
N PRO A 75 -6.35 5.79 -14.69
CA PRO A 75 -5.39 6.80 -14.25
C PRO A 75 -6.02 7.82 -13.31
N GLY A 76 -5.28 8.20 -12.27
CA GLY A 76 -5.78 9.16 -11.31
C GLY A 76 -5.08 9.08 -9.97
N ASP A 77 -5.63 9.75 -8.97
CA ASP A 77 -5.04 9.75 -7.63
C ASP A 77 -5.69 8.69 -6.76
N TYR A 78 -4.93 7.64 -6.44
CA TYR A 78 -5.44 6.56 -5.62
C TYR A 78 -5.19 6.83 -4.14
N SER A 79 -6.20 6.59 -3.32
CA SER A 79 -6.10 6.81 -1.88
C SER A 79 -5.88 5.50 -1.13
N ILE A 80 -4.68 5.32 -0.60
CA ILE A 80 -4.35 4.11 0.14
C ILE A 80 -4.58 4.30 1.63
N ILE A 81 -5.72 3.82 2.12
CA ILE A 81 -6.05 3.93 3.53
C ILE A 81 -5.41 2.82 4.34
N VAL A 82 -4.62 3.20 5.35
CA VAL A 82 -3.95 2.23 6.20
C VAL A 82 -4.16 2.56 7.68
N ARG A 83 -5.09 1.83 8.30
CA ARG A 83 -5.38 2.05 9.71
C ARG A 83 -4.89 0.87 10.55
N PHE A 84 -4.67 1.12 11.84
CA PHE A 84 -4.19 0.09 12.76
C PHE A 84 -4.97 0.12 14.06
N ASP A 85 -5.95 -0.77 14.18
CA ASP A 85 -6.78 -0.85 15.37
C ASP A 85 -7.62 0.41 15.54
N ASP A 86 -8.27 0.83 14.46
CA ASP A 86 -9.11 2.03 14.49
C ASP A 86 -8.26 3.27 14.71
N LYS A 87 -7.15 3.36 14.00
CA LYS A 87 -6.25 4.51 14.11
C LYS A 87 -5.56 4.80 12.79
N HIS A 88 -5.65 6.04 12.33
CA HIS A 88 -5.03 6.44 11.07
C HIS A 88 -3.55 6.74 11.27
N ILE A 89 -2.70 6.17 10.42
CA ILE A 89 -1.27 6.38 10.50
C ILE A 89 -0.88 7.75 9.94
N PRO A 90 0.24 8.29 10.43
CA PRO A 90 0.74 9.60 9.99
C PRO A 90 1.28 9.56 8.57
N GLY A 91 0.38 9.68 7.59
CA GLY A 91 0.78 9.65 6.21
C GLY A 91 -0.29 9.07 5.30
N SER A 92 -1.32 8.47 5.91
CA SER A 92 -2.41 7.87 5.15
C SER A 92 -3.71 8.66 5.35
N PRO A 93 -4.61 8.56 4.37
CA PRO A 93 -4.39 7.75 3.16
C PRO A 93 -3.32 8.35 2.25
N PHE A 94 -2.47 7.49 1.69
CA PHE A 94 -1.41 7.94 0.80
C PHE A 94 -1.92 8.16 -0.62
N THR A 95 -1.91 9.41 -1.06
CA THR A 95 -2.39 9.76 -2.40
C THR A 95 -1.34 9.40 -3.45
N ALA A 96 -1.55 8.28 -4.12
CA ALA A 96 -0.63 7.83 -5.17
C ALA A 96 -1.12 8.27 -6.55
N LYS A 97 -0.19 8.74 -7.38
CA LYS A 97 -0.52 9.19 -8.72
C LYS A 97 -0.40 8.05 -9.72
N ILE A 98 -1.42 7.88 -10.55
CA ILE A 98 -1.44 6.82 -11.55
C ILE A 98 -1.71 7.38 -12.94
N THR A 99 -0.76 7.19 -13.85
CA THR A 99 -0.90 7.68 -15.22
C THR A 99 -1.19 6.54 -16.18
N GLY A 100 -1.61 6.89 -17.39
CA GLY A 100 -1.91 5.88 -18.40
C GLY A 100 -3.09 6.26 -19.27
N ASP A 101 -3.17 5.64 -20.44
CA ASP A 101 -4.26 5.92 -21.38
C ASP A 101 -4.55 4.70 -22.25
N ASP A 102 -5.84 4.46 -22.50
CA ASP A 102 -6.26 3.33 -23.31
C ASP A 102 -5.54 3.33 -24.65
N SER A 103 -4.83 2.24 -24.95
CA SER A 103 -4.09 2.12 -26.20
C SER A 103 -5.04 2.02 -27.38
N MET A 104 -5.14 3.10 -28.16
CA MET A 104 -6.01 3.14 -29.32
C MET A 104 -5.57 2.12 -30.37
N ARG A 105 -4.31 2.23 -30.79
CA ARG A 105 -3.77 1.31 -31.78
C ARG A 105 -4.72 1.15 -32.96
N SER A 106 -5.31 2.27 -33.40
CA SER A 106 -6.26 2.24 -34.52
C SER A 106 -5.52 2.24 -35.85
N GLY A 107 -5.47 1.08 -36.49
CA GLY A 107 -4.79 0.97 -37.77
C GLY A 107 -4.16 -0.39 -37.97
N PRO A 108 -5.00 -1.43 -38.11
CA PRO A 108 -4.53 -2.81 -38.30
C PRO A 108 -3.90 -3.01 -39.67
N SER A 109 -4.41 -2.30 -40.68
CA SER A 109 -3.90 -2.41 -42.04
C SER A 109 -3.01 -1.20 -42.37
N SER A 110 -1.70 -1.42 -42.37
CA SER A 110 -0.75 -0.37 -42.67
C SER A 110 -0.99 0.19 -44.07
N GLY A 111 -1.10 1.51 -44.17
CA GLY A 111 -1.33 2.15 -45.45
C GLY A 111 -0.66 3.50 -45.55
N GLY A 1 15.48 -14.96 20.39
CA GLY A 1 14.82 -14.46 21.59
C GLY A 1 13.70 -13.49 21.27
N SER A 2 13.25 -12.74 22.28
CA SER A 2 12.18 -11.78 22.11
C SER A 2 12.51 -10.47 22.81
N SER A 3 11.69 -9.45 22.59
CA SER A 3 11.89 -8.14 23.19
C SER A 3 11.32 -8.09 24.60
N GLY A 4 10.07 -8.53 24.74
CA GLY A 4 9.42 -8.53 26.03
C GLY A 4 7.98 -9.01 25.96
N SER A 5 7.42 -9.35 27.12
CA SER A 5 6.05 -9.84 27.19
C SER A 5 5.07 -8.75 26.74
N SER A 6 5.17 -7.58 27.36
CA SER A 6 4.28 -6.47 27.03
C SER A 6 4.12 -6.32 25.52
N GLY A 7 5.25 -6.31 24.82
CA GLY A 7 5.22 -6.18 23.38
C GLY A 7 6.29 -5.23 22.85
N ALA A 8 6.36 -4.04 23.43
CA ALA A 8 7.35 -3.04 23.02
C ALA A 8 7.46 -1.92 24.06
N ILE A 9 8.59 -1.23 24.04
CA ILE A 9 8.82 -0.14 24.97
C ILE A 9 8.43 1.21 24.36
N ASN A 10 8.78 1.39 23.09
CA ASN A 10 8.47 2.63 22.39
C ASN A 10 7.02 2.63 21.90
N SER A 11 6.56 3.76 21.38
CA SER A 11 5.20 3.88 20.88
C SER A 11 5.04 3.18 19.54
N ARG A 12 3.85 2.69 19.27
CA ARG A 12 3.56 2.00 18.02
C ARG A 12 3.46 2.98 16.85
N HIS A 13 4.39 2.87 15.91
CA HIS A 13 4.41 3.74 14.75
C HIS A 13 4.29 2.94 13.46
N VAL A 14 3.75 3.57 12.42
CA VAL A 14 3.57 2.91 11.14
C VAL A 14 3.64 3.91 9.99
N SER A 15 4.40 3.55 8.95
CA SER A 15 4.55 4.43 7.80
C SER A 15 4.91 3.62 6.56
N ALA A 16 4.27 3.97 5.43
CA ALA A 16 4.52 3.27 4.17
C ALA A 16 5.46 4.07 3.28
N TYR A 17 6.24 3.38 2.45
CA TYR A 17 7.17 4.02 1.55
C TYR A 17 7.48 3.14 0.35
N GLY A 18 7.55 3.75 -0.84
CA GLY A 18 7.83 2.99 -2.04
C GLY A 18 7.40 3.73 -3.30
N PRO A 19 7.68 3.11 -4.46
CA PRO A 19 7.33 3.71 -5.76
C PRO A 19 5.82 3.71 -6.01
N GLY A 20 5.18 2.59 -5.69
CA GLY A 20 3.74 2.48 -5.89
C GLY A 20 2.97 3.56 -5.15
N LEU A 21 3.51 3.98 -4.00
CA LEU A 21 2.86 5.01 -3.19
C LEU A 21 3.08 6.39 -3.81
N SER A 22 4.31 6.65 -4.24
CA SER A 22 4.65 7.94 -4.84
C SER A 22 3.92 8.12 -6.18
N HIS A 23 3.90 7.07 -6.98
CA HIS A 23 3.24 7.11 -8.28
C HIS A 23 3.12 5.71 -8.88
N GLY A 24 2.56 5.64 -10.08
CA GLY A 24 2.38 4.36 -10.73
C GLY A 24 1.83 4.49 -12.15
N MET A 25 1.34 3.39 -12.70
CA MET A 25 0.79 3.39 -14.05
C MET A 25 -0.38 2.41 -14.15
N VAL A 26 -1.31 2.70 -15.04
CA VAL A 26 -2.48 1.85 -15.24
C VAL A 26 -2.06 0.44 -15.67
N ASN A 27 -2.79 -0.56 -15.19
CA ASN A 27 -2.50 -1.94 -15.53
C ASN A 27 -1.14 -2.35 -14.99
N LYS A 28 -0.76 -1.77 -13.85
CA LYS A 28 0.53 -2.08 -13.23
C LYS A 28 0.38 -2.20 -11.72
N PRO A 29 0.83 -3.33 -11.17
CA PRO A 29 0.76 -3.59 -9.72
C PRO A 29 1.72 -2.71 -8.93
N ALA A 30 1.20 -1.61 -8.40
CA ALA A 30 2.01 -0.69 -7.61
C ALA A 30 2.48 -1.34 -6.32
N THR A 31 3.77 -1.66 -6.25
CA THR A 31 4.35 -2.29 -5.07
C THR A 31 4.95 -1.25 -4.14
N PHE A 32 4.79 -1.46 -2.83
CA PHE A 32 5.32 -0.54 -1.84
C PHE A 32 5.62 -1.27 -0.53
N THR A 33 6.41 -0.64 0.32
CA THR A 33 6.79 -1.22 1.60
C THR A 33 6.03 -0.56 2.75
N ILE A 34 5.63 -1.36 3.73
CA ILE A 34 4.90 -0.84 4.89
C ILE A 34 5.67 -1.07 6.17
N VAL A 35 6.09 0.02 6.80
CA VAL A 35 6.84 -0.05 8.05
C VAL A 35 5.98 -0.59 9.19
N THR A 36 6.14 -1.87 9.49
CA THR A 36 5.38 -2.50 10.56
C THR A 36 6.28 -3.25 11.53
N LYS A 37 7.51 -2.75 11.70
CA LYS A 37 8.47 -3.37 12.59
C LYS A 37 8.01 -3.27 14.04
N ASP A 38 7.36 -2.17 14.37
CA ASP A 38 6.86 -1.96 15.72
C ASP A 38 5.43 -2.45 15.86
N ALA A 39 4.57 -2.05 14.92
CA ALA A 39 3.17 -2.45 14.94
C ALA A 39 3.02 -3.89 15.44
N GLY A 40 3.89 -4.77 14.98
CA GLY A 40 3.84 -6.16 15.39
C GLY A 40 2.66 -6.89 14.78
N GLU A 41 1.56 -6.97 15.52
CA GLU A 41 0.37 -7.66 15.05
C GLU A 41 -0.89 -7.06 15.67
N GLY A 42 -1.84 -6.68 14.82
CA GLY A 42 -3.08 -6.10 15.31
C GLY A 42 -4.21 -6.20 14.30
N GLY A 43 -4.93 -5.10 14.12
CA GLY A 43 -6.04 -5.08 13.18
C GLY A 43 -5.79 -4.14 12.02
N LEU A 44 -4.62 -4.24 11.40
CA LEU A 44 -4.27 -3.39 10.27
C LEU A 44 -5.23 -3.61 9.10
N SER A 45 -5.80 -2.52 8.59
CA SER A 45 -6.73 -2.60 7.47
C SER A 45 -6.08 -2.07 6.20
N LEU A 46 -6.57 -2.56 5.06
CA LEU A 46 -6.04 -2.14 3.76
C LEU A 46 -7.17 -1.91 2.76
N ALA A 47 -7.22 -0.70 2.21
CA ALA A 47 -8.25 -0.35 1.24
C ALA A 47 -7.77 0.76 0.30
N VAL A 48 -7.99 0.55 -0.99
CA VAL A 48 -7.57 1.54 -1.99
C VAL A 48 -8.77 2.23 -2.61
N GLU A 49 -8.77 3.56 -2.59
CA GLU A 49 -9.86 4.34 -3.15
C GLU A 49 -9.35 5.33 -4.20
N GLY A 50 -9.54 4.99 -5.47
CA GLY A 50 -9.09 5.86 -6.55
C GLY A 50 -10.13 5.99 -7.66
N PRO A 51 -9.65 6.23 -8.88
CA PRO A 51 -10.52 6.39 -10.05
C PRO A 51 -11.19 5.09 -10.46
N SER A 52 -10.81 3.99 -9.78
CA SER A 52 -11.37 2.69 -10.09
C SER A 52 -10.87 1.65 -9.08
N LYS A 53 -11.78 0.78 -8.63
CA LYS A 53 -11.44 -0.26 -7.68
C LYS A 53 -10.13 -0.95 -8.06
N ALA A 54 -9.20 -1.01 -7.11
CA ALA A 54 -7.91 -1.64 -7.35
C ALA A 54 -7.62 -2.71 -6.30
N GLU A 55 -7.57 -3.96 -6.74
CA GLU A 55 -7.30 -5.07 -5.83
C GLU A 55 -6.02 -4.84 -5.04
N ILE A 56 -5.93 -5.44 -3.86
CA ILE A 56 -4.76 -5.31 -3.02
C ILE A 56 -4.27 -6.66 -2.52
N THR A 57 -2.98 -6.94 -2.76
CA THR A 57 -2.39 -8.20 -2.34
C THR A 57 -1.54 -8.02 -1.09
N CYS A 58 -1.63 -8.98 -0.18
CA CYS A 58 -0.86 -8.93 1.06
C CYS A 58 0.14 -10.08 1.14
N LYS A 59 1.38 -9.76 1.50
CA LYS A 59 2.43 -10.76 1.61
C LYS A 59 3.09 -10.70 2.98
N ASP A 60 3.53 -11.87 3.46
CA ASP A 60 4.19 -11.95 4.77
C ASP A 60 5.70 -12.05 4.60
N ASN A 61 6.42 -11.09 5.16
CA ASN A 61 7.87 -11.07 5.08
C ASN A 61 8.50 -11.81 6.26
N LYS A 62 7.89 -11.65 7.43
CA LYS A 62 8.38 -12.31 8.64
C LYS A 62 9.74 -11.76 9.05
N ASP A 63 9.95 -10.46 8.77
CA ASP A 63 11.21 -9.81 9.12
C ASP A 63 10.96 -8.51 9.86
N GLY A 64 9.83 -7.87 9.55
CA GLY A 64 9.49 -6.61 10.20
C GLY A 64 8.85 -5.62 9.24
N THR A 65 8.12 -6.13 8.26
CA THR A 65 7.46 -5.29 7.27
C THR A 65 6.33 -6.03 6.58
N CYS A 66 5.70 -5.38 5.61
CA CYS A 66 4.60 -5.98 4.88
C CYS A 66 4.59 -5.51 3.43
N THR A 67 4.63 -6.46 2.49
CA THR A 67 4.64 -6.15 1.08
C THR A 67 3.23 -6.17 0.50
N VAL A 68 2.84 -5.07 -0.15
CA VAL A 68 1.51 -4.96 -0.74
C VAL A 68 1.59 -4.39 -2.16
N SER A 69 0.71 -4.88 -3.03
CA SER A 69 0.68 -4.43 -4.42
C SER A 69 -0.75 -4.25 -4.90
N TYR A 70 -1.04 -3.08 -5.46
CA TYR A 70 -2.38 -2.79 -5.96
C TYR A 70 -2.34 -2.53 -7.47
N LEU A 71 -3.26 -3.17 -8.19
CA LEU A 71 -3.34 -3.01 -9.63
C LEU A 71 -4.56 -2.17 -10.02
N PRO A 72 -4.31 -0.89 -10.35
CA PRO A 72 -5.36 0.04 -10.75
C PRO A 72 -5.96 -0.30 -12.11
N THR A 73 -7.11 0.29 -12.42
CA THR A 73 -7.77 0.05 -13.69
C THR A 73 -7.84 1.33 -14.53
N ALA A 74 -7.76 2.48 -13.86
CA ALA A 74 -7.79 3.76 -14.55
C ALA A 74 -6.78 4.73 -13.95
N PRO A 75 -6.26 5.63 -14.79
CA PRO A 75 -5.27 6.63 -14.38
C PRO A 75 -5.87 7.69 -13.46
N GLY A 76 -5.12 8.06 -12.42
CA GLY A 76 -5.60 9.07 -11.49
C GLY A 76 -4.92 8.99 -10.15
N ASP A 77 -5.46 9.69 -9.16
CA ASP A 77 -4.90 9.69 -7.82
C ASP A 77 -5.62 8.68 -6.93
N TYR A 78 -4.89 7.67 -6.47
CA TYR A 78 -5.46 6.63 -5.62
C TYR A 78 -5.22 6.95 -4.14
N SER A 79 -6.20 6.62 -3.31
CA SER A 79 -6.10 6.87 -1.87
C SER A 79 -5.99 5.55 -1.10
N ILE A 80 -4.76 5.21 -0.71
CA ILE A 80 -4.52 3.98 0.04
C ILE A 80 -4.78 4.18 1.53
N ILE A 81 -5.95 3.75 1.99
CA ILE A 81 -6.32 3.88 3.39
C ILE A 81 -5.74 2.74 4.22
N VAL A 82 -4.89 3.08 5.18
CA VAL A 82 -4.28 2.09 6.05
C VAL A 82 -4.48 2.43 7.52
N ARG A 83 -5.49 1.80 8.13
CA ARG A 83 -5.80 2.05 9.54
C ARG A 83 -5.22 0.94 10.42
N PHE A 84 -4.86 1.30 11.65
CA PHE A 84 -4.29 0.35 12.59
C PHE A 84 -4.98 0.44 13.95
N ASP A 85 -5.84 -0.53 14.24
CA ASP A 85 -6.56 -0.55 15.50
C ASP A 85 -7.43 0.69 15.66
N ASP A 86 -8.19 1.00 14.61
CA ASP A 86 -9.07 2.17 14.63
C ASP A 86 -8.26 3.46 14.75
N LYS A 87 -7.15 3.52 14.02
CA LYS A 87 -6.29 4.69 14.04
C LYS A 87 -5.54 4.85 12.72
N HIS A 88 -5.80 5.95 12.03
CA HIS A 88 -5.15 6.22 10.76
C HIS A 88 -3.64 6.43 10.94
N ILE A 89 -2.85 5.77 10.10
CA ILE A 89 -1.40 5.88 10.16
C ILE A 89 -0.93 7.24 9.65
N PRO A 90 0.23 7.68 10.16
CA PRO A 90 0.82 8.97 9.76
C PRO A 90 1.34 8.95 8.32
N GLY A 91 0.44 9.23 7.37
CA GLY A 91 0.82 9.24 5.97
C GLY A 91 -0.28 8.76 5.07
N SER A 92 -1.34 8.21 5.66
CA SER A 92 -2.47 7.70 4.90
C SER A 92 -3.70 8.55 5.12
N PRO A 93 -4.62 8.55 4.13
CA PRO A 93 -4.45 7.76 2.91
C PRO A 93 -3.34 8.31 2.02
N PHE A 94 -2.48 7.42 1.52
CA PHE A 94 -1.38 7.82 0.66
C PHE A 94 -1.86 8.07 -0.77
N THR A 95 -1.83 9.34 -1.18
CA THR A 95 -2.27 9.72 -2.51
C THR A 95 -1.24 9.33 -3.56
N ALA A 96 -1.49 8.23 -4.26
CA ALA A 96 -0.58 7.75 -5.30
C ALA A 96 -1.04 8.20 -6.68
N LYS A 97 -0.11 8.74 -7.46
CA LYS A 97 -0.43 9.21 -8.81
C LYS A 97 -0.25 8.09 -9.82
N ILE A 98 -1.33 7.77 -10.54
CA ILE A 98 -1.29 6.71 -11.54
C ILE A 98 -1.56 7.28 -12.93
N THR A 99 -0.59 7.10 -13.82
CA THR A 99 -0.72 7.59 -15.20
C THR A 99 -1.20 6.50 -16.13
N GLY A 100 -1.73 6.89 -17.29
CA GLY A 100 -2.21 5.92 -18.25
C GLY A 100 -1.94 6.34 -19.68
N ASP A 101 -1.46 5.40 -20.49
CA ASP A 101 -1.15 5.67 -21.89
C ASP A 101 -1.17 4.38 -22.71
N ASP A 102 -1.32 4.53 -24.02
CA ASP A 102 -1.34 3.38 -24.92
C ASP A 102 -0.11 3.36 -25.82
N SER A 103 0.11 2.23 -26.48
CA SER A 103 1.26 2.08 -27.37
C SER A 103 1.14 0.80 -28.19
N MET A 104 2.11 0.58 -29.07
CA MET A 104 2.12 -0.61 -29.92
C MET A 104 2.73 -1.80 -29.17
N ARG A 105 2.12 -2.97 -29.33
CA ARG A 105 2.60 -4.17 -28.67
C ARG A 105 3.38 -5.05 -29.64
N SER A 106 4.57 -5.47 -29.23
CA SER A 106 5.43 -6.31 -30.06
C SER A 106 5.41 -7.76 -29.58
N GLY A 107 5.09 -8.67 -30.49
CA GLY A 107 5.04 -10.08 -30.14
C GLY A 107 4.76 -10.96 -31.34
N PRO A 108 5.69 -11.88 -31.63
CA PRO A 108 5.56 -12.81 -32.76
C PRO A 108 4.45 -13.85 -32.54
N SER A 109 4.03 -14.48 -33.63
CA SER A 109 2.98 -15.49 -33.55
C SER A 109 3.49 -16.77 -32.90
N SER A 110 3.24 -16.89 -31.59
CA SER A 110 3.68 -18.07 -30.84
C SER A 110 5.14 -18.37 -31.12
N GLY A 111 5.96 -17.32 -31.18
CA GLY A 111 7.37 -17.50 -31.45
C GLY A 111 7.65 -17.95 -32.86
N GLY A 1 17.39 -17.65 41.44
CA GLY A 1 18.00 -16.41 41.87
C GLY A 1 18.47 -15.56 40.70
N SER A 2 19.59 -14.86 40.89
CA SER A 2 20.14 -13.99 39.85
C SER A 2 19.01 -13.35 39.03
N SER A 3 17.97 -12.91 39.71
CA SER A 3 16.84 -12.27 39.05
C SER A 3 17.22 -10.91 38.49
N GLY A 4 16.74 -10.61 37.29
CA GLY A 4 17.04 -9.35 36.66
C GLY A 4 17.08 -9.44 35.15
N SER A 5 16.18 -8.71 34.49
CA SER A 5 16.11 -8.72 33.03
C SER A 5 15.72 -7.34 32.49
N SER A 6 16.51 -6.84 31.56
CA SER A 6 16.26 -5.53 30.97
C SER A 6 16.01 -5.65 29.46
N GLY A 7 14.91 -5.06 29.01
CA GLY A 7 14.57 -5.11 27.59
C GLY A 7 13.10 -4.86 27.34
N ALA A 8 12.58 -3.76 27.91
CA ALA A 8 11.18 -3.41 27.74
C ALA A 8 11.03 -2.23 26.78
N ILE A 9 11.01 -2.53 25.48
CA ILE A 9 10.86 -1.50 24.47
C ILE A 9 9.46 -1.50 23.87
N ASN A 10 8.99 -0.33 23.48
CA ASN A 10 7.65 -0.20 22.90
C ASN A 10 7.55 1.08 22.06
N SER A 11 6.74 1.02 21.01
CA SER A 11 6.55 2.17 20.13
C SER A 11 5.40 1.92 19.16
N ARG A 12 4.37 2.76 19.25
CA ARG A 12 3.20 2.64 18.39
C ARG A 12 3.27 3.64 17.24
N HIS A 13 3.72 3.18 16.07
CA HIS A 13 3.83 4.04 14.91
C HIS A 13 4.03 3.21 13.64
N VAL A 14 3.30 3.56 12.59
CA VAL A 14 3.40 2.85 11.31
C VAL A 14 3.70 3.81 10.17
N SER A 15 4.62 3.41 9.29
CA SER A 15 4.99 4.23 8.15
C SER A 15 5.19 3.37 6.90
N ALA A 16 4.68 3.86 5.78
CA ALA A 16 4.79 3.14 4.51
C ALA A 16 5.62 3.94 3.51
N TYR A 17 6.30 3.24 2.61
CA TYR A 17 7.12 3.87 1.59
C TYR A 17 7.30 2.96 0.38
N GLY A 18 7.44 3.57 -0.80
CA GLY A 18 7.62 2.80 -2.01
C GLY A 18 7.27 3.60 -3.25
N PRO A 19 7.59 3.03 -4.42
CA PRO A 19 7.33 3.68 -5.72
C PRO A 19 5.84 3.74 -6.03
N GLY A 20 5.15 2.62 -5.83
CA GLY A 20 3.71 2.58 -6.10
C GLY A 20 2.93 3.56 -5.26
N LEU A 21 3.46 3.88 -4.08
CA LEU A 21 2.80 4.81 -3.17
C LEU A 21 2.90 6.24 -3.70
N SER A 22 4.10 6.60 -4.16
CA SER A 22 4.33 7.95 -4.68
C SER A 22 3.62 8.14 -6.02
N HIS A 23 3.69 7.12 -6.88
CA HIS A 23 3.05 7.19 -8.18
C HIS A 23 3.00 5.80 -8.81
N GLY A 24 2.41 5.73 -10.02
CA GLY A 24 2.30 4.45 -10.70
C GLY A 24 1.72 4.60 -12.10
N MET A 25 1.46 3.48 -12.76
CA MET A 25 0.90 3.49 -14.10
C MET A 25 -0.21 2.45 -14.24
N VAL A 26 -1.17 2.73 -15.11
CA VAL A 26 -2.29 1.82 -15.34
C VAL A 26 -1.80 0.43 -15.72
N ASN A 27 -2.52 -0.59 -15.27
CA ASN A 27 -2.16 -1.97 -15.57
C ASN A 27 -0.78 -2.31 -15.00
N LYS A 28 -0.49 -1.78 -13.81
CA LYS A 28 0.79 -2.02 -13.17
C LYS A 28 0.63 -2.11 -11.65
N PRO A 29 1.00 -3.27 -11.08
CA PRO A 29 0.91 -3.50 -9.64
C PRO A 29 1.90 -2.67 -8.85
N ALA A 30 1.42 -1.58 -8.25
CA ALA A 30 2.27 -0.70 -7.47
C ALA A 30 2.74 -1.39 -6.20
N THR A 31 4.02 -1.75 -6.17
CA THR A 31 4.60 -2.42 -5.01
C THR A 31 5.21 -1.42 -4.04
N PHE A 32 4.98 -1.63 -2.75
CA PHE A 32 5.50 -0.75 -1.72
C PHE A 32 5.75 -1.52 -0.42
N THR A 33 6.48 -0.89 0.49
CA THR A 33 6.80 -1.50 1.77
C THR A 33 6.00 -0.86 2.90
N ILE A 34 5.58 -1.68 3.88
CA ILE A 34 4.82 -1.18 5.01
C ILE A 34 5.44 -1.62 6.33
N VAL A 35 5.94 -0.65 7.09
CA VAL A 35 6.57 -0.92 8.37
C VAL A 35 5.54 -1.36 9.41
N THR A 36 5.70 -2.58 9.90
CA THR A 36 4.77 -3.12 10.90
C THR A 36 5.51 -3.53 12.17
N LYS A 37 6.80 -3.84 12.03
CA LYS A 37 7.62 -4.24 13.17
C LYS A 37 7.57 -3.20 14.27
N ASP A 38 7.76 -1.93 13.89
CA ASP A 38 7.73 -0.84 14.86
C ASP A 38 6.40 -0.81 15.61
N ALA A 39 5.30 -1.01 14.88
CA ALA A 39 3.97 -1.00 15.49
C ALA A 39 3.84 -2.13 16.50
N GLY A 40 4.30 -3.33 16.12
CA GLY A 40 4.20 -4.47 17.01
C GLY A 40 3.08 -5.41 16.63
N GLU A 41 1.98 -5.34 17.37
CA GLU A 41 0.82 -6.19 17.11
C GLU A 41 -0.48 -5.41 17.25
N GLY A 42 -1.40 -5.63 16.33
CA GLY A 42 -2.68 -4.94 16.38
C GLY A 42 -3.61 -5.37 15.26
N GLY A 43 -4.14 -4.40 14.52
CA GLY A 43 -5.05 -4.71 13.44
C GLY A 43 -5.00 -3.68 12.33
N LEU A 44 -4.12 -3.87 11.36
CA LEU A 44 -3.97 -2.94 10.25
C LEU A 44 -5.02 -3.22 9.18
N SER A 45 -5.36 -2.18 8.42
CA SER A 45 -6.36 -2.31 7.36
C SER A 45 -5.86 -1.68 6.07
N LEU A 46 -5.94 -2.44 4.98
CA LEU A 46 -5.50 -1.95 3.68
C LEU A 46 -6.66 -1.86 2.70
N ALA A 47 -6.87 -0.67 2.15
CA ALA A 47 -7.96 -0.45 1.19
C ALA A 47 -7.64 0.72 0.27
N VAL A 48 -8.06 0.60 -0.98
CA VAL A 48 -7.82 1.66 -1.97
C VAL A 48 -9.13 2.29 -2.41
N GLU A 49 -9.10 3.60 -2.64
CA GLU A 49 -10.29 4.33 -3.08
C GLU A 49 -9.93 5.42 -4.08
N GLY A 50 -10.25 5.18 -5.34
CA GLY A 50 -9.94 6.15 -6.38
C GLY A 50 -10.92 6.09 -7.54
N PRO A 51 -10.43 6.34 -8.75
CA PRO A 51 -11.26 6.32 -9.96
C PRO A 51 -11.72 4.91 -10.33
N SER A 52 -11.13 3.92 -9.69
CA SER A 52 -11.48 2.53 -9.95
C SER A 52 -11.07 1.63 -8.78
N LYS A 53 -11.57 0.40 -8.78
CA LYS A 53 -11.26 -0.54 -7.72
C LYS A 53 -10.03 -1.38 -8.08
N ALA A 54 -8.93 -1.15 -7.36
CA ALA A 54 -7.70 -1.87 -7.61
C ALA A 54 -7.45 -2.91 -6.52
N GLU A 55 -7.34 -4.17 -6.93
CA GLU A 55 -7.11 -5.26 -5.99
C GLU A 55 -5.82 -5.03 -5.20
N ILE A 56 -5.76 -5.59 -4.00
CA ILE A 56 -4.57 -5.46 -3.15
C ILE A 56 -4.02 -6.83 -2.75
N THR A 57 -2.77 -7.08 -3.11
CA THR A 57 -2.13 -8.35 -2.78
C THR A 57 -1.13 -8.18 -1.65
N CYS A 58 -1.40 -8.84 -0.52
CA CYS A 58 -0.51 -8.76 0.64
C CYS A 58 0.43 -9.95 0.68
N LYS A 59 1.67 -9.70 1.08
CA LYS A 59 2.68 -10.75 1.17
C LYS A 59 3.18 -10.90 2.60
N ASP A 60 3.52 -12.13 2.97
CA ASP A 60 4.02 -12.42 4.32
C ASP A 60 5.52 -12.67 4.30
N ASN A 61 6.28 -11.70 4.79
CA ASN A 61 7.74 -11.82 4.83
C ASN A 61 8.19 -12.53 6.10
N LYS A 62 7.45 -12.33 7.19
CA LYS A 62 7.77 -12.97 8.46
C LYS A 62 9.17 -12.55 8.93
N ASP A 63 9.58 -11.34 8.58
CA ASP A 63 10.89 -10.83 8.97
C ASP A 63 10.76 -9.51 9.71
N GLY A 64 9.63 -8.84 9.52
CA GLY A 64 9.40 -7.56 10.18
C GLY A 64 8.86 -6.50 9.24
N THR A 65 8.15 -6.95 8.21
CA THR A 65 7.57 -6.03 7.23
C THR A 65 6.45 -6.70 6.45
N CYS A 66 5.71 -5.90 5.69
CA CYS A 66 4.59 -6.41 4.89
C CYS A 66 4.61 -5.82 3.49
N THR A 67 4.81 -6.67 2.50
CA THR A 67 4.85 -6.24 1.10
C THR A 67 3.48 -6.31 0.47
N VAL A 68 3.01 -5.17 -0.05
CA VAL A 68 1.70 -5.11 -0.70
C VAL A 68 1.81 -4.56 -2.12
N SER A 69 0.87 -4.93 -2.97
CA SER A 69 0.86 -4.46 -4.35
C SER A 69 -0.57 -4.29 -4.85
N TYR A 70 -0.86 -3.12 -5.42
CA TYR A 70 -2.18 -2.82 -5.95
C TYR A 70 -2.14 -2.59 -7.45
N LEU A 71 -3.06 -3.20 -8.17
CA LEU A 71 -3.13 -3.06 -9.62
C LEU A 71 -4.34 -2.22 -10.03
N PRO A 72 -4.09 -0.94 -10.35
CA PRO A 72 -5.14 -0.01 -10.75
C PRO A 72 -5.70 -0.34 -12.14
N THR A 73 -6.88 0.18 -12.43
CA THR A 73 -7.53 -0.05 -13.72
C THR A 73 -7.61 1.22 -14.54
N ALA A 74 -7.65 2.36 -13.85
CA ALA A 74 -7.72 3.65 -14.53
C ALA A 74 -6.78 4.66 -13.88
N PRO A 75 -6.22 5.56 -14.71
CA PRO A 75 -5.29 6.60 -14.24
C PRO A 75 -5.98 7.65 -13.39
N GLY A 76 -5.29 8.10 -12.34
CA GLY A 76 -5.86 9.11 -11.46
C GLY A 76 -5.23 9.09 -10.08
N ASP A 77 -5.79 9.89 -9.17
CA ASP A 77 -5.27 9.96 -7.81
C ASP A 77 -5.91 8.89 -6.93
N TYR A 78 -5.13 7.87 -6.58
CA TYR A 78 -5.60 6.78 -5.76
C TYR A 78 -5.41 7.08 -4.27
N SER A 79 -6.36 6.67 -3.45
CA SER A 79 -6.30 6.91 -2.02
C SER A 79 -6.03 5.61 -1.26
N ILE A 80 -4.80 5.43 -0.81
CA ILE A 80 -4.42 4.22 -0.07
C ILE A 80 -4.68 4.39 1.42
N ILE A 81 -5.82 3.87 1.87
CA ILE A 81 -6.19 3.95 3.27
C ILE A 81 -5.49 2.87 4.10
N VAL A 82 -4.71 3.30 5.08
CA VAL A 82 -3.97 2.38 5.94
C VAL A 82 -4.16 2.74 7.42
N ARG A 83 -5.08 2.05 8.07
CA ARG A 83 -5.35 2.29 9.48
C ARG A 83 -4.63 1.27 10.36
N PHE A 84 -4.55 1.56 11.66
CA PHE A 84 -3.89 0.66 12.60
C PHE A 84 -4.58 0.72 13.97
N ASP A 85 -5.29 -0.34 14.31
CA ASP A 85 -5.98 -0.42 15.59
C ASP A 85 -7.06 0.66 15.69
N ASP A 86 -7.84 0.81 14.62
CA ASP A 86 -8.90 1.81 14.58
C ASP A 86 -8.32 3.22 14.68
N LYS A 87 -7.22 3.44 13.98
CA LYS A 87 -6.57 4.75 13.98
C LYS A 87 -5.79 4.97 12.69
N HIS A 88 -6.11 6.06 11.99
CA HIS A 88 -5.44 6.38 10.74
C HIS A 88 -3.99 6.77 10.98
N ILE A 89 -3.09 6.25 10.15
CA ILE A 89 -1.67 6.55 10.28
C ILE A 89 -1.34 7.92 9.70
N PRO A 90 -0.27 8.53 10.22
CA PRO A 90 0.18 9.86 9.77
C PRO A 90 0.76 9.83 8.36
N GLY A 91 -0.10 10.02 7.37
CA GLY A 91 0.34 10.01 5.98
C GLY A 91 -0.68 9.38 5.05
N SER A 92 -1.70 8.77 5.63
CA SER A 92 -2.75 8.12 4.84
C SER A 92 -4.08 8.87 4.99
N PRO A 93 -4.93 8.73 3.97
CA PRO A 93 -4.64 7.93 2.78
C PRO A 93 -3.56 8.56 1.91
N PHE A 94 -2.67 7.73 1.38
CA PHE A 94 -1.59 8.19 0.53
C PHE A 94 -2.07 8.39 -0.91
N THR A 95 -2.17 9.64 -1.33
CA THR A 95 -2.62 9.97 -2.67
C THR A 95 -1.59 9.55 -3.71
N ALA A 96 -1.82 8.40 -4.34
CA ALA A 96 -0.92 7.89 -5.36
C ALA A 96 -1.31 8.39 -6.74
N LYS A 97 -0.34 8.93 -7.48
CA LYS A 97 -0.58 9.44 -8.82
C LYS A 97 -0.37 8.34 -9.86
N ILE A 98 -1.46 7.85 -10.44
CA ILE A 98 -1.39 6.81 -11.45
C ILE A 98 -1.62 7.39 -12.84
N THR A 99 -0.61 7.22 -13.71
CA THR A 99 -0.70 7.73 -15.07
C THR A 99 -1.19 6.64 -16.03
N GLY A 100 -1.74 7.07 -17.16
CA GLY A 100 -2.24 6.11 -18.14
C GLY A 100 -2.18 6.65 -19.56
N ASP A 101 -3.01 6.10 -20.44
CA ASP A 101 -3.04 6.54 -21.83
C ASP A 101 -4.45 6.41 -22.40
N ASP A 102 -4.82 7.35 -23.27
CA ASP A 102 -6.15 7.33 -23.88
C ASP A 102 -6.03 7.12 -25.39
N SER A 103 -6.87 6.24 -25.92
CA SER A 103 -6.87 5.94 -27.35
C SER A 103 -8.25 6.15 -27.95
N MET A 104 -8.30 6.86 -29.07
CA MET A 104 -9.57 7.14 -29.75
C MET A 104 -9.64 6.40 -31.08
N ARG A 105 -8.66 6.66 -31.95
CA ARG A 105 -8.62 6.02 -33.26
C ARG A 105 -7.22 5.50 -33.57
N SER A 106 -7.15 4.31 -34.14
CA SER A 106 -5.86 3.69 -34.48
C SER A 106 -5.81 3.35 -35.96
N GLY A 107 -5.42 4.31 -36.78
CA GLY A 107 -5.32 4.08 -38.21
C GLY A 107 -5.19 5.37 -38.99
N PRO A 108 -4.80 5.26 -40.27
CA PRO A 108 -4.63 6.41 -41.16
C PRO A 108 -5.96 7.06 -41.53
N SER A 109 -6.24 8.20 -40.91
CA SER A 109 -7.47 8.93 -41.16
C SER A 109 -7.55 9.38 -42.61
N SER A 110 -8.69 9.13 -43.25
CA SER A 110 -8.89 9.51 -44.64
C SER A 110 -9.59 10.86 -44.75
N GLY A 111 -9.55 11.45 -45.94
CA GLY A 111 -10.18 12.74 -46.15
C GLY A 111 -11.17 12.73 -47.30
N GLY A 1 12.17 4.12 35.29
CA GLY A 1 12.84 2.83 35.32
C GLY A 1 12.38 1.91 34.21
N SER A 2 12.02 0.69 34.57
CA SER A 2 11.57 -0.30 33.59
C SER A 2 10.57 0.34 32.61
N SER A 3 9.48 0.88 33.15
CA SER A 3 8.45 1.51 32.34
C SER A 3 7.94 2.79 33.00
N GLY A 4 7.40 3.69 32.18
CA GLY A 4 6.88 4.94 32.70
C GLY A 4 6.11 4.75 33.99
N SER A 5 6.49 5.52 35.02
CA SER A 5 5.83 5.43 36.32
C SER A 5 4.40 5.95 36.24
N SER A 6 3.43 5.04 36.30
CA SER A 6 2.03 5.42 36.23
C SER A 6 1.69 6.03 34.87
N GLY A 7 2.23 5.43 33.82
CA GLY A 7 1.98 5.93 32.47
C GLY A 7 1.88 4.82 31.45
N ALA A 8 0.98 4.98 30.49
CA ALA A 8 0.78 3.98 29.45
C ALA A 8 1.85 4.10 28.36
N ILE A 9 2.90 3.30 28.49
CA ILE A 9 3.99 3.32 27.52
C ILE A 9 3.47 3.54 26.10
N ASN A 10 4.11 4.45 25.37
CA ASN A 10 3.72 4.75 24.01
C ASN A 10 4.76 4.25 23.02
N SER A 11 4.65 2.98 22.63
CA SER A 11 5.59 2.38 21.69
C SER A 11 4.86 1.85 20.47
N ARG A 12 4.77 2.68 19.43
CA ARG A 12 4.09 2.29 18.20
C ARG A 12 4.35 3.32 17.09
N HIS A 13 4.53 2.83 15.87
CA HIS A 13 4.78 3.69 14.73
C HIS A 13 4.60 2.93 13.42
N VAL A 14 4.00 3.58 12.44
CA VAL A 14 3.76 2.97 11.14
C VAL A 14 3.91 3.99 10.01
N SER A 15 4.69 3.63 9.00
CA SER A 15 4.91 4.52 7.86
C SER A 15 5.10 3.72 6.58
N ALA A 16 4.44 4.16 5.51
CA ALA A 16 4.53 3.48 4.23
C ALA A 16 5.47 4.23 3.29
N TYR A 17 6.25 3.47 2.52
CA TYR A 17 7.20 4.06 1.57
C TYR A 17 7.46 3.12 0.40
N GLY A 18 7.22 3.60 -0.80
CA GLY A 18 7.43 2.80 -1.99
C GLY A 18 7.13 3.55 -3.27
N PRO A 19 7.43 2.92 -4.42
CA PRO A 19 7.20 3.52 -5.73
C PRO A 19 5.72 3.63 -6.07
N GLY A 20 4.97 2.59 -5.74
CA GLY A 20 3.53 2.58 -6.01
C GLY A 20 2.79 3.61 -5.19
N LEU A 21 3.32 3.95 -4.02
CA LEU A 21 2.70 4.93 -3.15
C LEU A 21 2.87 6.34 -3.69
N SER A 22 4.08 6.65 -4.16
CA SER A 22 4.37 7.96 -4.71
C SER A 22 3.69 8.16 -6.05
N HIS A 23 3.72 7.11 -6.88
CA HIS A 23 3.10 7.17 -8.20
C HIS A 23 2.99 5.78 -8.81
N GLY A 24 2.43 5.70 -10.01
CA GLY A 24 2.29 4.43 -10.69
C GLY A 24 1.73 4.57 -12.09
N MET A 25 1.39 3.44 -12.71
CA MET A 25 0.85 3.44 -14.06
C MET A 25 -0.27 2.41 -14.19
N VAL A 26 -1.19 2.66 -15.12
CA VAL A 26 -2.30 1.74 -15.35
C VAL A 26 -1.80 0.36 -15.75
N ASN A 27 -2.52 -0.67 -15.30
CA ASN A 27 -2.14 -2.04 -15.61
C ASN A 27 -0.78 -2.40 -15.02
N LYS A 28 -0.48 -1.79 -13.87
CA LYS A 28 0.79 -2.04 -13.19
C LYS A 28 0.60 -2.13 -11.69
N PRO A 29 1.01 -3.27 -11.11
CA PRO A 29 0.89 -3.52 -9.67
C PRO A 29 1.84 -2.65 -8.85
N ALA A 30 1.30 -1.57 -8.29
CA ALA A 30 2.10 -0.65 -7.49
C ALA A 30 2.59 -1.33 -6.21
N THR A 31 3.87 -1.67 -6.18
CA THR A 31 4.47 -2.33 -5.02
C THR A 31 5.08 -1.30 -4.07
N PHE A 32 4.88 -1.51 -2.77
CA PHE A 32 5.41 -0.61 -1.76
C PHE A 32 5.70 -1.36 -0.46
N THR A 33 6.40 -0.70 0.45
CA THR A 33 6.75 -1.30 1.73
C THR A 33 6.02 -0.61 2.88
N ILE A 34 5.61 -1.39 3.87
CA ILE A 34 4.91 -0.85 5.03
C ILE A 34 5.65 -1.17 6.32
N VAL A 35 6.16 -0.13 6.98
CA VAL A 35 6.89 -0.29 8.23
C VAL A 35 5.97 -0.76 9.35
N THR A 36 5.95 -2.06 9.60
CA THR A 36 5.11 -2.63 10.64
C THR A 36 5.92 -3.54 11.56
N LYS A 37 7.18 -3.18 11.79
CA LYS A 37 8.05 -3.95 12.65
C LYS A 37 7.66 -3.79 14.12
N ASP A 38 7.54 -2.54 14.56
CA ASP A 38 7.17 -2.24 15.94
C ASP A 38 5.68 -2.40 16.15
N ALA A 39 4.89 -1.70 15.33
CA ALA A 39 3.44 -1.76 15.42
C ALA A 39 2.97 -3.17 15.80
N GLY A 40 3.53 -4.17 15.13
CA GLY A 40 3.14 -5.55 15.40
C GLY A 40 1.72 -5.86 15.00
N GLU A 41 1.57 -6.64 13.94
CA GLU A 41 0.24 -7.01 13.44
C GLU A 41 -0.75 -7.15 14.60
N GLY A 42 -1.90 -6.50 14.47
CA GLY A 42 -2.91 -6.56 15.50
C GLY A 42 -4.27 -6.11 15.02
N GLY A 43 -4.28 -5.16 14.08
CA GLY A 43 -5.53 -4.66 13.55
C GLY A 43 -5.33 -3.76 12.34
N LEU A 44 -4.41 -4.14 11.47
CA LEU A 44 -4.12 -3.36 10.27
C LEU A 44 -5.14 -3.63 9.18
N SER A 45 -5.39 -2.63 8.34
CA SER A 45 -6.35 -2.75 7.25
C SER A 45 -5.82 -2.10 5.98
N LEU A 46 -6.29 -2.60 4.84
CA LEU A 46 -5.86 -2.08 3.55
C LEU A 46 -7.06 -1.85 2.63
N ALA A 47 -7.10 -0.69 2.00
CA ALA A 47 -8.20 -0.34 1.09
C ALA A 47 -7.85 0.88 0.25
N VAL A 48 -8.08 0.77 -1.06
CA VAL A 48 -7.78 1.87 -1.97
C VAL A 48 -9.07 2.46 -2.56
N GLU A 49 -9.16 3.78 -2.56
CA GLU A 49 -10.34 4.46 -3.08
C GLU A 49 -9.95 5.47 -4.16
N GLY A 50 -10.19 5.11 -5.42
CA GLY A 50 -9.85 6.00 -6.52
C GLY A 50 -10.86 5.92 -7.65
N PRO A 51 -10.42 6.28 -8.86
CA PRO A 51 -11.27 6.26 -10.05
C PRO A 51 -11.61 4.84 -10.50
N SER A 52 -11.16 3.86 -9.72
CA SER A 52 -11.42 2.46 -10.03
C SER A 52 -10.96 1.55 -8.90
N LYS A 53 -11.59 0.39 -8.80
CA LYS A 53 -11.24 -0.58 -7.75
C LYS A 53 -10.02 -1.41 -8.14
N ALA A 54 -8.94 -1.24 -7.39
CA ALA A 54 -7.71 -1.97 -7.66
C ALA A 54 -7.47 -3.05 -6.60
N GLU A 55 -7.35 -4.30 -7.06
CA GLU A 55 -7.13 -5.42 -6.15
C GLU A 55 -5.78 -5.27 -5.43
N ILE A 56 -5.81 -5.41 -4.11
CA ILE A 56 -4.61 -5.31 -3.31
C ILE A 56 -4.17 -6.66 -2.77
N THR A 57 -2.90 -7.00 -2.97
CA THR A 57 -2.35 -8.27 -2.50
C THR A 57 -1.33 -8.05 -1.40
N CYS A 58 -1.64 -8.53 -0.21
CA CYS A 58 -0.75 -8.39 0.94
C CYS A 58 0.05 -9.67 1.16
N LYS A 59 1.37 -9.51 1.32
CA LYS A 59 2.25 -10.65 1.54
C LYS A 59 2.81 -10.64 2.95
N ASP A 60 3.33 -11.79 3.39
CA ASP A 60 3.90 -11.91 4.72
C ASP A 60 5.42 -12.08 4.65
N ASN A 61 6.14 -11.17 5.30
CA ASN A 61 7.59 -11.21 5.29
C ASN A 61 8.11 -12.00 6.49
N LYS A 62 7.47 -11.81 7.64
CA LYS A 62 7.86 -12.51 8.87
C LYS A 62 9.23 -12.02 9.35
N ASP A 63 9.53 -10.76 9.08
CA ASP A 63 10.79 -10.17 9.50
C ASP A 63 10.57 -8.83 10.18
N GLY A 64 9.54 -8.12 9.74
CA GLY A 64 9.23 -6.82 10.32
C GLY A 64 8.71 -5.84 9.29
N THR A 65 7.98 -6.34 8.31
CA THR A 65 7.41 -5.50 7.26
C THR A 65 6.24 -6.18 6.58
N CYS A 66 5.67 -5.51 5.58
CA CYS A 66 4.53 -6.04 4.85
C CYS A 66 4.55 -5.58 3.39
N THR A 67 4.71 -6.54 2.48
CA THR A 67 4.76 -6.24 1.05
C THR A 67 3.36 -6.27 0.44
N VAL A 68 2.94 -5.14 -0.12
CA VAL A 68 1.62 -5.05 -0.75
C VAL A 68 1.73 -4.54 -2.18
N SER A 69 0.78 -4.95 -3.01
CA SER A 69 0.77 -4.53 -4.42
C SER A 69 -0.66 -4.35 -4.92
N TYR A 70 -0.94 -3.20 -5.50
CA TYR A 70 -2.27 -2.90 -6.03
C TYR A 70 -2.21 -2.64 -7.53
N LEU A 71 -3.14 -3.24 -8.26
CA LEU A 71 -3.21 -3.06 -9.71
C LEU A 71 -4.41 -2.21 -10.10
N PRO A 72 -4.14 -0.93 -10.41
CA PRO A 72 -5.19 0.02 -10.81
C PRO A 72 -5.75 -0.29 -12.19
N THR A 73 -6.91 0.28 -12.49
CA THR A 73 -7.56 0.06 -13.77
C THR A 73 -7.69 1.37 -14.55
N ALA A 74 -7.69 2.49 -13.83
CA ALA A 74 -7.81 3.79 -14.45
C ALA A 74 -6.85 4.80 -13.82
N PRO A 75 -6.35 5.73 -14.63
CA PRO A 75 -5.40 6.76 -14.18
C PRO A 75 -6.06 7.78 -13.26
N GLY A 76 -5.30 8.28 -12.29
CA GLY A 76 -5.84 9.25 -11.36
C GLY A 76 -5.15 9.20 -10.01
N ASP A 77 -5.66 9.96 -9.05
CA ASP A 77 -5.10 10.00 -7.71
C ASP A 77 -5.76 8.95 -6.81
N TYR A 78 -5.05 7.84 -6.59
CA TYR A 78 -5.56 6.76 -5.76
C TYR A 78 -5.35 7.06 -4.28
N SER A 79 -6.33 6.70 -3.46
CA SER A 79 -6.25 6.93 -2.03
C SER A 79 -6.02 5.63 -1.27
N ILE A 80 -4.77 5.39 -0.87
CA ILE A 80 -4.43 4.17 -0.14
C ILE A 80 -4.65 4.35 1.35
N ILE A 81 -5.77 3.84 1.84
CA ILE A 81 -6.10 3.94 3.26
C ILE A 81 -5.42 2.85 4.06
N VAL A 82 -4.66 3.25 5.08
CA VAL A 82 -3.95 2.30 5.93
C VAL A 82 -4.18 2.60 7.40
N ARG A 83 -5.08 1.85 8.02
CA ARG A 83 -5.40 2.03 9.43
C ARG A 83 -4.80 0.92 10.28
N PHE A 84 -4.48 1.23 11.53
CA PHE A 84 -3.90 0.25 12.44
C PHE A 84 -4.59 0.30 13.80
N ASP A 85 -5.40 -0.71 14.09
CA ASP A 85 -6.12 -0.79 15.35
C ASP A 85 -7.09 0.39 15.50
N ASP A 86 -7.84 0.66 14.45
CA ASP A 86 -8.79 1.76 14.45
C ASP A 86 -8.09 3.10 14.65
N LYS A 87 -6.99 3.30 13.94
CA LYS A 87 -6.22 4.54 14.03
C LYS A 87 -5.47 4.81 12.74
N HIS A 88 -5.79 5.92 12.09
CA HIS A 88 -5.14 6.29 10.84
C HIS A 88 -3.66 6.58 11.07
N ILE A 89 -2.82 6.06 10.17
CA ILE A 89 -1.39 6.25 10.27
C ILE A 89 -0.97 7.63 9.74
N PRO A 90 0.15 8.15 10.27
CA PRO A 90 0.67 9.46 9.86
C PRO A 90 1.21 9.46 8.44
N GLY A 91 0.32 9.58 7.46
CA GLY A 91 0.73 9.59 6.08
C GLY A 91 -0.34 9.05 5.15
N SER A 92 -1.37 8.43 5.73
CA SER A 92 -2.47 7.86 4.94
C SER A 92 -3.74 8.66 5.15
N PRO A 93 -4.65 8.60 4.16
CA PRO A 93 -4.43 7.82 2.94
C PRO A 93 -3.34 8.42 2.05
N PHE A 94 -2.49 7.56 1.50
CA PHE A 94 -1.40 8.02 0.63
C PHE A 94 -1.91 8.25 -0.79
N THR A 95 -1.88 9.50 -1.22
CA THR A 95 -2.33 9.87 -2.56
C THR A 95 -1.32 9.45 -3.61
N ALA A 96 -1.60 8.34 -4.29
CA ALA A 96 -0.71 7.83 -5.34
C ALA A 96 -1.21 8.22 -6.72
N LYS A 97 -0.31 8.75 -7.54
CA LYS A 97 -0.66 9.16 -8.90
C LYS A 97 -0.47 8.01 -9.88
N ILE A 98 -1.47 7.77 -10.72
CA ILE A 98 -1.40 6.70 -11.70
C ILE A 98 -1.66 7.24 -13.11
N THR A 99 -0.68 7.08 -13.99
CA THR A 99 -0.80 7.55 -15.36
C THR A 99 -0.89 6.38 -16.33
N GLY A 100 -1.65 6.57 -17.42
CA GLY A 100 -1.80 5.52 -18.41
C GLY A 100 -3.14 5.60 -19.14
N ASP A 101 -3.15 5.13 -20.37
CA ASP A 101 -4.37 5.16 -21.17
C ASP A 101 -4.53 3.86 -21.96
N ASP A 102 -5.47 3.02 -21.53
CA ASP A 102 -5.72 1.75 -22.19
C ASP A 102 -6.01 1.96 -23.68
N SER A 103 -5.40 1.13 -24.52
CA SER A 103 -5.58 1.23 -25.96
C SER A 103 -5.79 -0.15 -26.57
N MET A 104 -6.02 -0.18 -27.88
CA MET A 104 -6.24 -1.44 -28.59
C MET A 104 -4.90 -2.09 -28.94
N ARG A 105 -4.97 -3.31 -29.48
CA ARG A 105 -3.77 -4.05 -29.86
C ARG A 105 -3.94 -4.67 -31.25
N SER A 106 -2.80 -5.01 -31.87
CA SER A 106 -2.82 -5.61 -33.20
C SER A 106 -1.78 -6.72 -33.30
N GLY A 107 -1.95 -7.58 -34.31
CA GLY A 107 -1.02 -8.68 -34.49
C GLY A 107 -1.72 -10.02 -34.64
N PRO A 108 -1.67 -10.58 -35.86
CA PRO A 108 -2.30 -11.88 -36.14
C PRO A 108 -1.59 -13.04 -35.47
N SER A 109 -2.16 -14.23 -35.59
CA SER A 109 -1.57 -15.43 -34.99
C SER A 109 -1.86 -16.66 -35.85
N SER A 110 -0.82 -17.44 -36.11
CA SER A 110 -0.95 -18.65 -36.91
C SER A 110 -2.00 -18.45 -38.01
N GLY A 111 -1.96 -17.29 -38.65
CA GLY A 111 -2.90 -17.00 -39.72
C GLY A 111 -2.47 -17.58 -41.05
N GLY A 1 23.74 -14.17 23.31
CA GLY A 1 22.57 -14.72 23.98
C GLY A 1 21.50 -13.67 24.22
N SER A 2 20.51 -13.62 23.34
CA SER A 2 19.42 -12.66 23.47
C SER A 2 18.90 -12.61 24.90
N SER A 3 18.57 -13.78 25.44
CA SER A 3 18.06 -13.87 26.80
C SER A 3 17.07 -12.75 27.09
N GLY A 4 16.20 -12.47 26.12
CA GLY A 4 15.21 -11.41 26.28
C GLY A 4 14.34 -11.24 25.05
N SER A 5 13.12 -10.76 25.27
CA SER A 5 12.18 -10.56 24.17
C SER A 5 12.01 -9.07 23.86
N SER A 6 13.12 -8.34 23.88
CA SER A 6 13.10 -6.91 23.61
C SER A 6 14.14 -6.53 22.56
N GLY A 7 13.74 -5.69 21.62
CA GLY A 7 14.65 -5.26 20.57
C GLY A 7 14.35 -3.87 20.07
N ALA A 8 14.71 -2.86 20.85
CA ALA A 8 14.47 -1.47 20.48
C ALA A 8 12.97 -1.21 20.29
N ILE A 9 12.16 -1.74 21.20
CA ILE A 9 10.71 -1.56 21.13
C ILE A 9 10.25 -0.42 22.04
N ASN A 10 11.01 0.67 22.04
CA ASN A 10 10.68 1.82 22.87
C ASN A 10 9.29 2.34 22.55
N SER A 11 9.07 2.67 21.28
CA SER A 11 7.77 3.19 20.84
C SER A 11 7.33 2.52 19.54
N ARG A 12 6.03 2.54 19.29
CA ARG A 12 5.48 1.93 18.08
C ARG A 12 5.05 3.00 17.08
N HIS A 13 5.18 2.69 15.79
CA HIS A 13 4.81 3.61 14.74
C HIS A 13 4.66 2.90 13.40
N VAL A 14 3.89 3.48 12.50
CA VAL A 14 3.66 2.90 11.18
C VAL A 14 4.00 3.89 10.08
N SER A 15 4.83 3.44 9.14
CA SER A 15 5.23 4.29 8.02
C SER A 15 5.59 3.44 6.79
N ALA A 16 4.89 3.70 5.70
CA ALA A 16 5.13 2.96 4.46
C ALA A 16 5.94 3.80 3.47
N TYR A 17 6.64 3.12 2.56
CA TYR A 17 7.46 3.80 1.57
C TYR A 17 7.67 2.92 0.34
N GLY A 18 7.46 3.50 -0.84
CA GLY A 18 7.64 2.75 -2.07
C GLY A 18 7.31 3.57 -3.30
N PRO A 19 7.63 3.03 -4.48
CA PRO A 19 7.38 3.71 -5.76
C PRO A 19 5.89 3.79 -6.08
N GLY A 20 5.17 2.70 -5.87
CA GLY A 20 3.75 2.66 -6.15
C GLY A 20 2.98 3.67 -5.31
N LEU A 21 3.52 4.02 -4.16
CA LEU A 21 2.88 4.98 -3.26
C LEU A 21 3.03 6.41 -3.79
N SER A 22 4.21 6.71 -4.33
CA SER A 22 4.48 8.03 -4.88
C SER A 22 3.80 8.21 -6.23
N HIS A 23 3.83 7.17 -7.05
CA HIS A 23 3.21 7.22 -8.36
C HIS A 23 3.19 5.83 -9.02
N GLY A 24 2.55 5.73 -10.17
CA GLY A 24 2.47 4.46 -10.86
C GLY A 24 1.82 4.58 -12.23
N MET A 25 1.42 3.45 -12.80
CA MET A 25 0.78 3.43 -14.11
C MET A 25 -0.34 2.40 -14.15
N VAL A 26 -1.29 2.60 -15.06
CA VAL A 26 -2.42 1.69 -15.20
C VAL A 26 -1.94 0.29 -15.59
N ASN A 27 -2.69 -0.72 -15.14
CA ASN A 27 -2.35 -2.11 -15.44
C ASN A 27 -0.98 -2.46 -14.87
N LYS A 28 -0.62 -1.83 -13.76
CA LYS A 28 0.67 -2.08 -13.11
C LYS A 28 0.52 -2.11 -11.59
N PRO A 29 0.89 -3.24 -10.99
CA PRO A 29 0.80 -3.43 -9.54
C PRO A 29 1.83 -2.59 -8.79
N ALA A 30 1.36 -1.52 -8.16
CA ALA A 30 2.24 -0.63 -7.41
C ALA A 30 2.74 -1.30 -6.13
N THR A 31 4.02 -1.65 -6.11
CA THR A 31 4.62 -2.30 -4.95
C THR A 31 5.23 -1.28 -4.00
N PHE A 32 5.01 -1.49 -2.71
CA PHE A 32 5.53 -0.58 -1.69
C PHE A 32 5.83 -1.34 -0.39
N THR A 33 6.58 -0.70 0.50
CA THR A 33 6.93 -1.31 1.78
C THR A 33 6.13 -0.70 2.92
N ILE A 34 5.69 -1.54 3.85
CA ILE A 34 4.91 -1.08 5.00
C ILE A 34 5.60 -1.41 6.31
N VAL A 35 6.11 -0.37 6.97
CA VAL A 35 6.81 -0.55 8.24
C VAL A 35 5.84 -1.00 9.33
N THR A 36 5.78 -2.30 9.58
CA THR A 36 4.90 -2.85 10.59
C THR A 36 5.69 -3.64 11.64
N LYS A 37 6.98 -3.33 11.76
CA LYS A 37 7.84 -4.01 12.71
C LYS A 37 7.47 -3.63 14.14
N ASP A 38 7.53 -2.34 14.43
CA ASP A 38 7.20 -1.84 15.76
C ASP A 38 5.70 -1.96 16.04
N ALA A 39 4.89 -1.52 15.09
CA ALA A 39 3.43 -1.58 15.23
C ALA A 39 3.01 -2.86 15.95
N GLY A 40 3.62 -3.97 15.57
CA GLY A 40 3.29 -5.24 16.19
C GLY A 40 1.92 -5.76 15.78
N GLU A 41 1.82 -7.07 15.60
CA GLU A 41 0.56 -7.69 15.20
C GLU A 41 -0.63 -6.99 15.87
N GLY A 42 -1.42 -6.28 15.09
CA GLY A 42 -2.58 -5.58 15.63
C GLY A 42 -3.77 -5.64 14.70
N GLY A 43 -4.28 -4.47 14.31
CA GLY A 43 -5.43 -4.41 13.43
C GLY A 43 -5.19 -3.52 12.23
N LEU A 44 -4.32 -3.96 11.33
CA LEU A 44 -4.00 -3.19 10.13
C LEU A 44 -4.96 -3.54 8.99
N SER A 45 -5.47 -2.51 8.33
CA SER A 45 -6.40 -2.71 7.22
C SER A 45 -5.86 -2.08 5.94
N LEU A 46 -6.35 -2.56 4.80
CA LEU A 46 -5.92 -2.05 3.51
C LEU A 46 -7.10 -1.80 2.59
N ALA A 47 -7.17 -0.61 2.00
CA ALA A 47 -8.26 -0.26 1.10
C ALA A 47 -7.79 0.75 0.05
N VAL A 48 -8.60 0.92 -0.99
CA VAL A 48 -8.28 1.86 -2.06
C VAL A 48 -9.50 2.69 -2.46
N GLU A 49 -9.27 3.96 -2.75
CA GLU A 49 -10.35 4.85 -3.15
C GLU A 49 -9.89 5.85 -4.21
N GLY A 50 -10.32 5.63 -5.44
CA GLY A 50 -9.93 6.50 -6.53
C GLY A 50 -10.88 6.42 -7.71
N PRO A 51 -10.33 6.55 -8.93
CA PRO A 51 -11.12 6.49 -10.16
C PRO A 51 -11.65 5.09 -10.45
N SER A 52 -11.14 4.11 -9.70
CA SER A 52 -11.57 2.73 -9.88
C SER A 52 -11.15 1.88 -8.69
N LYS A 53 -11.62 0.64 -8.65
CA LYS A 53 -11.29 -0.29 -7.57
C LYS A 53 -10.09 -1.15 -7.94
N ALA A 54 -9.00 -0.98 -7.20
CA ALA A 54 -7.79 -1.75 -7.44
C ALA A 54 -7.54 -2.76 -6.33
N GLU A 55 -7.41 -4.03 -6.69
CA GLU A 55 -7.16 -5.09 -5.72
C GLU A 55 -5.88 -4.83 -4.94
N ILE A 56 -5.81 -5.35 -3.72
CA ILE A 56 -4.64 -5.19 -2.88
C ILE A 56 -4.15 -6.52 -2.35
N THR A 57 -2.93 -6.90 -2.73
CA THR A 57 -2.33 -8.15 -2.29
C THR A 57 -1.58 -7.98 -0.99
N CYS A 58 -1.04 -9.08 -0.46
CA CYS A 58 -0.29 -9.04 0.78
C CYS A 58 0.65 -10.24 0.88
N LYS A 59 1.80 -10.03 1.51
CA LYS A 59 2.79 -11.10 1.68
C LYS A 59 3.39 -11.07 3.07
N ASP A 60 3.58 -12.24 3.66
CA ASP A 60 4.16 -12.34 5.00
C ASP A 60 5.66 -12.59 4.92
N ASN A 61 6.44 -11.53 5.15
CA ASN A 61 7.89 -11.63 5.11
C ASN A 61 8.45 -12.14 6.44
N LYS A 62 7.73 -11.85 7.51
CA LYS A 62 8.14 -12.28 8.85
C LYS A 62 9.54 -11.75 9.18
N ASP A 63 9.84 -10.56 8.68
CA ASP A 63 11.14 -9.94 8.93
C ASP A 63 10.97 -8.58 9.61
N GLY A 64 9.76 -8.05 9.59
CA GLY A 64 9.48 -6.77 10.20
C GLY A 64 8.75 -5.83 9.27
N THR A 65 8.33 -6.34 8.12
CA THR A 65 7.61 -5.54 7.14
C THR A 65 6.68 -6.40 6.30
N CYS A 66 5.86 -5.75 5.48
CA CYS A 66 4.91 -6.45 4.62
C CYS A 66 4.99 -5.94 3.18
N THR A 67 4.83 -6.84 2.22
CA THR A 67 4.88 -6.47 0.81
C THR A 67 3.48 -6.44 0.20
N VAL A 68 2.99 -5.24 -0.08
CA VAL A 68 1.67 -5.06 -0.67
C VAL A 68 1.76 -4.47 -2.06
N SER A 69 0.85 -4.88 -2.94
CA SER A 69 0.83 -4.38 -4.31
C SER A 69 -0.60 -4.21 -4.80
N TYR A 70 -0.90 -3.05 -5.39
CA TYR A 70 -2.22 -2.76 -5.90
C TYR A 70 -2.19 -2.53 -7.41
N LEU A 71 -3.10 -3.18 -8.12
CA LEU A 71 -3.18 -3.04 -9.58
C LEU A 71 -4.38 -2.20 -9.98
N PRO A 72 -4.13 -0.91 -10.29
CA PRO A 72 -5.19 0.01 -10.70
C PRO A 72 -5.74 -0.31 -12.08
N THR A 73 -6.90 0.26 -12.40
CA THR A 73 -7.53 0.03 -13.69
C THR A 73 -7.62 1.33 -14.49
N ALA A 74 -7.74 2.44 -13.79
CA ALA A 74 -7.83 3.75 -14.44
C ALA A 74 -6.85 4.74 -13.82
N PRO A 75 -6.32 5.63 -14.66
CA PRO A 75 -5.36 6.65 -14.22
C PRO A 75 -6.00 7.72 -13.34
N GLY A 76 -5.29 8.11 -12.29
CA GLY A 76 -5.81 9.12 -11.38
C GLY A 76 -5.11 9.10 -10.03
N ASP A 77 -5.72 9.74 -9.05
CA ASP A 77 -5.15 9.80 -7.70
C ASP A 77 -5.80 8.74 -6.80
N TYR A 78 -5.04 7.69 -6.50
CA TYR A 78 -5.53 6.61 -5.65
C TYR A 78 -5.27 6.92 -4.19
N SER A 79 -6.30 6.74 -3.37
CA SER A 79 -6.20 7.00 -1.94
C SER A 79 -6.08 5.70 -1.16
N ILE A 80 -4.85 5.34 -0.79
CA ILE A 80 -4.60 4.11 -0.05
C ILE A 80 -4.88 4.31 1.45
N ILE A 81 -6.04 3.86 1.90
CA ILE A 81 -6.42 3.98 3.30
C ILE A 81 -5.85 2.83 4.12
N VAL A 82 -4.98 3.17 5.07
CA VAL A 82 -4.38 2.17 5.95
C VAL A 82 -4.58 2.51 7.42
N ARG A 83 -5.56 1.85 8.04
CA ARG A 83 -5.85 2.08 9.45
C ARG A 83 -5.25 0.99 10.33
N PHE A 84 -4.99 1.32 11.58
CA PHE A 84 -4.41 0.37 12.52
C PHE A 84 -5.13 0.43 13.87
N ASP A 85 -6.00 -0.55 14.11
CA ASP A 85 -6.75 -0.62 15.35
C ASP A 85 -7.68 0.59 15.49
N ASP A 86 -8.38 0.92 14.41
CA ASP A 86 -9.30 2.05 14.40
C ASP A 86 -8.55 3.36 14.55
N LYS A 87 -7.44 3.49 13.81
CA LYS A 87 -6.63 4.70 13.86
C LYS A 87 -5.86 4.88 12.55
N HIS A 88 -6.08 6.01 11.89
CA HIS A 88 -5.40 6.31 10.64
C HIS A 88 -3.90 6.53 10.86
N ILE A 89 -3.09 5.88 10.03
CA ILE A 89 -1.64 6.01 10.13
C ILE A 89 -1.17 7.37 9.64
N PRO A 90 -0.03 7.84 10.16
CA PRO A 90 0.56 9.12 9.78
C PRO A 90 1.11 9.12 8.36
N GLY A 91 0.25 9.43 7.39
CA GLY A 91 0.67 9.44 6.01
C GLY A 91 -0.42 8.96 5.07
N SER A 92 -1.47 8.38 5.63
CA SER A 92 -2.59 7.87 4.83
C SER A 92 -3.83 8.74 5.01
N PRO A 93 -4.72 8.71 4.00
CA PRO A 93 -4.51 7.92 2.79
C PRO A 93 -3.39 8.45 1.92
N PHE A 94 -2.59 7.55 1.36
CA PHE A 94 -1.47 7.93 0.50
C PHE A 94 -1.94 8.18 -0.93
N THR A 95 -2.08 9.45 -1.29
CA THR A 95 -2.53 9.82 -2.63
C THR A 95 -1.47 9.48 -3.67
N ALA A 96 -1.66 8.35 -4.35
CA ALA A 96 -0.72 7.91 -5.38
C ALA A 96 -1.21 8.32 -6.76
N LYS A 97 -0.29 8.84 -7.58
CA LYS A 97 -0.63 9.27 -8.93
C LYS A 97 -0.42 8.14 -9.92
N ILE A 98 -1.50 7.74 -10.59
CA ILE A 98 -1.44 6.66 -11.57
C ILE A 98 -1.73 7.19 -12.98
N THR A 99 -0.73 7.06 -13.85
CA THR A 99 -0.87 7.51 -15.22
C THR A 99 -1.32 6.38 -16.14
N GLY A 100 -2.08 6.72 -17.17
CA GLY A 100 -2.57 5.72 -18.10
C GLY A 100 -2.15 6.01 -19.53
N ASP A 101 -1.37 5.10 -20.11
CA ASP A 101 -0.90 5.26 -21.48
C ASP A 101 -1.25 4.03 -22.32
N ASP A 102 -1.34 4.23 -23.63
CA ASP A 102 -1.66 3.14 -24.55
C ASP A 102 -0.66 2.00 -24.41
N SER A 103 -1.17 0.79 -24.21
CA SER A 103 -0.32 -0.38 -24.05
C SER A 103 -0.01 -1.00 -25.41
N MET A 104 1.22 -0.80 -25.88
CA MET A 104 1.64 -1.34 -27.16
C MET A 104 2.93 -2.14 -27.02
N ARG A 105 2.84 -3.45 -27.18
CA ARG A 105 4.00 -4.32 -27.07
C ARG A 105 4.43 -4.83 -28.44
N SER A 106 5.70 -5.20 -28.54
CA SER A 106 6.25 -5.70 -29.81
C SER A 106 7.62 -6.35 -29.58
N GLY A 107 8.02 -7.20 -30.54
CA GLY A 107 9.29 -7.87 -30.43
C GLY A 107 9.42 -9.04 -31.39
N PRO A 108 10.62 -9.23 -31.94
CA PRO A 108 10.90 -10.32 -32.88
C PRO A 108 10.88 -11.69 -32.21
N SER A 109 11.57 -11.80 -31.09
CA SER A 109 11.63 -13.06 -30.35
C SER A 109 10.47 -13.18 -29.38
N SER A 110 9.78 -14.32 -29.40
CA SER A 110 8.65 -14.56 -28.51
C SER A 110 9.13 -15.01 -27.14
N GLY A 111 9.97 -16.05 -27.13
CA GLY A 111 10.48 -16.56 -25.87
C GLY A 111 10.06 -18.01 -25.63
N GLY A 1 22.28 -19.00 30.14
CA GLY A 1 23.26 -18.01 29.71
C GLY A 1 22.73 -16.60 29.79
N SER A 2 23.25 -15.73 28.93
CA SER A 2 22.83 -14.33 28.91
C SER A 2 21.75 -14.10 27.85
N SER A 3 20.94 -13.07 28.06
CA SER A 3 19.86 -12.75 27.13
C SER A 3 19.63 -11.25 27.06
N GLY A 4 19.32 -10.75 25.87
CA GLY A 4 19.08 -9.33 25.69
C GLY A 4 19.71 -8.79 24.42
N SER A 5 19.00 -8.92 23.31
CA SER A 5 19.50 -8.45 22.02
C SER A 5 18.58 -7.37 21.46
N SER A 6 18.13 -6.47 22.32
CA SER A 6 17.25 -5.39 21.91
C SER A 6 17.31 -4.22 22.90
N GLY A 7 16.63 -3.13 22.57
CA GLY A 7 16.62 -1.97 23.44
C GLY A 7 16.22 -0.70 22.70
N ALA A 8 14.92 -0.45 22.61
CA ALA A 8 14.42 0.73 21.94
C ALA A 8 13.05 1.14 22.49
N ILE A 9 12.86 2.43 22.69
CA ILE A 9 11.60 2.95 23.21
C ILE A 9 10.64 3.29 22.09
N ASN A 10 9.46 2.66 22.11
CA ASN A 10 8.46 2.89 21.08
C ASN A 10 7.15 2.18 21.44
N SER A 11 6.08 2.95 21.57
CA SER A 11 4.77 2.40 21.90
C SER A 11 4.10 1.81 20.67
N ARG A 12 4.09 2.59 19.59
CA ARG A 12 3.47 2.14 18.34
C ARG A 12 3.72 3.15 17.23
N HIS A 13 3.88 2.65 16.00
CA HIS A 13 4.11 3.51 14.86
C HIS A 13 4.12 2.70 13.56
N VAL A 14 3.65 3.31 12.48
CA VAL A 14 3.60 2.64 11.19
C VAL A 14 3.71 3.66 10.04
N SER A 15 4.44 3.27 9.00
CA SER A 15 4.62 4.15 7.84
C SER A 15 4.98 3.33 6.60
N ALA A 16 4.27 3.59 5.50
CA ALA A 16 4.50 2.88 4.25
C ALA A 16 5.31 3.74 3.28
N TYR A 17 6.14 3.09 2.47
CA TYR A 17 6.96 3.81 1.50
C TYR A 17 7.24 2.93 0.28
N GLY A 18 7.31 3.56 -0.88
CA GLY A 18 7.56 2.83 -2.12
C GLY A 18 7.21 3.63 -3.35
N PRO A 19 7.50 3.05 -4.53
CA PRO A 19 7.22 3.70 -5.81
C PRO A 19 5.72 3.78 -6.11
N GLY A 20 5.02 2.69 -5.85
CA GLY A 20 3.59 2.66 -6.09
C GLY A 20 2.83 3.66 -5.25
N LEU A 21 3.34 3.94 -4.06
CA LEU A 21 2.71 4.89 -3.16
C LEU A 21 2.89 6.33 -3.65
N SER A 22 4.06 6.61 -4.19
CA SER A 22 4.36 7.94 -4.71
C SER A 22 3.67 8.17 -6.05
N HIS A 23 3.70 7.15 -6.90
CA HIS A 23 3.07 7.24 -8.21
C HIS A 23 3.09 5.89 -8.92
N GLY A 24 2.52 5.84 -10.12
CA GLY A 24 2.48 4.60 -10.87
C GLY A 24 1.79 4.76 -12.21
N MET A 25 1.49 3.64 -12.87
CA MET A 25 0.83 3.67 -14.17
C MET A 25 -0.23 2.58 -14.25
N VAL A 26 -1.24 2.81 -15.09
CA VAL A 26 -2.33 1.85 -15.26
C VAL A 26 -1.80 0.53 -15.79
N ASN A 27 -2.45 -0.57 -15.38
CA ASN A 27 -2.05 -1.90 -15.82
C ASN A 27 -0.71 -2.30 -15.22
N LYS A 28 -0.38 -1.69 -14.07
CA LYS A 28 0.88 -1.98 -13.39
C LYS A 28 0.67 -2.05 -11.88
N PRO A 29 1.01 -3.20 -11.28
CA PRO A 29 0.87 -3.41 -9.84
C PRO A 29 1.86 -2.60 -9.04
N ALA A 30 1.39 -1.51 -8.44
CA ALA A 30 2.24 -0.64 -7.63
C ALA A 30 2.69 -1.35 -6.36
N THR A 31 3.97 -1.69 -6.29
CA THR A 31 4.53 -2.38 -5.13
C THR A 31 5.13 -1.37 -4.14
N PHE A 32 4.92 -1.64 -2.85
CA PHE A 32 5.43 -0.75 -1.81
C PHE A 32 5.66 -1.53 -0.51
N THR A 33 6.47 -0.96 0.38
CA THR A 33 6.77 -1.59 1.65
C THR A 33 6.03 -0.92 2.79
N ILE A 34 5.53 -1.72 3.72
CA ILE A 34 4.81 -1.20 4.88
C ILE A 34 5.56 -1.46 6.17
N VAL A 35 5.99 -0.38 6.83
CA VAL A 35 6.72 -0.49 8.09
C VAL A 35 5.83 -1.01 9.20
N THR A 36 5.88 -2.32 9.44
CA THR A 36 5.08 -2.94 10.49
C THR A 36 5.95 -3.77 11.42
N LYS A 37 7.18 -3.31 11.65
CA LYS A 37 8.10 -4.01 12.53
C LYS A 37 7.79 -3.70 13.99
N ASP A 38 7.80 -2.41 14.34
CA ASP A 38 7.52 -1.99 15.70
C ASP A 38 6.04 -2.09 16.01
N ALA A 39 5.21 -1.62 15.09
CA ALA A 39 3.76 -1.66 15.26
C ALA A 39 3.33 -2.94 15.97
N GLY A 40 3.98 -4.05 15.62
CA GLY A 40 3.66 -5.32 16.24
C GLY A 40 2.30 -5.85 15.79
N GLU A 41 2.21 -7.16 15.57
CA GLU A 41 0.97 -7.77 15.14
C GLU A 41 -0.23 -7.08 15.78
N GLY A 42 -1.18 -6.65 14.94
CA GLY A 42 -2.36 -5.98 15.44
C GLY A 42 -3.54 -6.10 14.49
N GLY A 43 -4.13 -4.96 14.15
CA GLY A 43 -5.27 -4.97 13.25
C GLY A 43 -5.16 -3.93 12.16
N LEU A 44 -4.21 -4.13 11.25
CA LEU A 44 -3.99 -3.19 10.14
C LEU A 44 -5.10 -3.32 9.10
N SER A 45 -5.42 -2.21 8.45
CA SER A 45 -6.46 -2.20 7.42
C SER A 45 -5.92 -1.64 6.10
N LEU A 46 -6.19 -2.34 5.01
CA LEU A 46 -5.74 -1.90 3.69
C LEU A 46 -6.92 -1.74 2.74
N ALA A 47 -6.98 -0.58 2.09
CA ALA A 47 -8.05 -0.30 1.14
C ALA A 47 -7.65 0.81 0.17
N VAL A 48 -7.95 0.60 -1.11
CA VAL A 48 -7.62 1.58 -2.14
C VAL A 48 -8.88 2.19 -2.74
N GLU A 49 -8.96 3.52 -2.70
CA GLU A 49 -10.11 4.23 -3.24
C GLU A 49 -9.68 5.25 -4.29
N GLY A 50 -9.91 4.92 -5.56
CA GLY A 50 -9.53 5.81 -6.64
C GLY A 50 -10.52 5.78 -7.78
N PRO A 51 -10.03 6.05 -9.00
CA PRO A 51 -10.87 6.05 -10.21
C PRO A 51 -11.33 4.66 -10.60
N SER A 52 -10.89 3.66 -9.85
CA SER A 52 -11.25 2.27 -10.12
C SER A 52 -10.76 1.35 -9.01
N LYS A 53 -11.54 0.33 -8.71
CA LYS A 53 -11.18 -0.62 -7.66
C LYS A 53 -9.97 -1.46 -8.08
N ALA A 54 -8.85 -1.23 -7.40
CA ALA A 54 -7.63 -1.96 -7.69
C ALA A 54 -7.39 -3.07 -6.67
N GLU A 55 -7.25 -4.30 -7.17
CA GLU A 55 -7.02 -5.45 -6.30
C GLU A 55 -5.74 -5.25 -5.48
N ILE A 56 -5.87 -5.39 -4.16
CA ILE A 56 -4.74 -5.24 -3.26
C ILE A 56 -4.28 -6.58 -2.71
N THR A 57 -3.01 -6.90 -2.93
CA THR A 57 -2.44 -8.16 -2.46
C THR A 57 -1.94 -8.04 -1.03
N CYS A 58 -1.40 -9.13 -0.50
CA CYS A 58 -0.87 -9.14 0.86
C CYS A 58 0.10 -10.30 1.06
N LYS A 59 1.34 -9.96 1.42
CA LYS A 59 2.36 -10.97 1.64
C LYS A 59 2.95 -10.86 3.05
N ASP A 60 3.42 -11.98 3.58
CA ASP A 60 4.00 -12.00 4.91
C ASP A 60 5.51 -12.22 4.84
N ASN A 61 6.27 -11.25 5.36
CA ASN A 61 7.72 -11.33 5.35
C ASN A 61 8.24 -12.01 6.62
N LYS A 62 7.51 -11.82 7.72
CA LYS A 62 7.89 -12.41 8.99
C LYS A 62 9.24 -11.88 9.47
N ASP A 63 9.53 -10.63 9.13
CA ASP A 63 10.79 -10.00 9.51
C ASP A 63 10.54 -8.64 10.16
N GLY A 64 9.45 -7.99 9.76
CA GLY A 64 9.12 -6.69 10.30
C GLY A 64 8.58 -5.73 9.25
N THR A 65 7.91 -6.29 8.24
CA THR A 65 7.34 -5.48 7.16
C THR A 65 6.25 -6.25 6.43
N CYS A 66 5.54 -5.54 5.55
CA CYS A 66 4.46 -6.15 4.78
C CYS A 66 4.53 -5.73 3.31
N THR A 67 4.59 -6.70 2.43
CA THR A 67 4.66 -6.43 1.00
C THR A 67 3.27 -6.44 0.36
N VAL A 68 2.90 -5.33 -0.26
CA VAL A 68 1.59 -5.21 -0.91
C VAL A 68 1.73 -4.62 -2.31
N SER A 69 0.77 -4.94 -3.17
CA SER A 69 0.78 -4.45 -4.54
C SER A 69 -0.64 -4.24 -5.06
N TYR A 70 -0.90 -3.04 -5.59
CA TYR A 70 -2.22 -2.72 -6.11
C TYR A 70 -2.16 -2.46 -7.61
N LEU A 71 -3.03 -3.12 -8.36
CA LEU A 71 -3.09 -2.95 -9.80
C LEU A 71 -4.27 -2.09 -10.22
N PRO A 72 -4.00 -0.83 -10.56
CA PRO A 72 -5.03 0.12 -10.99
C PRO A 72 -5.62 -0.23 -12.35
N THR A 73 -6.80 0.30 -12.63
CA THR A 73 -7.47 0.04 -13.91
C THR A 73 -7.59 1.33 -14.73
N ALA A 74 -7.67 2.46 -14.05
CA ALA A 74 -7.79 3.74 -14.71
C ALA A 74 -6.85 4.78 -14.10
N PRO A 75 -6.35 5.70 -14.93
CA PRO A 75 -5.43 6.76 -14.49
C PRO A 75 -6.12 7.78 -13.59
N GLY A 76 -5.41 8.22 -12.55
CA GLY A 76 -5.97 9.20 -11.63
C GLY A 76 -5.26 9.20 -10.29
N ASP A 77 -5.95 9.70 -9.27
CA ASP A 77 -5.39 9.75 -7.92
C ASP A 77 -6.01 8.68 -7.03
N TYR A 78 -5.22 7.68 -6.65
CA TYR A 78 -5.70 6.60 -5.81
C TYR A 78 -5.45 6.92 -4.34
N SER A 79 -6.40 6.52 -3.49
CA SER A 79 -6.30 6.77 -2.06
C SER A 79 -5.99 5.47 -1.31
N ILE A 80 -4.85 5.45 -0.62
CA ILE A 80 -4.44 4.27 0.14
C ILE A 80 -4.63 4.50 1.64
N ILE A 81 -5.74 4.03 2.18
CA ILE A 81 -6.04 4.18 3.60
C ILE A 81 -5.40 3.06 4.41
N VAL A 82 -4.66 3.44 5.45
CA VAL A 82 -4.00 2.47 6.30
C VAL A 82 -4.26 2.76 7.78
N ARG A 83 -5.11 1.94 8.39
CA ARG A 83 -5.45 2.11 9.80
C ARG A 83 -4.81 1.02 10.66
N PHE A 84 -4.53 1.35 11.91
CA PHE A 84 -3.92 0.39 12.83
C PHE A 84 -4.61 0.42 14.18
N ASP A 85 -5.62 -0.43 14.34
CA ASP A 85 -6.37 -0.51 15.60
C ASP A 85 -7.26 0.71 15.77
N ASP A 86 -7.97 1.08 14.71
CA ASP A 86 -8.87 2.22 14.73
C ASP A 86 -8.08 3.52 14.89
N LYS A 87 -6.90 3.57 14.28
CA LYS A 87 -6.04 4.75 14.34
C LYS A 87 -5.31 4.97 13.02
N HIS A 88 -5.66 6.06 12.34
CA HIS A 88 -5.04 6.39 11.07
C HIS A 88 -3.56 6.74 11.25
N ILE A 89 -2.71 6.17 10.40
CA ILE A 89 -1.28 6.42 10.47
C ILE A 89 -0.93 7.81 9.95
N PRO A 90 0.18 8.37 10.44
CA PRO A 90 0.64 9.70 10.03
C PRO A 90 1.15 9.73 8.60
N GLY A 91 0.23 9.95 7.66
CA GLY A 91 0.60 10.00 6.25
C GLY A 91 -0.47 9.43 5.35
N SER A 92 -1.40 8.69 5.94
CA SER A 92 -2.48 8.08 5.18
C SER A 92 -3.79 8.84 5.39
N PRO A 93 -4.70 8.73 4.40
CA PRO A 93 -4.47 7.93 3.20
C PRO A 93 -3.41 8.54 2.28
N PHE A 94 -2.58 7.69 1.70
CA PHE A 94 -1.52 8.15 0.80
C PHE A 94 -2.04 8.26 -0.63
N THR A 95 -2.23 9.49 -1.09
CA THR A 95 -2.72 9.73 -2.45
C THR A 95 -1.65 9.41 -3.49
N ALA A 96 -1.83 8.30 -4.18
CA ALA A 96 -0.88 7.88 -5.21
C ALA A 96 -1.37 8.27 -6.60
N LYS A 97 -0.46 8.79 -7.42
CA LYS A 97 -0.79 9.21 -8.76
C LYS A 97 -0.56 8.08 -9.76
N ILE A 98 -1.55 7.84 -10.62
CA ILE A 98 -1.45 6.78 -11.62
C ILE A 98 -1.74 7.31 -13.01
N THR A 99 -0.74 7.25 -13.89
CA THR A 99 -0.89 7.72 -15.26
C THR A 99 -1.33 6.60 -16.19
N GLY A 100 -1.91 6.97 -17.32
CA GLY A 100 -2.37 5.98 -18.28
C GLY A 100 -2.84 6.60 -19.58
N ASP A 101 -4.08 6.32 -19.95
CA ASP A 101 -4.66 6.86 -21.18
C ASP A 101 -5.74 7.89 -20.87
N ASP A 102 -6.10 8.68 -21.88
CA ASP A 102 -7.13 9.70 -21.71
C ASP A 102 -8.52 9.09 -21.84
N SER A 103 -8.72 7.94 -21.21
CA SER A 103 -10.01 7.26 -21.26
C SER A 103 -10.63 7.35 -22.65
N MET A 104 -9.80 7.18 -23.68
CA MET A 104 -10.27 7.25 -25.05
C MET A 104 -11.68 6.68 -25.18
N ARG A 105 -12.41 7.15 -26.18
CA ARG A 105 -13.78 6.70 -26.40
C ARG A 105 -13.80 5.51 -27.37
N SER A 106 -14.84 4.70 -27.27
CA SER A 106 -14.98 3.53 -28.13
C SER A 106 -16.44 3.31 -28.53
N GLY A 107 -16.64 2.67 -29.68
CA GLY A 107 -17.98 2.41 -30.14
C GLY A 107 -18.24 2.99 -31.52
N PRO A 108 -17.78 2.28 -32.57
CA PRO A 108 -17.95 2.72 -33.96
C PRO A 108 -19.40 2.64 -34.42
N SER A 109 -19.71 3.36 -35.49
CA SER A 109 -21.07 3.37 -36.02
C SER A 109 -21.22 2.33 -37.13
N SER A 110 -22.17 1.41 -36.94
CA SER A 110 -22.41 0.36 -37.92
C SER A 110 -23.28 0.86 -39.07
N GLY A 111 -23.17 0.21 -40.22
CA GLY A 111 -23.95 0.61 -41.37
C GLY A 111 -25.34 -0.01 -41.37
N GLY A 1 7.06 -12.68 30.31
CA GLY A 1 7.00 -11.36 29.72
C GLY A 1 7.32 -11.38 28.24
N SER A 2 6.55 -12.15 27.47
CA SER A 2 6.76 -12.25 26.03
C SER A 2 7.05 -10.89 25.42
N SER A 3 8.31 -10.64 25.08
CA SER A 3 8.71 -9.37 24.49
C SER A 3 8.02 -8.21 25.19
N GLY A 4 7.94 -8.28 26.51
CA GLY A 4 7.30 -7.22 27.28
C GLY A 4 8.11 -5.94 27.28
N SER A 5 9.13 -5.89 28.13
CA SER A 5 9.98 -4.70 28.24
C SER A 5 11.13 -4.78 27.25
N SER A 6 11.63 -3.60 26.85
CA SER A 6 12.73 -3.53 25.90
C SER A 6 13.50 -2.22 26.04
N GLY A 7 14.78 -2.25 25.70
CA GLY A 7 15.61 -1.06 25.81
C GLY A 7 15.24 -0.02 24.78
N ALA A 8 15.01 -0.46 23.55
CA ALA A 8 14.65 0.45 22.46
C ALA A 8 13.78 1.59 22.97
N ILE A 9 13.86 2.74 22.29
CA ILE A 9 13.08 3.90 22.67
C ILE A 9 11.66 3.83 22.11
N ASN A 10 11.57 3.83 20.78
CA ASN A 10 10.27 3.77 20.10
C ASN A 10 9.47 2.56 20.59
N SER A 11 8.16 2.65 20.45
CA SER A 11 7.27 1.56 20.87
C SER A 11 6.29 1.19 19.77
N ARG A 12 5.42 2.14 19.41
CA ARG A 12 4.43 1.91 18.36
C ARG A 12 4.48 3.03 17.32
N HIS A 13 4.60 2.65 16.05
CA HIS A 13 4.65 3.61 14.96
C HIS A 13 4.55 2.91 13.61
N VAL A 14 3.93 3.59 12.65
CA VAL A 14 3.76 3.03 11.31
C VAL A 14 4.20 4.03 10.24
N SER A 15 4.96 3.55 9.27
CA SER A 15 5.45 4.39 8.19
C SER A 15 5.56 3.61 6.88
N ALA A 16 4.81 4.05 5.87
CA ALA A 16 4.83 3.40 4.57
C ALA A 16 5.61 4.20 3.55
N TYR A 17 6.32 3.51 2.66
CA TYR A 17 7.13 4.16 1.64
C TYR A 17 7.33 3.24 0.45
N GLY A 18 7.38 3.82 -0.74
CA GLY A 18 7.58 3.04 -1.95
C GLY A 18 7.18 3.79 -3.20
N PRO A 19 7.48 3.20 -4.37
CA PRO A 19 7.16 3.81 -5.67
C PRO A 19 5.65 3.82 -5.95
N GLY A 20 5.00 2.69 -5.70
CA GLY A 20 3.57 2.60 -5.93
C GLY A 20 2.79 3.58 -5.09
N LEU A 21 3.35 3.97 -3.95
CA LEU A 21 2.70 4.91 -3.05
C LEU A 21 2.83 6.34 -3.57
N SER A 22 3.97 6.63 -4.18
CA SER A 22 4.23 7.96 -4.72
C SER A 22 3.53 8.15 -6.07
N HIS A 23 3.58 7.11 -6.90
CA HIS A 23 2.94 7.16 -8.21
C HIS A 23 2.96 5.79 -8.87
N GLY A 24 2.40 5.70 -10.08
CA GLY A 24 2.36 4.45 -10.79
C GLY A 24 1.71 4.57 -12.15
N MET A 25 1.56 3.45 -12.85
CA MET A 25 0.95 3.44 -14.17
C MET A 25 -0.15 2.38 -14.25
N VAL A 26 -1.19 2.66 -15.03
CA VAL A 26 -2.30 1.74 -15.21
C VAL A 26 -1.81 0.37 -15.65
N ASN A 27 -2.50 -0.68 -15.22
CA ASN A 27 -2.14 -2.04 -15.57
C ASN A 27 -0.77 -2.40 -15.01
N LYS A 28 -0.44 -1.83 -13.85
CA LYS A 28 0.84 -2.10 -13.21
C LYS A 28 0.69 -2.15 -11.68
N PRO A 29 1.11 -3.28 -11.09
CA PRO A 29 1.02 -3.49 -9.64
C PRO A 29 2.00 -2.59 -8.88
N ALA A 30 1.46 -1.58 -8.20
CA ALA A 30 2.27 -0.66 -7.42
C ALA A 30 2.75 -1.31 -6.12
N THR A 31 4.02 -1.67 -6.06
CA THR A 31 4.60 -2.29 -4.88
C THR A 31 5.21 -1.25 -3.95
N PHE A 32 5.04 -1.45 -2.65
CA PHE A 32 5.57 -0.53 -1.66
C PHE A 32 5.88 -1.26 -0.35
N THR A 33 6.53 -0.56 0.58
CA THR A 33 6.88 -1.13 1.87
C THR A 33 6.00 -0.57 2.98
N ILE A 34 5.64 -1.43 3.93
CA ILE A 34 4.80 -1.02 5.05
C ILE A 34 5.39 -1.48 6.37
N VAL A 35 5.93 -0.54 7.13
CA VAL A 35 6.54 -0.85 8.43
C VAL A 35 5.47 -1.26 9.44
N THR A 36 5.44 -2.54 9.77
CA THR A 36 4.46 -3.06 10.73
C THR A 36 5.16 -3.66 11.94
N LYS A 37 6.43 -4.00 11.78
CA LYS A 37 7.21 -4.58 12.87
C LYS A 37 7.21 -3.66 14.09
N ASP A 38 7.52 -2.38 13.86
CA ASP A 38 7.55 -1.40 14.95
C ASP A 38 6.22 -1.38 15.70
N ALA A 39 5.13 -1.40 14.95
CA ALA A 39 3.80 -1.39 15.55
C ALA A 39 3.65 -2.48 16.60
N GLY A 40 3.93 -3.72 16.19
CA GLY A 40 3.81 -4.84 17.11
C GLY A 40 2.63 -5.73 16.79
N GLU A 41 1.63 -5.70 17.65
CA GLU A 41 0.43 -6.52 17.46
C GLU A 41 -0.82 -5.65 17.37
N GLY A 42 -1.62 -5.86 16.34
CA GLY A 42 -2.82 -5.09 16.15
C GLY A 42 -3.68 -5.61 15.01
N GLY A 43 -4.25 -4.69 14.23
CA GLY A 43 -5.08 -5.08 13.12
C GLY A 43 -5.03 -4.08 11.98
N LEU A 44 -3.87 -3.97 11.34
CA LEU A 44 -3.68 -3.05 10.22
C LEU A 44 -4.59 -3.43 9.05
N SER A 45 -5.29 -2.44 8.51
CA SER A 45 -6.19 -2.68 7.38
C SER A 45 -5.66 -1.99 6.13
N LEU A 46 -6.13 -2.45 4.96
CA LEU A 46 -5.72 -1.88 3.69
C LEU A 46 -6.91 -1.62 2.78
N ALA A 47 -6.97 -0.44 2.20
CA ALA A 47 -8.07 -0.08 1.30
C ALA A 47 -7.61 0.98 0.29
N VAL A 48 -8.37 1.09 -0.80
CA VAL A 48 -8.06 2.05 -1.85
C VAL A 48 -9.32 2.71 -2.40
N GLU A 49 -9.29 4.02 -2.54
CA GLU A 49 -10.43 4.77 -3.05
C GLU A 49 -10.01 5.73 -4.16
N GLY A 50 -10.35 5.37 -5.40
CA GLY A 50 -10.00 6.22 -6.53
C GLY A 50 -10.94 6.06 -7.70
N PRO A 51 -10.43 6.27 -8.92
CA PRO A 51 -11.23 6.15 -10.15
C PRO A 51 -11.61 4.71 -10.44
N SER A 52 -11.08 3.78 -9.66
CA SER A 52 -11.36 2.36 -9.85
C SER A 52 -10.83 1.54 -8.68
N LYS A 53 -11.53 0.46 -8.36
CA LYS A 53 -11.13 -0.42 -7.26
C LYS A 53 -9.96 -1.32 -7.68
N ALA A 54 -8.77 -0.98 -7.18
CA ALA A 54 -7.58 -1.76 -7.50
C ALA A 54 -7.33 -2.84 -6.45
N GLU A 55 -7.28 -4.09 -6.90
CA GLU A 55 -7.05 -5.22 -5.99
C GLU A 55 -5.69 -5.09 -5.31
N ILE A 56 -5.68 -5.25 -3.99
CA ILE A 56 -4.44 -5.16 -3.23
C ILE A 56 -4.02 -6.54 -2.71
N THR A 57 -2.75 -6.87 -2.88
CA THR A 57 -2.22 -8.14 -2.44
C THR A 57 -1.34 -7.98 -1.20
N CYS A 58 -1.45 -8.91 -0.26
CA CYS A 58 -0.67 -8.86 0.96
C CYS A 58 0.29 -10.05 1.05
N LYS A 59 1.54 -9.77 1.40
CA LYS A 59 2.55 -10.81 1.51
C LYS A 59 3.11 -10.88 2.93
N ASP A 60 3.51 -12.07 3.35
CA ASP A 60 4.07 -12.27 4.68
C ASP A 60 5.57 -12.53 4.62
N ASN A 61 6.35 -11.52 4.99
CA ASN A 61 7.80 -11.64 4.98
C ASN A 61 8.31 -12.43 6.18
N LYS A 62 7.57 -12.34 7.28
CA LYS A 62 7.93 -13.05 8.50
C LYS A 62 9.31 -12.60 9.01
N ASP A 63 9.62 -11.34 8.78
CA ASP A 63 10.90 -10.78 9.20
C ASP A 63 10.69 -9.49 10.00
N GLY A 64 9.84 -8.62 9.49
CA GLY A 64 9.57 -7.36 10.16
C GLY A 64 9.03 -6.30 9.21
N THR A 65 8.27 -6.73 8.22
CA THR A 65 7.70 -5.81 7.24
C THR A 65 6.49 -6.44 6.54
N CYS A 66 5.94 -5.72 5.56
CA CYS A 66 4.80 -6.20 4.82
C CYS A 66 4.82 -5.70 3.38
N THR A 67 4.87 -6.62 2.42
CA THR A 67 4.90 -6.27 1.01
C THR A 67 3.50 -6.26 0.41
N VAL A 68 3.06 -5.08 -0.02
CA VAL A 68 1.74 -4.93 -0.61
C VAL A 68 1.82 -4.39 -2.03
N SER A 69 0.89 -4.80 -2.88
CA SER A 69 0.86 -4.36 -4.27
C SER A 69 -0.57 -4.22 -4.77
N TYR A 70 -0.84 -3.11 -5.44
CA TYR A 70 -2.17 -2.84 -5.98
C TYR A 70 -2.12 -2.63 -7.49
N LEU A 71 -3.02 -3.29 -8.20
CA LEU A 71 -3.08 -3.17 -9.66
C LEU A 71 -4.29 -2.34 -10.09
N PRO A 72 -4.04 -1.05 -10.38
CA PRO A 72 -5.09 -0.12 -10.81
C PRO A 72 -5.61 -0.44 -12.20
N THR A 73 -6.78 0.11 -12.54
CA THR A 73 -7.39 -0.12 -13.84
C THR A 73 -7.64 1.20 -14.57
N ALA A 74 -7.77 2.27 -13.81
CA ALA A 74 -8.00 3.59 -14.39
C ALA A 74 -7.04 4.62 -13.80
N PRO A 75 -6.59 5.55 -14.67
CA PRO A 75 -5.66 6.61 -14.27
C PRO A 75 -6.30 7.63 -13.35
N GLY A 76 -5.51 8.18 -12.42
CA GLY A 76 -6.03 9.17 -11.50
C GLY A 76 -5.31 9.14 -10.17
N ASP A 77 -5.86 9.87 -9.19
CA ASP A 77 -5.26 9.93 -7.86
C ASP A 77 -5.87 8.87 -6.94
N TYR A 78 -5.11 7.82 -6.66
CA TYR A 78 -5.58 6.75 -5.79
C TYR A 78 -5.34 7.08 -4.33
N SER A 79 -6.32 6.77 -3.50
CA SER A 79 -6.23 7.04 -2.06
C SER A 79 -6.04 5.75 -1.28
N ILE A 80 -4.79 5.46 -0.93
CA ILE A 80 -4.46 4.26 -0.18
C ILE A 80 -4.72 4.45 1.31
N ILE A 81 -5.88 3.96 1.77
CA ILE A 81 -6.24 4.08 3.17
C ILE A 81 -5.61 2.97 4.01
N VAL A 82 -4.86 3.37 5.03
CA VAL A 82 -4.20 2.41 5.91
C VAL A 82 -4.44 2.74 7.37
N ARG A 83 -5.37 2.01 7.99
CA ARG A 83 -5.70 2.23 9.40
C ARG A 83 -5.09 1.14 10.28
N PHE A 84 -4.86 1.47 11.54
CA PHE A 84 -4.28 0.51 12.49
C PHE A 84 -5.03 0.55 13.82
N ASP A 85 -5.87 -0.47 14.04
CA ASP A 85 -6.64 -0.56 15.26
C ASP A 85 -7.62 0.60 15.38
N ASP A 86 -8.24 0.97 14.26
CA ASP A 86 -9.20 2.07 14.24
C ASP A 86 -8.48 3.41 14.38
N LYS A 87 -7.29 3.51 13.79
CA LYS A 87 -6.52 4.74 13.84
C LYS A 87 -5.73 4.94 12.55
N HIS A 88 -6.01 6.04 11.85
CA HIS A 88 -5.33 6.35 10.60
C HIS A 88 -3.84 6.58 10.84
N ILE A 89 -3.02 5.99 9.98
CA ILE A 89 -1.57 6.13 10.10
C ILE A 89 -1.11 7.50 9.62
N PRO A 90 0.03 7.97 10.16
CA PRO A 90 0.60 9.26 9.80
C PRO A 90 1.16 9.28 8.39
N GLY A 91 0.28 9.46 7.41
CA GLY A 91 0.70 9.50 6.02
C GLY A 91 -0.38 9.02 5.07
N SER A 92 -1.43 8.43 5.63
CA SER A 92 -2.54 7.92 4.82
C SER A 92 -3.79 8.77 5.02
N PRO A 93 -4.67 8.77 4.01
CA PRO A 93 -4.46 8.01 2.77
C PRO A 93 -3.34 8.58 1.92
N PHE A 94 -2.53 7.69 1.34
CA PHE A 94 -1.42 8.12 0.49
C PHE A 94 -1.88 8.35 -0.93
N THR A 95 -1.97 9.61 -1.33
CA THR A 95 -2.40 9.97 -2.68
C THR A 95 -1.35 9.58 -3.71
N ALA A 96 -1.62 8.51 -4.45
CA ALA A 96 -0.70 8.03 -5.48
C ALA A 96 -1.18 8.40 -6.87
N LYS A 97 -0.28 8.93 -7.69
CA LYS A 97 -0.63 9.32 -9.05
C LYS A 97 -0.47 8.15 -10.01
N ILE A 98 -1.58 7.76 -10.64
CA ILE A 98 -1.56 6.65 -11.59
C ILE A 98 -1.92 7.12 -12.99
N THR A 99 -0.98 6.97 -13.92
CA THR A 99 -1.19 7.37 -15.30
C THR A 99 -1.84 6.26 -16.11
N GLY A 100 -2.16 6.56 -17.36
CA GLY A 100 -2.79 5.57 -18.23
C GLY A 100 -2.79 6.00 -19.68
N ASP A 101 -2.44 5.07 -20.57
CA ASP A 101 -2.41 5.36 -22.00
C ASP A 101 -3.81 5.32 -22.59
N ASP A 102 -4.44 4.15 -22.57
CA ASP A 102 -5.78 3.99 -23.11
C ASP A 102 -6.48 2.79 -22.47
N SER A 103 -7.77 2.65 -22.74
CA SER A 103 -8.56 1.56 -22.19
C SER A 103 -8.75 0.45 -23.22
N MET A 104 -7.69 0.18 -23.98
CA MET A 104 -7.75 -0.86 -25.01
C MET A 104 -8.85 -0.57 -26.02
N ARG A 105 -9.03 0.71 -26.33
CA ARG A 105 -10.05 1.13 -27.29
C ARG A 105 -11.28 0.23 -27.20
N SER A 106 -11.67 -0.11 -25.97
CA SER A 106 -12.83 -0.97 -25.75
C SER A 106 -13.91 -0.70 -26.78
N GLY A 107 -14.34 -1.75 -27.48
CA GLY A 107 -15.37 -1.59 -28.49
C GLY A 107 -15.61 -2.87 -29.27
N PRO A 108 -16.43 -3.77 -28.71
CA PRO A 108 -16.76 -5.05 -29.35
C PRO A 108 -17.63 -4.88 -30.58
N SER A 109 -17.53 -5.82 -31.51
CA SER A 109 -18.30 -5.78 -32.74
C SER A 109 -18.40 -7.17 -33.37
N SER A 110 -19.29 -7.30 -34.34
CA SER A 110 -19.50 -8.57 -35.03
C SER A 110 -18.66 -8.64 -36.30
N GLY A 111 -17.94 -9.75 -36.47
CA GLY A 111 -17.11 -9.92 -37.64
C GLY A 111 -17.73 -10.85 -38.67
#